data_2CSI
#
_entry.id   2CSI
#
_entity_poly.entity_id   1
_entity_poly.type   'polypeptide(L)'
_entity_poly.pdbx_seq_one_letter_code
;GSSGSSGRRMVALYDYDPRESSPNVDVEAELTFCTGDIITVFGEIDEDGFYYGELNGQKGLVPSNFLEEVSGPSSG
;
_entity_poly.pdbx_strand_id   A
#
# COMPACT_ATOMS: atom_id res chain seq x y z
N GLY A 1 9.75 26.75 1.94
CA GLY A 1 10.09 25.35 1.79
C GLY A 1 9.10 24.43 2.49
N SER A 2 7.86 24.42 2.02
CA SER A 2 6.83 23.59 2.61
C SER A 2 7.00 22.12 2.20
N SER A 3 6.89 21.23 3.18
CA SER A 3 7.03 19.80 2.92
C SER A 3 5.67 19.13 2.77
N GLY A 4 4.83 19.30 3.79
CA GLY A 4 3.50 18.71 3.75
C GLY A 4 3.54 17.19 3.79
N SER A 5 3.29 16.62 4.97
CA SER A 5 3.30 15.17 5.13
C SER A 5 2.04 14.54 4.55
N SER A 6 2.17 13.96 3.37
CA SER A 6 1.03 13.33 2.71
C SER A 6 1.12 11.81 2.79
N GLY A 7 0.03 11.17 3.19
CA GLY A 7 0.01 9.73 3.31
C GLY A 7 1.15 9.20 4.15
N ARG A 8 1.17 7.88 4.37
CA ARG A 8 2.22 7.26 5.17
C ARG A 8 2.94 6.18 4.36
N ARG A 9 4.26 6.15 4.48
CA ARG A 9 5.08 5.17 3.77
C ARG A 9 5.09 3.84 4.51
N MET A 10 4.57 2.80 3.88
CA MET A 10 4.53 1.47 4.47
C MET A 10 5.55 0.55 3.83
N VAL A 11 6.09 -0.37 4.61
CA VAL A 11 7.09 -1.32 4.12
C VAL A 11 6.48 -2.70 3.89
N ALA A 12 6.44 -3.13 2.64
CA ALA A 12 5.89 -4.43 2.30
C ALA A 12 6.51 -5.54 3.15
N LEU A 13 5.74 -6.04 4.10
CA LEU A 13 6.22 -7.10 4.99
C LEU A 13 6.39 -8.41 4.23
N TYR A 14 5.53 -8.62 3.23
CA TYR A 14 5.58 -9.83 2.42
C TYR A 14 5.14 -9.55 0.98
N ASP A 15 5.94 -10.03 0.03
CA ASP A 15 5.64 -9.82 -1.38
C ASP A 15 4.17 -10.10 -1.67
N TYR A 16 3.54 -9.22 -2.43
CA TYR A 16 2.13 -9.37 -2.78
C TYR A 16 1.96 -9.64 -4.28
N ASP A 17 0.84 -10.25 -4.64
CA ASP A 17 0.55 -10.56 -6.04
C ASP A 17 -0.95 -10.72 -6.26
N PRO A 18 -1.56 -9.71 -6.90
CA PRO A 18 -2.99 -9.70 -7.19
C PRO A 18 -3.37 -10.72 -8.25
N ARG A 19 -2.38 -11.50 -8.71
CA ARG A 19 -2.61 -12.52 -9.72
C ARG A 19 -2.84 -13.88 -9.08
N GLU A 20 -2.54 -13.98 -7.78
CA GLU A 20 -2.72 -15.23 -7.06
C GLU A 20 -3.57 -15.02 -5.80
N SER A 21 -3.11 -14.10 -4.95
CA SER A 21 -3.82 -13.80 -3.71
C SER A 21 -5.21 -13.24 -4.00
N SER A 22 -5.25 -12.18 -4.80
CA SER A 22 -6.51 -11.54 -5.16
C SER A 22 -7.36 -12.46 -6.03
N PRO A 23 -8.68 -12.43 -5.82
CA PRO A 23 -9.63 -13.26 -6.58
C PRO A 23 -9.76 -12.80 -8.02
N ASN A 24 -8.92 -11.85 -8.42
CA ASN A 24 -8.95 -11.33 -9.78
C ASN A 24 -10.13 -10.39 -9.98
N VAL A 25 -10.27 -9.42 -9.08
CA VAL A 25 -11.36 -8.46 -9.16
C VAL A 25 -10.84 -7.06 -9.47
N ASP A 26 -10.77 -6.73 -10.75
CA ASP A 26 -10.29 -5.42 -11.18
C ASP A 26 -8.84 -5.22 -10.78
N VAL A 27 -8.11 -6.33 -10.62
CA VAL A 27 -6.70 -6.26 -10.24
C VAL A 27 -5.94 -5.23 -11.06
N GLU A 28 -6.43 -4.97 -12.27
CA GLU A 28 -5.80 -4.00 -13.15
C GLU A 28 -5.48 -2.71 -12.40
N ALA A 29 -6.18 -2.48 -11.30
CA ALA A 29 -5.98 -1.29 -10.49
C ALA A 29 -5.05 -1.58 -9.32
N GLU A 30 -5.17 -2.78 -8.75
CA GLU A 30 -4.34 -3.18 -7.62
C GLU A 30 -2.86 -3.01 -7.95
N LEU A 31 -2.06 -2.79 -6.91
CA LEU A 31 -0.62 -2.62 -7.09
C LEU A 31 0.13 -3.91 -6.77
N THR A 32 1.19 -4.18 -7.53
CA THR A 32 1.99 -5.38 -7.33
C THR A 32 3.36 -5.04 -6.77
N PHE A 33 3.48 -5.08 -5.45
CA PHE A 33 4.74 -4.79 -4.78
C PHE A 33 5.41 -6.06 -4.27
N CYS A 34 6.62 -5.91 -3.73
CA CYS A 34 7.36 -7.05 -3.21
C CYS A 34 7.83 -6.78 -1.78
N THR A 35 8.35 -7.81 -1.13
CA THR A 35 8.83 -7.69 0.24
C THR A 35 9.87 -6.59 0.36
N GLY A 36 9.51 -5.52 1.07
CA GLY A 36 10.43 -4.40 1.25
C GLY A 36 10.00 -3.17 0.49
N ASP A 37 9.33 -3.38 -0.65
CA ASP A 37 8.86 -2.27 -1.46
C ASP A 37 8.04 -1.28 -0.63
N ILE A 38 8.47 -0.03 -0.61
CA ILE A 38 7.78 1.00 0.16
C ILE A 38 6.61 1.58 -0.64
N ILE A 39 5.45 1.64 -0.01
CA ILE A 39 4.25 2.17 -0.66
C ILE A 39 3.61 3.26 0.18
N THR A 40 3.35 4.41 -0.44
CA THR A 40 2.73 5.54 0.25
C THR A 40 1.22 5.45 0.18
N VAL A 41 0.60 5.02 1.29
CA VAL A 41 -0.85 4.89 1.36
C VAL A 41 -1.49 6.22 1.77
N PHE A 42 -2.71 6.44 1.32
CA PHE A 42 -3.44 7.67 1.63
C PHE A 42 -4.84 7.35 2.17
N GLY A 43 -5.14 7.87 3.34
CA GLY A 43 -6.45 7.63 3.94
C GLY A 43 -6.50 6.32 4.71
N GLU A 44 -7.64 6.06 5.36
CA GLU A 44 -7.81 4.85 6.13
C GLU A 44 -8.29 3.70 5.25
N ILE A 45 -8.33 2.50 5.81
CA ILE A 45 -8.77 1.32 5.07
C ILE A 45 -10.20 1.49 4.58
N ASP A 46 -10.48 0.97 3.38
CA ASP A 46 -11.81 1.06 2.80
C ASP A 46 -12.73 -0.03 3.37
N GLU A 47 -14.00 0.02 2.99
CA GLU A 47 -14.97 -0.96 3.47
C GLU A 47 -14.48 -2.37 3.22
N ASP A 48 -13.90 -2.60 2.05
CA ASP A 48 -13.38 -3.91 1.68
C ASP A 48 -12.28 -4.35 2.63
N GLY A 49 -11.22 -3.54 2.71
CA GLY A 49 -10.11 -3.86 3.58
C GLY A 49 -8.76 -3.65 2.92
N PHE A 50 -8.69 -2.66 2.03
CA PHE A 50 -7.45 -2.36 1.32
C PHE A 50 -7.06 -0.90 1.51
N TYR A 51 -5.87 -0.56 1.04
CA TYR A 51 -5.37 0.81 1.16
C TYR A 51 -5.13 1.43 -0.21
N TYR A 52 -5.16 2.76 -0.27
CA TYR A 52 -4.95 3.46 -1.53
C TYR A 52 -3.64 4.26 -1.50
N GLY A 53 -2.61 3.67 -2.10
CA GLY A 53 -1.31 4.33 -2.13
C GLY A 53 -0.74 4.40 -3.53
N GLU A 54 0.50 4.89 -3.64
CA GLU A 54 1.17 5.01 -4.93
C GLU A 54 2.53 4.30 -4.91
N LEU A 55 2.88 3.69 -6.03
CA LEU A 55 4.15 2.98 -6.13
C LEU A 55 4.74 3.14 -7.53
N ASN A 56 6.06 3.26 -7.60
CA ASN A 56 6.76 3.42 -8.87
C ASN A 56 5.95 4.29 -9.83
N GLY A 57 5.29 5.31 -9.27
CA GLY A 57 4.49 6.21 -10.09
C GLY A 57 3.21 5.56 -10.58
N GLN A 58 2.59 4.76 -9.71
CA GLN A 58 1.35 4.09 -10.06
C GLN A 58 0.37 4.10 -8.89
N LYS A 59 -0.83 4.60 -9.13
CA LYS A 59 -1.86 4.68 -8.10
C LYS A 59 -2.79 3.47 -8.17
N GLY A 60 -2.97 2.81 -7.03
CA GLY A 60 -3.84 1.65 -6.98
C GLY A 60 -4.23 1.26 -5.57
N LEU A 61 -4.43 -0.03 -5.34
CA LEU A 61 -4.81 -0.52 -4.02
C LEU A 61 -3.75 -1.46 -3.47
N VAL A 62 -3.62 -1.49 -2.14
CA VAL A 62 -2.64 -2.35 -1.49
C VAL A 62 -3.20 -2.91 -0.18
N PRO A 63 -3.02 -4.23 0.00
CA PRO A 63 -3.50 -4.94 1.19
C PRO A 63 -2.71 -4.55 2.45
N SER A 64 -3.41 -3.98 3.42
CA SER A 64 -2.78 -3.56 4.67
C SER A 64 -2.15 -4.75 5.39
N ASN A 65 -2.60 -5.94 5.03
CA ASN A 65 -2.08 -7.17 5.64
C ASN A 65 -0.71 -7.52 5.07
N PHE A 66 -0.19 -6.66 4.20
CA PHE A 66 1.11 -6.88 3.58
C PHE A 66 1.98 -5.64 3.71
N LEU A 67 1.66 -4.79 4.67
CA LEU A 67 2.43 -3.56 4.91
C LEU A 67 2.58 -3.28 6.40
N GLU A 68 3.53 -2.42 6.74
CA GLU A 68 3.77 -2.07 8.14
C GLU A 68 4.25 -0.62 8.25
N GLU A 69 3.46 0.20 8.94
CA GLU A 69 3.81 1.60 9.12
C GLU A 69 5.30 1.76 9.45
N VAL A 70 6.03 2.39 8.54
CA VAL A 70 7.47 2.61 8.74
C VAL A 70 7.72 3.56 9.90
N SER A 71 8.56 3.12 10.84
CA SER A 71 8.89 3.93 12.01
C SER A 71 10.35 3.73 12.42
N GLY A 72 11.18 4.74 12.16
CA GLY A 72 12.58 4.66 12.50
C GLY A 72 13.05 5.85 13.30
N PRO A 73 14.01 5.61 14.21
CA PRO A 73 14.57 6.67 15.07
C PRO A 73 15.42 7.66 14.28
N SER A 74 14.77 8.65 13.69
CA SER A 74 15.47 9.66 12.90
C SER A 74 16.48 10.42 13.76
N SER A 75 17.75 10.21 13.49
CA SER A 75 18.81 10.88 14.25
C SER A 75 19.76 11.62 13.32
N GLY A 76 19.56 12.93 13.20
CA GLY A 76 20.39 13.74 12.35
C GLY A 76 19.88 15.16 12.20
N GLY A 1 -0.17 23.10 5.54
CA GLY A 1 -0.05 21.67 5.74
C GLY A 1 -1.11 21.13 6.70
N SER A 2 -0.97 19.86 7.07
CA SER A 2 -1.91 19.22 7.98
C SER A 2 -3.34 19.62 7.63
N SER A 3 -3.65 19.62 6.34
CA SER A 3 -4.98 19.98 5.87
C SER A 3 -5.66 18.79 5.21
N GLY A 4 -4.91 18.09 4.36
CA GLY A 4 -5.46 16.93 3.67
C GLY A 4 -4.82 15.63 4.11
N SER A 5 -4.51 14.77 3.15
CA SER A 5 -3.89 13.48 3.45
C SER A 5 -2.49 13.40 2.86
N SER A 6 -1.49 13.42 3.73
CA SER A 6 -0.10 13.35 3.29
C SER A 6 0.30 11.92 2.96
N GLY A 7 -0.39 10.96 3.59
CA GLY A 7 -0.09 9.56 3.35
C GLY A 7 1.16 9.10 4.06
N ARG A 8 1.15 7.85 4.51
CA ARG A 8 2.29 7.28 5.22
C ARG A 8 3.03 6.26 4.36
N ARG A 9 4.35 6.23 4.48
CA ARG A 9 5.17 5.30 3.72
C ARG A 9 5.25 3.95 4.41
N MET A 10 4.48 2.98 3.93
CA MET A 10 4.46 1.64 4.51
C MET A 10 5.51 0.76 3.84
N VAL A 11 5.95 -0.28 4.56
CA VAL A 11 6.96 -1.19 4.03
C VAL A 11 6.37 -2.59 3.83
N ALA A 12 6.52 -3.13 2.63
CA ALA A 12 6.01 -4.46 2.31
C ALA A 12 6.64 -5.51 3.21
N LEU A 13 5.81 -6.20 4.00
CA LEU A 13 6.29 -7.23 4.90
C LEU A 13 6.46 -8.56 4.16
N TYR A 14 5.67 -8.75 3.11
CA TYR A 14 5.73 -9.97 2.32
C TYR A 14 5.29 -9.72 0.89
N ASP A 15 6.09 -10.19 -0.07
CA ASP A 15 5.77 -10.02 -1.48
C ASP A 15 4.29 -10.24 -1.75
N TYR A 16 3.70 -9.35 -2.52
CA TYR A 16 2.28 -9.44 -2.85
C TYR A 16 2.07 -9.79 -4.33
N ASP A 17 0.88 -10.24 -4.66
CA ASP A 17 0.55 -10.61 -6.04
C ASP A 17 -0.96 -10.74 -6.22
N PRO A 18 -1.56 -9.74 -6.88
CA PRO A 18 -3.00 -9.73 -7.14
C PRO A 18 -3.42 -10.78 -8.16
N ARG A 19 -2.45 -11.52 -8.67
CA ARG A 19 -2.71 -12.56 -9.66
C ARG A 19 -2.96 -13.90 -8.98
N GLU A 20 -2.56 -14.00 -7.71
CA GLU A 20 -2.74 -15.23 -6.94
C GLU A 20 -3.55 -14.97 -5.67
N SER A 21 -3.06 -14.06 -4.85
CA SER A 21 -3.74 -13.72 -3.60
C SER A 21 -5.13 -13.16 -3.86
N SER A 22 -5.20 -12.13 -4.69
CA SER A 22 -6.47 -11.51 -5.03
C SER A 22 -7.29 -12.39 -5.97
N PRO A 23 -8.61 -12.40 -5.77
CA PRO A 23 -9.52 -13.20 -6.59
C PRO A 23 -9.64 -12.68 -8.02
N ASN A 24 -8.79 -11.72 -8.36
CA ASN A 24 -8.78 -11.13 -9.69
C ASN A 24 -9.96 -10.18 -9.87
N VAL A 25 -10.18 -9.33 -8.86
CA VAL A 25 -11.26 -8.37 -8.90
C VAL A 25 -10.76 -6.97 -9.25
N ASP A 26 -10.73 -6.67 -10.55
CA ASP A 26 -10.27 -5.37 -11.03
C ASP A 26 -8.80 -5.15 -10.67
N VAL A 27 -8.05 -6.26 -10.55
CA VAL A 27 -6.63 -6.18 -10.22
C VAL A 27 -5.94 -5.11 -11.03
N GLU A 28 -6.51 -4.77 -12.17
CA GLU A 28 -5.93 -3.76 -13.05
C GLU A 28 -5.60 -2.49 -12.26
N ALA A 29 -6.23 -2.34 -11.10
CA ALA A 29 -6.01 -1.17 -10.25
C ALA A 29 -5.07 -1.52 -9.10
N GLU A 30 -5.15 -2.75 -8.62
CA GLU A 30 -4.32 -3.20 -7.52
C GLU A 30 -2.84 -2.97 -7.83
N LEU A 31 -2.03 -2.82 -6.78
CA LEU A 31 -0.60 -2.60 -6.94
C LEU A 31 0.18 -3.88 -6.63
N THR A 32 1.08 -4.26 -7.54
CA THR A 32 1.89 -5.46 -7.36
C THR A 32 3.29 -5.10 -6.87
N PHE A 33 3.49 -5.17 -5.56
CA PHE A 33 4.78 -4.85 -4.96
C PHE A 33 5.47 -6.11 -4.45
N CYS A 34 6.65 -5.93 -3.86
CA CYS A 34 7.41 -7.06 -3.34
C CYS A 34 7.90 -6.76 -1.91
N THR A 35 8.42 -7.78 -1.25
CA THR A 35 8.92 -7.63 0.11
C THR A 35 9.90 -6.46 0.20
N GLY A 36 9.62 -5.54 1.12
CA GLY A 36 10.49 -4.39 1.29
C GLY A 36 9.98 -3.17 0.53
N ASP A 37 9.40 -3.41 -0.64
CA ASP A 37 8.88 -2.32 -1.46
C ASP A 37 8.06 -1.35 -0.62
N ILE A 38 8.45 -0.08 -0.64
CA ILE A 38 7.74 0.95 0.12
C ILE A 38 6.55 1.48 -0.67
N ILE A 39 5.42 1.64 0.02
CA ILE A 39 4.21 2.15 -0.62
C ILE A 39 3.57 3.25 0.23
N THR A 40 3.21 4.35 -0.42
CA THR A 40 2.59 5.47 0.26
C THR A 40 1.07 5.38 0.21
N VAL A 41 0.46 5.06 1.35
CA VAL A 41 -0.99 4.94 1.43
C VAL A 41 -1.63 6.27 1.81
N PHE A 42 -2.84 6.49 1.32
CA PHE A 42 -3.57 7.73 1.61
C PHE A 42 -4.95 7.42 2.18
N GLY A 43 -5.22 7.97 3.36
CA GLY A 43 -6.51 7.75 4.00
C GLY A 43 -6.57 6.43 4.75
N GLU A 44 -7.71 6.14 5.35
CA GLU A 44 -7.89 4.90 6.10
C GLU A 44 -8.32 3.77 5.18
N ILE A 45 -8.41 2.56 5.74
CA ILE A 45 -8.81 1.39 4.96
C ILE A 45 -10.18 1.60 4.31
N ASP A 46 -10.36 1.01 3.13
CA ASP A 46 -11.62 1.13 2.41
C ASP A 46 -12.68 0.23 3.01
N GLU A 47 -13.86 0.22 2.41
CA GLU A 47 -14.97 -0.61 2.88
C GLU A 47 -14.59 -2.10 2.84
N ASP A 48 -13.94 -2.50 1.76
CA ASP A 48 -13.52 -3.89 1.60
C ASP A 48 -12.46 -4.26 2.61
N GLY A 49 -11.32 -3.57 2.55
CA GLY A 49 -10.23 -3.84 3.47
C GLY A 49 -8.87 -3.66 2.82
N PHE A 50 -8.71 -2.58 2.08
CA PHE A 50 -7.44 -2.30 1.40
C PHE A 50 -7.06 -0.84 1.55
N TYR A 51 -5.82 -0.51 1.19
CA TYR A 51 -5.33 0.86 1.29
C TYR A 51 -5.08 1.45 -0.10
N TYR A 52 -5.28 2.75 -0.22
CA TYR A 52 -5.08 3.45 -1.49
C TYR A 52 -3.77 4.23 -1.48
N GLY A 53 -2.72 3.62 -2.03
CA GLY A 53 -1.43 4.27 -2.07
C GLY A 53 -0.83 4.27 -3.47
N GLU A 54 0.38 4.81 -3.59
CA GLU A 54 1.05 4.87 -4.88
C GLU A 54 2.40 4.16 -4.82
N LEU A 55 2.88 3.72 -5.98
CA LEU A 55 4.16 3.01 -6.05
C LEU A 55 4.77 3.14 -7.45
N ASN A 56 6.08 3.32 -7.50
CA ASN A 56 6.78 3.46 -8.77
C ASN A 56 5.98 4.31 -9.75
N GLY A 57 5.23 5.27 -9.20
CA GLY A 57 4.42 6.14 -10.04
C GLY A 57 3.15 5.46 -10.52
N GLN A 58 2.53 4.68 -9.65
CA GLN A 58 1.30 3.98 -9.99
C GLN A 58 0.33 3.98 -8.81
N LYS A 59 -0.85 4.56 -9.01
CA LYS A 59 -1.85 4.62 -7.96
C LYS A 59 -2.78 3.41 -8.04
N GLY A 60 -3.02 2.79 -6.88
CA GLY A 60 -3.88 1.62 -6.82
C GLY A 60 -4.26 1.25 -5.41
N LEU A 61 -4.43 -0.04 -5.16
CA LEU A 61 -4.81 -0.53 -3.84
C LEU A 61 -3.75 -1.49 -3.29
N VAL A 62 -3.61 -1.52 -1.97
CA VAL A 62 -2.64 -2.39 -1.33
C VAL A 62 -3.19 -2.97 -0.03
N PRO A 63 -3.02 -4.27 0.16
CA PRO A 63 -3.49 -4.98 1.35
C PRO A 63 -2.71 -4.60 2.60
N SER A 64 -3.40 -4.05 3.59
CA SER A 64 -2.76 -3.64 4.84
C SER A 64 -2.16 -4.84 5.56
N ASN A 65 -2.50 -6.04 5.09
CA ASN A 65 -1.98 -7.26 5.69
C ASN A 65 -0.62 -7.62 5.10
N PHE A 66 -0.10 -6.74 4.24
CA PHE A 66 1.19 -6.97 3.62
C PHE A 66 2.09 -5.73 3.75
N LEU A 67 1.62 -4.76 4.53
CA LEU A 67 2.38 -3.52 4.74
C LEU A 67 2.56 -3.25 6.22
N GLU A 68 3.48 -2.34 6.54
CA GLU A 68 3.75 -1.98 7.93
C GLU A 68 4.20 -0.53 8.04
N GLU A 69 3.65 0.19 9.02
CA GLU A 69 3.99 1.59 9.23
C GLU A 69 5.49 1.74 9.50
N VAL A 70 6.17 2.45 8.60
CA VAL A 70 7.61 2.67 8.75
C VAL A 70 7.90 3.68 9.85
N SER A 71 7.01 4.67 10.00
CA SER A 71 7.18 5.69 11.02
C SER A 71 7.45 5.06 12.38
N GLY A 72 6.53 4.19 12.81
CA GLY A 72 6.68 3.53 14.09
C GLY A 72 7.67 2.39 14.05
N PRO A 73 8.25 2.05 15.21
CA PRO A 73 9.22 0.96 15.33
C PRO A 73 8.59 -0.40 15.13
N SER A 74 7.32 -0.52 15.51
CA SER A 74 6.60 -1.79 15.39
C SER A 74 7.49 -2.96 15.76
N SER A 75 8.22 -2.82 16.86
CA SER A 75 9.13 -3.87 17.32
C SER A 75 8.45 -4.73 18.38
N GLY A 76 8.15 -5.97 18.03
CA GLY A 76 7.51 -6.88 18.96
C GLY A 76 6.08 -7.20 18.58
N GLY A 1 -12.90 17.70 2.78
CA GLY A 1 -11.85 18.52 3.37
C GLY A 1 -10.47 18.00 3.05
N SER A 2 -9.83 17.35 4.02
CA SER A 2 -8.49 16.82 3.84
C SER A 2 -8.46 15.32 4.10
N SER A 3 -7.71 14.59 3.28
CA SER A 3 -7.60 13.15 3.41
C SER A 3 -6.19 12.74 3.81
N GLY A 4 -5.22 13.07 2.97
CA GLY A 4 -3.84 12.74 3.25
C GLY A 4 -2.96 12.80 2.02
N SER A 5 -2.41 13.99 1.75
CA SER A 5 -1.54 14.18 0.59
C SER A 5 -0.20 13.47 0.78
N SER A 6 0.50 13.83 1.85
CA SER A 6 1.80 13.24 2.14
C SER A 6 1.67 11.73 2.36
N GLY A 7 0.63 11.34 3.09
CA GLY A 7 0.41 9.93 3.36
C GLY A 7 1.54 9.30 4.14
N ARG A 8 1.39 8.03 4.49
CA ARG A 8 2.41 7.32 5.24
C ARG A 8 3.11 6.27 4.37
N ARG A 9 4.41 6.10 4.59
CA ARG A 9 5.19 5.14 3.83
C ARG A 9 5.20 3.78 4.51
N MET A 10 4.52 2.80 3.88
CA MET A 10 4.45 1.46 4.42
C MET A 10 5.47 0.55 3.75
N VAL A 11 6.00 -0.41 4.52
CA VAL A 11 6.98 -1.35 4.00
C VAL A 11 6.36 -2.73 3.78
N ALA A 12 6.44 -3.21 2.54
CA ALA A 12 5.90 -4.51 2.19
C ALA A 12 6.50 -5.61 3.07
N LEU A 13 5.71 -6.14 3.99
CA LEU A 13 6.16 -7.19 4.88
C LEU A 13 6.24 -8.53 4.16
N TYR A 14 5.50 -8.64 3.07
CA TYR A 14 5.48 -9.87 2.27
C TYR A 14 5.11 -9.58 0.83
N ASP A 15 5.91 -10.10 -0.09
CA ASP A 15 5.66 -9.90 -1.52
C ASP A 15 4.22 -10.23 -1.87
N TYR A 16 3.48 -9.22 -2.34
CA TYR A 16 2.08 -9.40 -2.71
C TYR A 16 1.95 -9.72 -4.19
N ASP A 17 0.77 -10.20 -4.58
CA ASP A 17 0.51 -10.55 -5.97
C ASP A 17 -0.99 -10.72 -6.22
N PRO A 18 -1.60 -9.73 -6.87
CA PRO A 18 -3.04 -9.75 -7.18
C PRO A 18 -3.38 -10.79 -8.23
N ARG A 19 -2.37 -11.49 -8.74
CA ARG A 19 -2.57 -12.52 -9.75
C ARG A 19 -2.84 -13.88 -9.10
N GLU A 20 -2.45 -14.02 -7.85
CA GLU A 20 -2.64 -15.26 -7.12
C GLU A 20 -3.35 -15.01 -5.79
N SER A 21 -2.92 -13.98 -5.08
CA SER A 21 -3.51 -13.63 -3.79
C SER A 21 -4.95 -13.16 -3.96
N SER A 22 -5.15 -12.14 -4.78
CA SER A 22 -6.48 -11.60 -5.03
C SER A 22 -7.28 -12.53 -5.95
N PRO A 23 -8.60 -12.55 -5.76
CA PRO A 23 -9.50 -13.38 -6.56
C PRO A 23 -9.63 -12.89 -7.99
N ASN A 24 -8.80 -11.91 -8.35
CA ASN A 24 -8.82 -11.34 -9.70
C ASN A 24 -10.02 -10.42 -9.89
N VAL A 25 -10.22 -9.51 -8.95
CA VAL A 25 -11.33 -8.58 -9.01
C VAL A 25 -10.85 -7.16 -9.33
N ASP A 26 -10.83 -6.84 -10.62
CA ASP A 26 -10.38 -5.52 -11.07
C ASP A 26 -8.94 -5.28 -10.68
N VAL A 27 -8.17 -6.35 -10.52
CA VAL A 27 -6.77 -6.26 -10.17
C VAL A 27 -6.06 -5.18 -10.99
N GLU A 28 -6.57 -4.93 -12.19
CA GLU A 28 -5.99 -3.93 -13.07
C GLU A 28 -5.66 -2.66 -12.30
N ALA A 29 -6.34 -2.45 -11.18
CA ALA A 29 -6.11 -1.27 -10.35
C ALA A 29 -5.21 -1.59 -9.17
N GLU A 30 -5.23 -2.85 -8.74
CA GLU A 30 -4.40 -3.29 -7.63
C GLU A 30 -2.92 -3.08 -7.92
N LEU A 31 -2.13 -2.87 -6.86
CA LEU A 31 -0.69 -2.67 -7.02
C LEU A 31 0.08 -3.94 -6.69
N THR A 32 1.09 -4.24 -7.50
CA THR A 32 1.91 -5.43 -7.30
C THR A 32 3.30 -5.06 -6.80
N PHE A 33 3.47 -5.11 -5.49
CA PHE A 33 4.76 -4.78 -4.87
C PHE A 33 5.44 -6.04 -4.34
N CYS A 34 6.67 -5.88 -3.86
CA CYS A 34 7.44 -6.99 -3.33
C CYS A 34 7.92 -6.69 -1.92
N THR A 35 8.38 -7.73 -1.21
CA THR A 35 8.87 -7.56 0.14
C THR A 35 9.91 -6.46 0.23
N GLY A 36 9.63 -5.44 1.05
CA GLY A 36 10.55 -4.34 1.21
C GLY A 36 10.10 -3.10 0.44
N ASP A 37 9.37 -3.32 -0.65
CA ASP A 37 8.87 -2.22 -1.46
C ASP A 37 8.05 -1.24 -0.63
N ILE A 38 8.50 0.00 -0.59
CA ILE A 38 7.80 1.04 0.18
C ILE A 38 6.64 1.62 -0.62
N ILE A 39 5.46 1.65 0.00
CA ILE A 39 4.28 2.19 -0.66
C ILE A 39 3.59 3.25 0.21
N THR A 40 3.33 4.41 -0.37
CA THR A 40 2.68 5.50 0.34
C THR A 40 1.16 5.38 0.27
N VAL A 41 0.53 5.03 1.37
CA VAL A 41 -0.91 4.89 1.42
C VAL A 41 -1.58 6.20 1.80
N PHE A 42 -2.73 6.48 1.19
CA PHE A 42 -3.47 7.71 1.46
C PHE A 42 -4.89 7.40 1.91
N GLY A 43 -5.24 7.88 3.10
CA GLY A 43 -6.58 7.64 3.63
C GLY A 43 -6.65 6.38 4.47
N GLU A 44 -7.83 6.12 5.04
CA GLU A 44 -8.03 4.94 5.87
C GLU A 44 -8.49 3.75 5.03
N ILE A 45 -8.57 2.59 5.66
CA ILE A 45 -9.00 1.37 4.98
C ILE A 45 -10.41 1.52 4.42
N ASP A 46 -10.62 1.05 3.20
CA ASP A 46 -11.93 1.12 2.56
C ASP A 46 -12.88 0.11 3.17
N GLU A 47 -14.10 0.08 2.65
CA GLU A 47 -15.12 -0.84 3.14
C GLU A 47 -14.72 -2.29 2.86
N ASP A 48 -13.92 -2.49 1.82
CA ASP A 48 -13.46 -3.82 1.46
C ASP A 48 -12.38 -4.31 2.42
N GLY A 49 -11.39 -3.47 2.66
CA GLY A 49 -10.30 -3.83 3.56
C GLY A 49 -8.94 -3.69 2.91
N PHE A 50 -8.76 -2.63 2.15
CA PHE A 50 -7.49 -2.39 1.46
C PHE A 50 -7.08 -0.92 1.59
N TYR A 51 -5.88 -0.61 1.09
CA TYR A 51 -5.36 0.75 1.16
C TYR A 51 -5.05 1.28 -0.24
N TYR A 52 -5.15 2.59 -0.40
CA TYR A 52 -4.87 3.23 -1.69
C TYR A 52 -3.60 4.07 -1.62
N GLY A 53 -2.49 3.51 -2.08
CA GLY A 53 -1.23 4.22 -2.06
C GLY A 53 -0.51 4.17 -3.39
N GLU A 54 0.65 4.83 -3.48
CA GLU A 54 1.42 4.85 -4.70
C GLU A 54 2.79 4.22 -4.49
N LEU A 55 3.21 3.40 -5.45
CA LEU A 55 4.51 2.73 -5.37
C LEU A 55 5.53 3.41 -6.27
N ASN A 56 5.42 3.17 -7.57
CA ASN A 56 6.34 3.76 -8.53
C ASN A 56 5.58 4.52 -9.62
N GLY A 57 5.09 5.70 -9.28
CA GLY A 57 4.35 6.50 -10.24
C GLY A 57 2.97 5.94 -10.53
N GLN A 58 2.64 4.84 -9.86
CA GLN A 58 1.35 4.19 -10.06
C GLN A 58 0.53 4.21 -8.77
N LYS A 59 -0.77 4.47 -8.91
CA LYS A 59 -1.66 4.51 -7.76
C LYS A 59 -2.74 3.44 -7.86
N GLY A 60 -2.83 2.60 -6.83
CA GLY A 60 -3.82 1.54 -6.83
C GLY A 60 -4.21 1.12 -5.43
N LEU A 61 -4.49 -0.17 -5.26
CA LEU A 61 -4.87 -0.70 -3.96
C LEU A 61 -3.77 -1.57 -3.37
N VAL A 62 -3.77 -1.71 -2.05
CA VAL A 62 -2.76 -2.52 -1.36
C VAL A 62 -3.30 -3.04 -0.02
N PRO A 63 -3.15 -4.35 0.18
CA PRO A 63 -3.60 -5.01 1.42
C PRO A 63 -2.77 -4.61 2.64
N SER A 64 -3.41 -3.96 3.61
CA SER A 64 -2.73 -3.52 4.81
C SER A 64 -2.04 -4.70 5.51
N ASN A 65 -2.51 -5.91 5.21
CA ASN A 65 -1.95 -7.12 5.80
C ASN A 65 -0.61 -7.46 5.16
N PHE A 66 -0.14 -6.60 4.25
CA PHE A 66 1.11 -6.82 3.57
C PHE A 66 1.99 -5.57 3.63
N LEU A 67 1.78 -4.75 4.66
CA LEU A 67 2.54 -3.52 4.83
C LEU A 67 2.71 -3.19 6.30
N GLU A 68 3.68 -2.34 6.61
CA GLU A 68 3.95 -1.94 7.99
C GLU A 68 4.41 -0.48 8.05
N GLU A 69 3.85 0.26 9.00
CA GLU A 69 4.19 1.67 9.17
C GLU A 69 5.71 1.84 9.37
N VAL A 70 6.37 2.43 8.39
CA VAL A 70 7.80 2.65 8.46
C VAL A 70 8.15 3.75 9.46
N SER A 71 9.03 3.43 10.40
CA SER A 71 9.44 4.38 11.43
C SER A 71 10.95 4.54 11.44
N GLY A 72 11.46 5.40 10.57
CA GLY A 72 12.89 5.63 10.50
C GLY A 72 13.60 4.61 9.63
N PRO A 73 14.91 4.42 9.87
CA PRO A 73 15.73 3.47 9.12
C PRO A 73 15.37 2.03 9.43
N SER A 74 15.76 1.11 8.54
CA SER A 74 15.47 -0.30 8.72
C SER A 74 16.73 -1.15 8.49
N SER A 75 17.18 -1.84 9.53
CA SER A 75 18.36 -2.67 9.43
C SER A 75 18.01 -4.15 9.66
N GLY A 76 18.44 -5.00 8.74
CA GLY A 76 18.15 -6.42 8.86
C GLY A 76 17.98 -7.09 7.51
N GLY A 1 5.29 24.20 5.97
CA GLY A 1 4.86 24.04 4.59
C GLY A 1 3.40 24.39 4.38
N SER A 2 2.56 23.35 4.34
CA SER A 2 1.13 23.54 4.15
C SER A 2 0.33 22.72 5.15
N SER A 3 -0.97 23.02 5.25
CA SER A 3 -1.85 22.31 6.16
C SER A 3 -2.67 21.26 5.42
N GLY A 4 -1.98 20.32 4.78
CA GLY A 4 -2.66 19.27 4.05
C GLY A 4 -2.35 17.89 4.58
N SER A 5 -3.12 16.90 4.15
CA SER A 5 -2.92 15.53 4.60
C SER A 5 -1.72 14.90 3.91
N SER A 6 -0.89 14.20 4.69
CA SER A 6 0.30 13.56 4.16
C SER A 6 0.25 12.05 4.39
N GLY A 7 0.17 11.29 3.29
CA GLY A 7 0.11 9.85 3.39
C GLY A 7 1.27 9.28 4.19
N ARG A 8 1.21 7.99 4.48
CA ARG A 8 2.25 7.31 5.24
C ARG A 8 2.99 6.30 4.37
N ARG A 9 4.30 6.20 4.56
CA ARG A 9 5.11 5.26 3.81
C ARG A 9 5.16 3.89 4.49
N MET A 10 4.46 2.93 3.92
CA MET A 10 4.43 1.58 4.47
C MET A 10 5.48 0.69 3.81
N VAL A 11 5.94 -0.32 4.55
CA VAL A 11 6.95 -1.23 4.03
C VAL A 11 6.36 -2.63 3.85
N ALA A 12 6.36 -3.11 2.60
CA ALA A 12 5.84 -4.43 2.29
C ALA A 12 6.51 -5.51 3.15
N LEU A 13 5.76 -6.10 4.06
CA LEU A 13 6.29 -7.13 4.94
C LEU A 13 6.48 -8.44 4.18
N TYR A 14 5.62 -8.68 3.19
CA TYR A 14 5.70 -9.89 2.39
C TYR A 14 5.27 -9.62 0.95
N ASP A 15 6.03 -10.17 0.00
CA ASP A 15 5.73 -9.99 -1.42
C ASP A 15 4.25 -10.25 -1.70
N TYR A 16 3.63 -9.36 -2.46
CA TYR A 16 2.22 -9.50 -2.80
C TYR A 16 2.05 -9.81 -4.29
N ASP A 17 0.88 -10.33 -4.65
CA ASP A 17 0.58 -10.66 -6.03
C ASP A 17 -0.92 -10.80 -6.25
N PRO A 18 -1.52 -9.80 -6.90
CA PRO A 18 -2.97 -9.78 -7.18
C PRO A 18 -3.36 -10.83 -8.22
N ARG A 19 -2.38 -11.61 -8.67
CA ARG A 19 -2.62 -12.64 -9.67
C ARG A 19 -2.86 -13.99 -9.01
N GLU A 20 -2.41 -14.13 -7.76
CA GLU A 20 -2.58 -15.37 -7.02
C GLU A 20 -3.37 -15.14 -5.74
N SER A 21 -2.97 -14.14 -4.97
CA SER A 21 -3.65 -13.82 -3.73
C SER A 21 -5.05 -13.26 -3.98
N SER A 22 -5.12 -12.18 -4.76
CA SER A 22 -6.39 -11.55 -5.08
C SER A 22 -7.22 -12.46 -5.97
N PRO A 23 -8.55 -12.45 -5.75
CA PRO A 23 -9.49 -13.27 -6.51
C PRO A 23 -9.64 -12.77 -7.95
N ASN A 24 -8.80 -11.82 -8.34
CA ASN A 24 -8.84 -11.26 -9.68
C ASN A 24 -10.03 -10.31 -9.84
N VAL A 25 -10.19 -9.41 -8.88
CA VAL A 25 -11.28 -8.44 -8.91
C VAL A 25 -10.77 -7.05 -9.27
N ASP A 26 -10.76 -6.76 -10.57
CA ASP A 26 -10.30 -5.46 -11.05
C ASP A 26 -8.84 -5.23 -10.70
N VAL A 27 -8.09 -6.33 -10.55
CA VAL A 27 -6.67 -6.26 -10.22
C VAL A 27 -5.97 -5.19 -11.05
N GLU A 28 -6.48 -4.95 -12.25
CA GLU A 28 -5.91 -3.96 -13.15
C GLU A 28 -5.53 -2.69 -12.39
N ALA A 29 -6.21 -2.45 -11.28
CA ALA A 29 -5.96 -1.27 -10.46
C ALA A 29 -5.04 -1.60 -9.29
N GLU A 30 -5.18 -2.82 -8.76
CA GLU A 30 -4.36 -3.25 -7.64
C GLU A 30 -2.87 -3.07 -7.95
N LEU A 31 -2.08 -2.88 -6.91
CA LEU A 31 -0.64 -2.69 -7.06
C LEU A 31 0.12 -3.98 -6.74
N THR A 32 1.16 -4.25 -7.51
CA THR A 32 1.97 -5.44 -7.33
C THR A 32 3.36 -5.10 -6.79
N PHE A 33 3.54 -5.20 -5.48
CA PHE A 33 4.81 -4.89 -4.86
C PHE A 33 5.49 -6.16 -4.35
N CYS A 34 6.67 -6.00 -3.77
CA CYS A 34 7.42 -7.13 -3.24
C CYS A 34 7.85 -6.87 -1.80
N THR A 35 8.38 -7.91 -1.15
CA THR A 35 8.83 -7.79 0.23
C THR A 35 9.85 -6.68 0.39
N GLY A 36 9.45 -5.60 1.05
CA GLY A 36 10.35 -4.47 1.25
C GLY A 36 9.88 -3.22 0.54
N ASP A 37 9.39 -3.39 -0.68
CA ASP A 37 8.91 -2.26 -1.48
C ASP A 37 8.06 -1.31 -0.63
N ILE A 38 8.47 -0.06 -0.57
CA ILE A 38 7.75 0.95 0.20
C ILE A 38 6.62 1.57 -0.62
N ILE A 39 5.45 1.70 0.00
CA ILE A 39 4.30 2.28 -0.67
C ILE A 39 3.66 3.38 0.17
N THR A 40 3.37 4.51 -0.45
CA THR A 40 2.75 5.63 0.26
C THR A 40 1.23 5.54 0.22
N VAL A 41 0.64 5.08 1.31
CA VAL A 41 -0.81 4.95 1.39
C VAL A 41 -1.46 6.28 1.76
N PHE A 42 -2.71 6.44 1.33
CA PHE A 42 -3.45 7.68 1.61
C PHE A 42 -4.85 7.36 2.14
N GLY A 43 -5.13 7.83 3.35
CA GLY A 43 -6.44 7.59 3.94
C GLY A 43 -6.49 6.28 4.70
N GLU A 44 -7.60 6.04 5.40
CA GLU A 44 -7.77 4.82 6.17
C GLU A 44 -8.18 3.66 5.26
N ILE A 45 -8.40 2.50 5.87
CA ILE A 45 -8.79 1.31 5.12
C ILE A 45 -10.20 1.46 4.55
N ASP A 46 -10.41 0.96 3.34
CA ASP A 46 -11.71 1.04 2.69
C ASP A 46 -12.66 -0.02 3.24
N GLU A 47 -13.94 0.13 2.94
CA GLU A 47 -14.95 -0.81 3.41
C GLU A 47 -14.51 -2.26 3.15
N ASP A 48 -13.90 -2.48 1.99
CA ASP A 48 -13.44 -3.81 1.62
C ASP A 48 -12.34 -4.28 2.57
N GLY A 49 -11.26 -3.52 2.65
CA GLY A 49 -10.15 -3.87 3.53
C GLY A 49 -8.81 -3.69 2.87
N PHE A 50 -8.68 -2.64 2.06
CA PHE A 50 -7.44 -2.35 1.37
C PHE A 50 -7.04 -0.89 1.54
N TYR A 51 -5.84 -0.54 1.09
CA TYR A 51 -5.34 0.82 1.20
C TYR A 51 -5.11 1.43 -0.18
N TYR A 52 -5.15 2.75 -0.25
CA TYR A 52 -4.95 3.46 -1.51
C TYR A 52 -3.64 4.26 -1.49
N GLY A 53 -2.60 3.68 -2.07
CA GLY A 53 -1.30 4.35 -2.11
C GLY A 53 -0.73 4.42 -3.51
N GLU A 54 0.49 4.94 -3.62
CA GLU A 54 1.15 5.06 -4.92
C GLU A 54 2.51 4.37 -4.89
N LEU A 55 2.86 3.73 -6.00
CA LEU A 55 4.14 3.03 -6.11
C LEU A 55 4.73 3.20 -7.51
N ASN A 56 6.05 3.38 -7.57
CA ASN A 56 6.73 3.54 -8.85
C ASN A 56 5.89 4.38 -9.81
N GLY A 57 5.23 5.39 -9.27
CA GLY A 57 4.40 6.26 -10.10
C GLY A 57 3.12 5.58 -10.55
N GLN A 58 2.54 4.77 -9.67
CA GLN A 58 1.31 4.05 -9.99
C GLN A 58 0.35 4.07 -8.81
N LYS A 59 -0.84 4.64 -9.02
CA LYS A 59 -1.85 4.72 -7.97
C LYS A 59 -2.82 3.55 -8.07
N GLY A 60 -2.95 2.81 -6.96
CA GLY A 60 -3.84 1.66 -6.94
C GLY A 60 -4.24 1.26 -5.53
N LEU A 61 -4.44 -0.03 -5.32
CA LEU A 61 -4.82 -0.54 -4.01
C LEU A 61 -3.72 -1.43 -3.44
N VAL A 62 -3.63 -1.46 -2.11
CA VAL A 62 -2.63 -2.29 -1.44
C VAL A 62 -3.18 -2.87 -0.14
N PRO A 63 -3.03 -4.20 0.02
CA PRO A 63 -3.51 -4.91 1.21
C PRO A 63 -2.70 -4.56 2.46
N SER A 64 -3.37 -4.00 3.46
CA SER A 64 -2.73 -3.62 4.70
C SER A 64 -2.07 -4.82 5.36
N ASN A 65 -2.62 -6.00 5.10
CA ASN A 65 -2.08 -7.23 5.68
C ASN A 65 -0.69 -7.53 5.13
N PHE A 66 -0.26 -6.72 4.17
CA PHE A 66 1.06 -6.90 3.56
C PHE A 66 1.89 -5.61 3.67
N LEU A 67 1.57 -4.79 4.67
CA LEU A 67 2.28 -3.54 4.88
C LEU A 67 2.46 -3.27 6.38
N GLU A 68 3.40 -2.39 6.70
CA GLU A 68 3.67 -2.04 8.08
C GLU A 68 4.18 -0.60 8.20
N GLU A 69 3.42 0.24 8.89
CA GLU A 69 3.79 1.64 9.06
C GLU A 69 5.29 1.77 9.38
N VAL A 70 6.01 2.45 8.50
CA VAL A 70 7.45 2.64 8.69
C VAL A 70 7.72 3.69 9.77
N SER A 71 8.44 3.28 10.80
CA SER A 71 8.77 4.17 11.91
C SER A 71 10.22 3.97 12.35
N GLY A 72 10.72 4.91 13.15
CA GLY A 72 12.09 4.82 13.64
C GLY A 72 12.75 6.18 13.74
N PRO A 73 14.09 6.19 13.65
CA PRO A 73 14.88 7.42 13.73
C PRO A 73 14.70 8.31 12.49
N SER A 74 13.91 7.83 11.54
CA SER A 74 13.65 8.57 10.31
C SER A 74 13.13 9.97 10.63
N SER A 75 12.10 10.04 11.47
CA SER A 75 11.50 11.31 11.85
C SER A 75 11.37 11.42 13.37
N GLY A 76 11.32 12.65 13.87
CA GLY A 76 11.19 12.86 15.30
C GLY A 76 11.94 11.83 16.11
N GLY A 1 -11.78 21.62 -0.06
CA GLY A 1 -11.05 20.52 -0.67
C GLY A 1 -10.91 19.34 0.26
N SER A 2 -9.74 18.71 0.24
CA SER A 2 -9.49 17.54 1.08
C SER A 2 -8.65 17.93 2.30
N SER A 3 -7.98 19.07 2.21
CA SER A 3 -7.14 19.56 3.30
C SER A 3 -6.34 18.41 3.92
N GLY A 4 -5.69 17.63 3.07
CA GLY A 4 -4.89 16.51 3.54
C GLY A 4 -3.85 16.08 2.54
N SER A 5 -2.78 16.87 2.43
CA SER A 5 -1.69 16.56 1.50
C SER A 5 -0.55 15.86 2.22
N SER A 6 -0.90 14.83 3.01
CA SER A 6 0.10 14.06 3.75
C SER A 6 -0.24 12.58 3.72
N GLY A 7 0.80 11.75 3.69
CA GLY A 7 0.60 10.31 3.67
C GLY A 7 1.62 9.57 4.51
N ARG A 8 1.53 8.24 4.51
CA ARG A 8 2.45 7.41 5.29
C ARG A 8 3.15 6.39 4.39
N ARG A 9 4.46 6.27 4.54
CA ARG A 9 5.24 5.33 3.75
C ARG A 9 5.30 3.96 4.43
N MET A 10 4.48 3.04 3.94
CA MET A 10 4.44 1.69 4.49
C MET A 10 5.50 0.81 3.86
N VAL A 11 5.97 -0.19 4.62
CA VAL A 11 6.99 -1.10 4.11
C VAL A 11 6.43 -2.52 3.95
N ALA A 12 6.39 -2.98 2.71
CA ALA A 12 5.88 -4.32 2.41
C ALA A 12 6.56 -5.37 3.29
N LEU A 13 5.75 -6.17 3.98
CA LEU A 13 6.28 -7.21 4.85
C LEU A 13 6.45 -8.52 4.08
N TYR A 14 5.71 -8.66 2.99
CA TYR A 14 5.78 -9.86 2.16
C TYR A 14 5.43 -9.56 0.71
N ASP A 15 5.85 -10.44 -0.19
CA ASP A 15 5.58 -10.25 -1.61
C ASP A 15 4.10 -10.48 -1.91
N TYR A 16 3.43 -9.44 -2.39
CA TYR A 16 2.02 -9.52 -2.72
C TYR A 16 1.81 -9.82 -4.20
N ASP A 17 0.61 -10.25 -4.55
CA ASP A 17 0.28 -10.56 -5.94
C ASP A 17 -1.23 -10.72 -6.12
N PRO A 18 -1.86 -9.70 -6.73
CA PRO A 18 -3.30 -9.70 -6.98
C PRO A 18 -3.71 -10.72 -8.04
N ARG A 19 -2.73 -11.47 -8.53
CA ARG A 19 -3.00 -12.48 -9.55
C ARG A 19 -3.20 -13.85 -8.92
N GLU A 20 -2.64 -14.04 -7.73
CA GLU A 20 -2.77 -15.31 -7.02
C GLU A 20 -3.41 -15.10 -5.65
N SER A 21 -3.32 -13.88 -5.15
CA SER A 21 -3.89 -13.55 -3.84
C SER A 21 -5.33 -13.07 -3.98
N SER A 22 -5.51 -11.95 -4.68
CA SER A 22 -6.82 -11.38 -4.89
C SER A 22 -7.68 -12.28 -5.78
N PRO A 23 -9.00 -12.26 -5.56
CA PRO A 23 -9.95 -13.07 -6.33
C PRO A 23 -10.09 -12.57 -7.77
N ASN A 24 -9.21 -11.66 -8.17
CA ASN A 24 -9.23 -11.11 -9.52
C ASN A 24 -10.37 -10.12 -9.68
N VAL A 25 -10.51 -9.21 -8.71
CA VAL A 25 -11.56 -8.20 -8.76
C VAL A 25 -11.00 -6.84 -9.15
N ASP A 26 -11.02 -6.55 -10.45
CA ASP A 26 -10.51 -5.29 -10.96
C ASP A 26 -9.04 -5.10 -10.58
N VAL A 27 -8.33 -6.21 -10.42
CA VAL A 27 -6.91 -6.16 -10.08
C VAL A 27 -6.16 -5.15 -10.94
N GLU A 28 -6.75 -4.81 -12.08
CA GLU A 28 -6.14 -3.86 -13.00
C GLU A 28 -5.77 -2.56 -12.28
N ALA A 29 -6.37 -2.37 -11.10
CA ALA A 29 -6.11 -1.17 -10.31
C ALA A 29 -5.19 -1.48 -9.13
N GLU A 30 -5.21 -2.72 -8.68
CA GLU A 30 -4.38 -3.16 -7.56
C GLU A 30 -2.90 -2.97 -7.89
N LEU A 31 -2.08 -2.89 -6.84
CA LEU A 31 -0.65 -2.70 -7.01
C LEU A 31 0.11 -3.99 -6.67
N THR A 32 1.06 -4.35 -7.52
CA THR A 32 1.85 -5.55 -7.31
C THR A 32 3.26 -5.21 -6.83
N PHE A 33 3.47 -5.26 -5.52
CA PHE A 33 4.77 -4.96 -4.94
C PHE A 33 5.43 -6.21 -4.40
N CYS A 34 6.61 -6.05 -3.80
CA CYS A 34 7.36 -7.17 -3.25
C CYS A 34 7.85 -6.85 -1.84
N THR A 35 8.31 -7.88 -1.13
CA THR A 35 8.81 -7.72 0.22
C THR A 35 9.76 -6.54 0.32
N GLY A 36 9.47 -5.61 1.23
CA GLY A 36 10.31 -4.44 1.40
C GLY A 36 9.79 -3.23 0.66
N ASP A 37 9.40 -3.44 -0.59
CA ASP A 37 8.88 -2.35 -1.42
C ASP A 37 8.05 -1.38 -0.58
N ILE A 38 8.45 -0.11 -0.59
CA ILE A 38 7.76 0.91 0.18
C ILE A 38 6.60 1.50 -0.64
N ILE A 39 5.47 1.71 0.03
CA ILE A 39 4.30 2.27 -0.62
C ILE A 39 3.64 3.35 0.23
N THR A 40 3.28 4.46 -0.38
CA THR A 40 2.65 5.56 0.32
C THR A 40 1.13 5.47 0.25
N VAL A 41 0.52 5.00 1.33
CA VAL A 41 -0.93 4.85 1.38
C VAL A 41 -1.60 6.16 1.78
N PHE A 42 -2.81 6.37 1.29
CA PHE A 42 -3.56 7.60 1.59
C PHE A 42 -4.98 7.27 2.05
N GLY A 43 -5.33 7.73 3.24
CA GLY A 43 -6.65 7.48 3.77
C GLY A 43 -6.71 6.21 4.62
N GLU A 44 -7.88 5.92 5.16
CA GLU A 44 -8.07 4.73 5.99
C GLU A 44 -8.45 3.52 5.14
N ILE A 45 -8.51 2.36 5.78
CA ILE A 45 -8.87 1.14 5.09
C ILE A 45 -10.30 1.21 4.53
N ASP A 46 -10.43 0.96 3.23
CA ASP A 46 -11.74 1.00 2.59
C ASP A 46 -12.68 -0.02 3.21
N GLU A 47 -13.93 -0.02 2.75
CA GLU A 47 -14.92 -0.95 3.26
C GLU A 47 -14.48 -2.39 3.06
N ASP A 48 -13.85 -2.67 1.92
CA ASP A 48 -13.37 -4.00 1.60
C ASP A 48 -12.28 -4.44 2.57
N GLY A 49 -11.18 -3.69 2.58
CA GLY A 49 -10.07 -4.01 3.47
C GLY A 49 -8.72 -3.79 2.81
N PHE A 50 -8.60 -2.70 2.05
CA PHE A 50 -7.35 -2.39 1.37
C PHE A 50 -6.99 -0.91 1.54
N TYR A 51 -5.82 -0.54 1.06
CA TYR A 51 -5.36 0.84 1.16
C TYR A 51 -5.12 1.44 -0.22
N TYR A 52 -5.17 2.77 -0.30
CA TYR A 52 -4.97 3.47 -1.56
C TYR A 52 -3.67 4.28 -1.53
N GLY A 53 -2.60 3.70 -2.06
CA GLY A 53 -1.32 4.39 -2.09
C GLY A 53 -0.72 4.45 -3.48
N GLU A 54 0.51 4.94 -3.57
CA GLU A 54 1.20 5.05 -4.85
C GLU A 54 2.56 4.34 -4.80
N LEU A 55 2.99 3.84 -5.95
CA LEU A 55 4.26 3.13 -6.03
C LEU A 55 4.86 3.25 -7.44
N ASN A 56 6.17 3.45 -7.50
CA ASN A 56 6.86 3.59 -8.77
C ASN A 56 6.03 4.42 -9.76
N GLY A 57 5.39 5.46 -9.25
CA GLY A 57 4.56 6.31 -10.10
C GLY A 57 3.30 5.63 -10.54
N GLN A 58 2.72 4.82 -9.66
CA GLN A 58 1.48 4.11 -9.97
C GLN A 58 0.52 4.15 -8.78
N LYS A 59 -0.72 4.56 -9.04
CA LYS A 59 -1.74 4.64 -8.00
C LYS A 59 -2.70 3.45 -8.08
N GLY A 60 -2.87 2.76 -6.97
CA GLY A 60 -3.76 1.61 -6.93
C GLY A 60 -4.16 1.22 -5.52
N LEU A 61 -4.41 -0.06 -5.32
CA LEU A 61 -4.79 -0.57 -4.00
C LEU A 61 -3.70 -1.46 -3.41
N VAL A 62 -3.60 -1.47 -2.09
CA VAL A 62 -2.61 -2.29 -1.40
C VAL A 62 -3.16 -2.86 -0.11
N PRO A 63 -3.01 -4.18 0.07
CA PRO A 63 -3.49 -4.88 1.26
C PRO A 63 -2.68 -4.52 2.51
N SER A 64 -3.33 -3.84 3.45
CA SER A 64 -2.67 -3.44 4.69
C SER A 64 -2.08 -4.65 5.41
N ASN A 65 -2.54 -5.83 5.04
CA ASN A 65 -2.06 -7.06 5.65
C ASN A 65 -0.70 -7.47 5.07
N PHE A 66 -0.17 -6.62 4.20
CA PHE A 66 1.12 -6.89 3.58
C PHE A 66 2.05 -5.69 3.73
N LEU A 67 1.63 -4.71 4.53
CA LEU A 67 2.43 -3.51 4.75
C LEU A 67 2.63 -3.27 6.25
N GLU A 68 3.48 -2.30 6.57
CA GLU A 68 3.75 -1.96 7.97
C GLU A 68 4.26 -0.53 8.09
N GLU A 69 3.64 0.25 8.97
CA GLU A 69 4.03 1.63 9.18
C GLU A 69 5.54 1.75 9.41
N VAL A 70 6.19 2.59 8.63
CA VAL A 70 7.63 2.79 8.75
C VAL A 70 7.96 3.85 9.80
N SER A 71 9.03 3.62 10.55
CA SER A 71 9.44 4.55 11.59
C SER A 71 10.96 4.71 11.59
N GLY A 72 11.43 5.85 11.10
CA GLY A 72 12.85 6.11 11.06
C GLY A 72 13.35 6.86 12.28
N PRO A 73 14.66 6.81 12.52
CA PRO A 73 15.28 7.49 13.66
C PRO A 73 15.27 9.00 13.53
N SER A 74 14.67 9.68 14.50
CA SER A 74 14.59 11.13 14.48
C SER A 74 15.88 11.75 13.94
N SER A 75 15.80 12.30 12.73
CA SER A 75 16.96 12.90 12.10
C SER A 75 17.41 14.14 12.87
N GLY A 76 18.70 14.45 12.77
CA GLY A 76 19.24 15.60 13.47
C GLY A 76 20.58 16.05 12.91
N GLY A 1 -0.84 27.39 -1.68
CA GLY A 1 -0.40 26.01 -1.66
C GLY A 1 0.13 25.59 -0.30
N SER A 2 0.66 24.38 -0.23
CA SER A 2 1.20 23.85 1.02
C SER A 2 2.56 23.20 0.79
N SER A 3 3.18 22.75 1.88
CA SER A 3 4.49 22.11 1.80
C SER A 3 4.53 20.83 2.64
N GLY A 4 5.51 19.98 2.37
CA GLY A 4 5.63 18.73 3.11
C GLY A 4 5.24 17.53 2.28
N SER A 5 4.77 16.48 2.96
CA SER A 5 4.36 15.26 2.28
C SER A 5 3.06 14.71 2.88
N SER A 6 2.32 13.96 2.07
CA SER A 6 1.05 13.39 2.50
C SER A 6 1.13 11.86 2.53
N GLY A 7 0.16 11.25 3.21
CA GLY A 7 0.14 9.80 3.30
C GLY A 7 1.29 9.24 4.10
N ARG A 8 1.22 7.96 4.44
CA ARG A 8 2.27 7.31 5.22
C ARG A 8 3.04 6.31 4.38
N ARG A 9 4.35 6.23 4.61
CA ARG A 9 5.20 5.31 3.87
C ARG A 9 5.28 3.96 4.55
N MET A 10 4.54 2.99 4.02
CA MET A 10 4.52 1.64 4.59
C MET A 10 5.58 0.77 3.94
N VAL A 11 6.11 -0.19 4.69
CA VAL A 11 7.13 -1.10 4.19
C VAL A 11 6.57 -2.50 4.00
N ALA A 12 6.49 -2.94 2.74
CA ALA A 12 5.98 -4.26 2.43
C ALA A 12 6.64 -5.32 3.29
N LEU A 13 5.83 -6.11 3.98
CA LEU A 13 6.34 -7.18 4.85
C LEU A 13 6.60 -8.44 4.04
N TYR A 14 5.88 -8.61 2.94
CA TYR A 14 6.04 -9.78 2.09
C TYR A 14 5.71 -9.45 0.64
N ASP A 15 5.87 -10.43 -0.24
CA ASP A 15 5.60 -10.24 -1.66
C ASP A 15 4.11 -10.45 -1.96
N TYR A 16 3.47 -9.40 -2.47
CA TYR A 16 2.05 -9.46 -2.79
C TYR A 16 1.83 -9.69 -4.29
N ASP A 17 0.72 -10.30 -4.63
CA ASP A 17 0.39 -10.58 -6.03
C ASP A 17 -1.12 -10.70 -6.22
N PRO A 18 -1.71 -9.65 -6.83
CA PRO A 18 -3.16 -9.61 -7.09
C PRO A 18 -3.57 -10.61 -8.17
N ARG A 19 -2.62 -11.40 -8.65
CA ARG A 19 -2.89 -12.39 -9.68
C ARG A 19 -3.11 -13.76 -9.07
N GLU A 20 -2.57 -13.96 -7.87
CA GLU A 20 -2.71 -15.24 -7.17
C GLU A 20 -3.36 -15.05 -5.81
N SER A 21 -2.99 -13.97 -5.12
CA SER A 21 -3.55 -13.67 -3.81
C SER A 21 -4.99 -13.19 -3.92
N SER A 22 -5.20 -12.20 -4.78
CA SER A 22 -6.54 -11.65 -4.98
C SER A 22 -7.37 -12.54 -5.90
N PRO A 23 -8.69 -12.56 -5.66
CA PRO A 23 -9.62 -13.36 -6.45
C PRO A 23 -9.79 -12.84 -7.87
N ASN A 24 -8.93 -11.89 -8.24
CA ASN A 24 -8.99 -11.30 -9.58
C ASN A 24 -10.15 -10.32 -9.69
N VAL A 25 -10.27 -9.43 -8.70
CA VAL A 25 -11.34 -8.45 -8.69
C VAL A 25 -10.81 -7.06 -9.04
N ASP A 26 -10.82 -6.74 -10.33
CA ASP A 26 -10.34 -5.44 -10.80
C ASP A 26 -8.85 -5.27 -10.50
N VAL A 27 -8.12 -6.38 -10.46
CA VAL A 27 -6.70 -6.36 -10.18
C VAL A 27 -5.99 -5.31 -11.03
N GLU A 28 -6.60 -4.97 -12.17
CA GLU A 28 -6.03 -3.98 -13.07
C GLU A 28 -5.75 -2.66 -12.33
N ALA A 29 -6.34 -2.52 -11.16
CA ALA A 29 -6.17 -1.32 -10.35
C ALA A 29 -5.24 -1.57 -9.17
N GLU A 30 -5.27 -2.81 -8.66
CA GLU A 30 -4.42 -3.19 -7.52
C GLU A 30 -2.94 -3.02 -7.87
N LEU A 31 -2.13 -2.84 -6.85
CA LEU A 31 -0.69 -2.67 -7.03
C LEU A 31 0.06 -3.96 -6.72
N THR A 32 1.09 -4.25 -7.51
CA THR A 32 1.89 -5.45 -7.32
C THR A 32 3.29 -5.11 -6.84
N PHE A 33 3.51 -5.20 -5.53
CA PHE A 33 4.81 -4.89 -4.95
C PHE A 33 5.46 -6.16 -4.39
N CYS A 34 6.64 -6.01 -3.82
CA CYS A 34 7.38 -7.14 -3.25
C CYS A 34 7.80 -6.84 -1.82
N THR A 35 8.44 -7.83 -1.19
CA THR A 35 8.89 -7.67 0.19
C THR A 35 9.86 -6.50 0.33
N GLY A 36 9.50 -5.54 1.17
CA GLY A 36 10.34 -4.38 1.37
C GLY A 36 9.83 -3.15 0.64
N ASP A 37 9.46 -3.33 -0.62
CA ASP A 37 8.94 -2.23 -1.43
C ASP A 37 8.12 -1.27 -0.58
N ILE A 38 8.53 0.00 -0.57
CA ILE A 38 7.84 1.02 0.19
C ILE A 38 6.68 1.62 -0.59
N ILE A 39 5.53 1.75 0.05
CA ILE A 39 4.34 2.31 -0.60
C ILE A 39 3.73 3.41 0.26
N THR A 40 3.31 4.50 -0.39
CA THR A 40 2.69 5.62 0.31
C THR A 40 1.16 5.52 0.25
N VAL A 41 0.57 5.02 1.33
CA VAL A 41 -0.89 4.89 1.39
C VAL A 41 -1.54 6.22 1.76
N PHE A 42 -2.79 6.39 1.33
CA PHE A 42 -3.53 7.62 1.61
C PHE A 42 -4.96 7.31 2.06
N GLY A 43 -5.31 7.77 3.26
CA GLY A 43 -6.64 7.52 3.78
C GLY A 43 -6.70 6.28 4.64
N GLU A 44 -7.88 5.98 5.17
CA GLU A 44 -8.07 4.81 6.02
C GLU A 44 -8.50 3.61 5.19
N ILE A 45 -8.38 2.42 5.78
CA ILE A 45 -8.75 1.19 5.10
C ILE A 45 -10.14 1.29 4.49
N ASP A 46 -10.24 1.02 3.19
CA ASP A 46 -11.51 1.08 2.49
C ASP A 46 -12.56 0.20 3.17
N GLU A 47 -13.77 0.19 2.62
CA GLU A 47 -14.85 -0.61 3.18
C GLU A 47 -14.53 -2.09 3.10
N ASP A 48 -13.88 -2.50 2.01
CA ASP A 48 -13.52 -3.89 1.81
C ASP A 48 -12.41 -4.31 2.77
N GLY A 49 -11.28 -3.59 2.72
CA GLY A 49 -10.16 -3.90 3.58
C GLY A 49 -8.83 -3.71 2.89
N PHE A 50 -8.73 -2.66 2.08
CA PHE A 50 -7.50 -2.36 1.37
C PHE A 50 -7.11 -0.89 1.53
N TYR A 51 -5.91 -0.55 1.08
CA TYR A 51 -5.42 0.82 1.18
C TYR A 51 -5.19 1.41 -0.21
N TYR A 52 -5.13 2.74 -0.27
CA TYR A 52 -4.92 3.43 -1.54
C TYR A 52 -3.63 4.25 -1.50
N GLY A 53 -2.57 3.71 -2.11
CA GLY A 53 -1.30 4.38 -2.13
C GLY A 53 -0.67 4.39 -3.51
N GLU A 54 0.48 5.04 -3.63
CA GLU A 54 1.19 5.11 -4.91
C GLU A 54 2.52 4.36 -4.85
N LEU A 55 2.94 3.84 -6.00
CA LEU A 55 4.19 3.09 -6.08
C LEU A 55 4.77 3.14 -7.49
N ASN A 56 6.09 3.27 -7.58
CA ASN A 56 6.76 3.32 -8.88
C ASN A 56 5.96 4.18 -9.87
N GLY A 57 5.34 5.24 -9.37
CA GLY A 57 4.56 6.11 -10.21
C GLY A 57 3.25 5.49 -10.64
N GLN A 58 2.66 4.69 -9.76
CA GLN A 58 1.40 4.02 -10.05
C GLN A 58 0.44 4.13 -8.87
N LYS A 59 -0.81 4.46 -9.16
CA LYS A 59 -1.83 4.59 -8.12
C LYS A 59 -2.82 3.43 -8.17
N GLY A 60 -2.97 2.73 -7.04
CA GLY A 60 -3.88 1.61 -6.99
C GLY A 60 -4.26 1.24 -5.56
N LEU A 61 -4.49 -0.05 -5.33
CA LEU A 61 -4.86 -0.53 -4.01
C LEU A 61 -3.79 -1.47 -3.46
N VAL A 62 -3.70 -1.54 -2.13
CA VAL A 62 -2.72 -2.40 -1.48
C VAL A 62 -3.28 -2.99 -0.19
N PRO A 63 -3.06 -4.30 0.00
CA PRO A 63 -3.53 -5.01 1.20
C PRO A 63 -2.78 -4.61 2.45
N SER A 64 -3.51 -4.09 3.44
CA SER A 64 -2.91 -3.66 4.69
C SER A 64 -2.25 -4.83 5.41
N ASN A 65 -2.57 -6.04 4.97
CA ASN A 65 -2.01 -7.25 5.57
C ASN A 65 -0.62 -7.53 5.01
N PHE A 66 -0.14 -6.65 4.14
CA PHE A 66 1.18 -6.81 3.53
C PHE A 66 2.01 -5.54 3.70
N LEU A 67 1.64 -4.72 4.67
CA LEU A 67 2.34 -3.48 4.93
C LEU A 67 2.48 -3.23 6.43
N GLU A 68 3.43 -2.38 6.81
CA GLU A 68 3.66 -2.06 8.21
C GLU A 68 4.23 -0.65 8.37
N GLU A 69 3.53 0.18 9.14
CA GLU A 69 3.97 1.55 9.36
C GLU A 69 5.47 1.61 9.62
N VAL A 70 6.17 2.45 8.87
CA VAL A 70 7.61 2.60 9.02
C VAL A 70 7.94 3.62 10.10
N SER A 71 8.99 3.33 10.88
CA SER A 71 9.41 4.22 11.95
C SER A 71 10.92 4.40 11.95
N GLY A 72 11.39 5.49 12.53
CA GLY A 72 12.82 5.75 12.59
C GLY A 72 13.14 7.10 13.22
N PRO A 73 14.30 7.18 13.89
CA PRO A 73 14.75 8.40 14.55
C PRO A 73 15.13 9.50 13.56
N SER A 74 14.21 10.42 13.30
CA SER A 74 14.45 11.52 12.37
C SER A 74 15.57 12.41 12.87
N SER A 75 15.40 12.95 14.07
CA SER A 75 16.40 13.83 14.66
C SER A 75 17.41 13.03 15.49
N GLY A 76 18.70 13.30 15.26
CA GLY A 76 19.74 12.61 15.99
C GLY A 76 20.24 11.38 15.26
N GLY A 1 -11.28 24.30 1.46
CA GLY A 1 -11.13 24.61 2.88
C GLY A 1 -9.93 23.91 3.50
N SER A 2 -10.15 22.70 4.00
CA SER A 2 -9.09 21.92 4.62
C SER A 2 -8.93 20.56 3.96
N SER A 3 -7.75 20.33 3.38
CA SER A 3 -7.48 19.06 2.70
C SER A 3 -6.29 18.35 3.34
N GLY A 4 -6.46 17.05 3.57
CA GLY A 4 -5.38 16.27 4.18
C GLY A 4 -4.18 16.14 3.27
N SER A 5 -4.41 15.68 2.04
CA SER A 5 -3.34 15.49 1.07
C SER A 5 -2.07 14.99 1.76
N SER A 6 -2.24 14.04 2.68
CA SER A 6 -1.11 13.48 3.41
C SER A 6 -1.18 11.95 3.43
N GLY A 7 -0.02 11.30 3.37
CA GLY A 7 0.03 9.86 3.39
C GLY A 7 1.21 9.32 4.17
N ARG A 8 1.18 8.03 4.48
CA ARG A 8 2.27 7.39 5.23
C ARG A 8 2.99 6.38 4.37
N ARG A 9 4.28 6.18 4.63
CA ARG A 9 5.09 5.23 3.89
C ARG A 9 5.13 3.88 4.58
N MET A 10 4.49 2.88 3.99
CA MET A 10 4.46 1.54 4.56
C MET A 10 5.48 0.64 3.89
N VAL A 11 6.00 -0.33 4.64
CA VAL A 11 7.00 -1.25 4.12
C VAL A 11 6.40 -2.64 3.91
N ALA A 12 6.40 -3.09 2.65
CA ALA A 12 5.86 -4.40 2.31
C ALA A 12 6.50 -5.50 3.15
N LEU A 13 5.68 -6.17 3.95
CA LEU A 13 6.17 -7.24 4.81
C LEU A 13 6.45 -8.51 4.00
N TYR A 14 5.59 -8.78 3.02
CA TYR A 14 5.75 -9.95 2.17
C TYR A 14 5.35 -9.64 0.73
N ASP A 15 6.09 -10.19 -0.21
CA ASP A 15 5.81 -9.98 -1.63
C ASP A 15 4.35 -10.25 -1.95
N TYR A 16 3.65 -9.23 -2.43
CA TYR A 16 2.24 -9.36 -2.77
C TYR A 16 2.06 -9.65 -4.26
N ASP A 17 0.91 -10.21 -4.61
CA ASP A 17 0.61 -10.54 -6.00
C ASP A 17 -0.90 -10.65 -6.22
N PRO A 18 -1.48 -9.64 -6.86
CA PRO A 18 -2.92 -9.59 -7.15
C PRO A 18 -3.32 -10.62 -8.20
N ARG A 19 -2.36 -11.39 -8.68
CA ARG A 19 -2.62 -12.41 -9.70
C ARG A 19 -2.89 -13.76 -9.04
N GLU A 20 -2.33 -13.97 -7.86
CA GLU A 20 -2.50 -15.21 -7.14
C GLU A 20 -3.29 -14.99 -5.85
N SER A 21 -2.84 -14.01 -5.06
CA SER A 21 -3.51 -13.69 -3.80
C SER A 21 -4.94 -13.23 -4.03
N SER A 22 -5.09 -12.13 -4.75
CA SER A 22 -6.41 -11.59 -5.05
C SER A 22 -7.17 -12.49 -6.01
N PRO A 23 -8.50 -12.53 -5.85
CA PRO A 23 -9.39 -13.36 -6.68
C PRO A 23 -9.47 -12.84 -8.11
N ASN A 24 -8.63 -11.86 -8.43
CA ASN A 24 -8.61 -11.28 -9.78
C ASN A 24 -9.82 -10.35 -9.97
N VAL A 25 -10.03 -9.46 -9.01
CA VAL A 25 -11.13 -8.51 -9.08
C VAL A 25 -10.64 -7.13 -9.46
N ASP A 26 -10.60 -6.85 -10.76
CA ASP A 26 -10.16 -5.56 -11.26
C ASP A 26 -8.71 -5.30 -10.87
N VAL A 27 -7.94 -6.37 -10.67
CA VAL A 27 -6.55 -6.26 -10.29
C VAL A 27 -5.84 -5.19 -11.12
N GLU A 28 -6.37 -4.92 -12.30
CA GLU A 28 -5.78 -3.92 -13.19
C GLU A 28 -5.46 -2.64 -12.42
N ALA A 29 -6.13 -2.46 -11.28
CA ALA A 29 -5.91 -1.28 -10.45
C ALA A 29 -5.00 -1.59 -9.26
N GLU A 30 -5.09 -2.82 -8.77
CA GLU A 30 -4.28 -3.26 -7.64
C GLU A 30 -2.80 -3.06 -7.93
N LEU A 31 -2.02 -2.81 -6.88
CA LEU A 31 -0.59 -2.60 -7.02
C LEU A 31 0.19 -3.87 -6.68
N THR A 32 1.17 -4.21 -7.51
CA THR A 32 1.97 -5.40 -7.30
C THR A 32 3.37 -5.03 -6.78
N PHE A 33 3.52 -5.07 -5.46
CA PHE A 33 4.80 -4.74 -4.83
C PHE A 33 5.51 -6.00 -4.36
N CYS A 34 6.70 -5.82 -3.79
CA CYS A 34 7.48 -6.95 -3.29
C CYS A 34 7.93 -6.71 -1.85
N THR A 35 8.39 -7.77 -1.19
CA THR A 35 8.84 -7.68 0.19
C THR A 35 9.86 -6.56 0.36
N GLY A 36 9.49 -5.52 1.10
CA GLY A 36 10.39 -4.41 1.32
C GLY A 36 9.96 -3.16 0.57
N ASP A 37 9.40 -3.35 -0.61
CA ASP A 37 8.95 -2.23 -1.43
C ASP A 37 8.08 -1.28 -0.62
N ILE A 38 8.50 -0.02 -0.54
CA ILE A 38 7.76 0.99 0.21
C ILE A 38 6.60 1.54 -0.62
N ILE A 39 5.51 1.86 0.06
CA ILE A 39 4.33 2.40 -0.61
C ILE A 39 3.67 3.49 0.22
N THR A 40 3.33 4.61 -0.41
CA THR A 40 2.70 5.72 0.27
C THR A 40 1.18 5.60 0.22
N VAL A 41 0.59 5.14 1.32
CA VAL A 41 -0.87 4.98 1.40
C VAL A 41 -1.54 6.29 1.80
N PHE A 42 -2.77 6.49 1.33
CA PHE A 42 -3.51 7.69 1.63
C PHE A 42 -4.93 7.36 2.11
N GLY A 43 -5.28 7.85 3.29
CA GLY A 43 -6.60 7.59 3.85
C GLY A 43 -6.64 6.31 4.67
N GLU A 44 -7.79 6.03 5.26
CA GLU A 44 -7.95 4.85 6.09
C GLU A 44 -8.40 3.66 5.24
N ILE A 45 -8.45 2.48 5.85
CA ILE A 45 -8.86 1.27 5.16
C ILE A 45 -10.30 1.38 4.66
N ASP A 46 -10.49 1.17 3.37
CA ASP A 46 -11.81 1.24 2.77
C ASP A 46 -12.76 0.23 3.41
N GLU A 47 -13.98 0.15 2.88
CA GLU A 47 -14.97 -0.78 3.40
C GLU A 47 -14.54 -2.22 3.19
N ASP A 48 -13.89 -2.48 2.05
CA ASP A 48 -13.43 -3.83 1.74
C ASP A 48 -12.34 -4.27 2.71
N GLY A 49 -11.22 -3.54 2.71
CA GLY A 49 -10.12 -3.87 3.60
C GLY A 49 -8.77 -3.66 2.94
N PHE A 50 -8.67 -2.65 2.09
CA PHE A 50 -7.42 -2.35 1.39
C PHE A 50 -7.04 -0.89 1.56
N TYR A 51 -5.85 -0.54 1.10
CA TYR A 51 -5.36 0.83 1.20
C TYR A 51 -5.11 1.43 -0.19
N TYR A 52 -5.15 2.74 -0.28
CA TYR A 52 -4.93 3.44 -1.55
C TYR A 52 -3.63 4.22 -1.51
N GLY A 53 -2.59 3.67 -2.13
CA GLY A 53 -1.30 4.34 -2.16
C GLY A 53 -0.70 4.38 -3.55
N GLU A 54 0.50 4.94 -3.67
CA GLU A 54 1.18 5.03 -4.95
C GLU A 54 2.52 4.31 -4.92
N LEU A 55 2.80 3.55 -5.97
CA LEU A 55 4.04 2.80 -6.07
C LEU A 55 4.62 2.88 -7.48
N ASN A 56 5.94 3.01 -7.56
CA ASN A 56 6.61 3.10 -8.84
C ASN A 56 5.87 4.02 -9.79
N GLY A 57 5.30 5.08 -9.24
CA GLY A 57 4.55 6.03 -10.05
C GLY A 57 3.22 5.47 -10.52
N GLN A 58 2.62 4.62 -9.71
CA GLN A 58 1.34 4.01 -10.06
C GLN A 58 0.36 4.10 -8.88
N LYS A 59 -0.88 4.50 -9.18
CA LYS A 59 -1.89 4.63 -8.15
C LYS A 59 -2.85 3.43 -8.18
N GLY A 60 -2.97 2.75 -7.06
CA GLY A 60 -3.85 1.59 -6.98
C GLY A 60 -4.22 1.24 -5.56
N LEU A 61 -4.41 -0.05 -5.30
CA LEU A 61 -4.78 -0.52 -3.96
C LEU A 61 -3.68 -1.40 -3.37
N VAL A 62 -3.64 -1.48 -2.05
CA VAL A 62 -2.64 -2.29 -1.37
C VAL A 62 -3.20 -2.88 -0.07
N PRO A 63 -3.07 -4.20 0.09
CA PRO A 63 -3.55 -4.92 1.28
C PRO A 63 -2.74 -4.58 2.52
N SER A 64 -3.38 -3.93 3.49
CA SER A 64 -2.71 -3.55 4.73
C SER A 64 -2.11 -4.77 5.41
N ASN A 65 -2.64 -5.95 5.09
CA ASN A 65 -2.15 -7.19 5.67
C ASN A 65 -0.79 -7.56 5.11
N PHE A 66 -0.29 -6.74 4.19
CA PHE A 66 1.01 -6.98 3.57
C PHE A 66 1.90 -5.74 3.68
N LEU A 67 1.58 -4.88 4.64
CA LEU A 67 2.36 -3.66 4.84
C LEU A 67 2.60 -3.42 6.34
N GLU A 68 3.41 -2.40 6.64
CA GLU A 68 3.72 -2.07 8.02
C GLU A 68 4.23 -0.63 8.13
N GLU A 69 3.50 0.19 8.87
CA GLU A 69 3.87 1.59 9.06
C GLU A 69 5.35 1.72 9.40
N VAL A 70 6.12 2.32 8.50
CA VAL A 70 7.55 2.49 8.69
C VAL A 70 7.83 3.45 9.86
N SER A 71 8.69 3.01 10.77
CA SER A 71 9.04 3.82 11.93
C SER A 71 10.38 3.38 12.52
N GLY A 72 11.35 4.29 12.50
CA GLY A 72 12.66 3.98 13.03
C GLY A 72 13.00 4.80 14.26
N PRO A 73 14.30 4.94 14.55
CA PRO A 73 14.78 5.70 15.70
C PRO A 73 14.57 7.20 15.54
N SER A 74 14.49 7.91 16.66
CA SER A 74 14.28 9.36 16.64
C SER A 74 15.61 10.10 16.60
N SER A 75 16.13 10.31 15.40
CA SER A 75 17.40 11.01 15.23
C SER A 75 17.40 12.33 15.98
N GLY A 76 16.37 13.14 15.75
CA GLY A 76 16.27 14.43 16.43
C GLY A 76 15.11 15.26 15.91
N GLY A 1 3.77 25.48 1.21
CA GLY A 1 4.27 24.60 2.25
C GLY A 1 3.59 23.24 2.22
N SER A 2 4.35 22.20 2.55
CA SER A 2 3.82 20.84 2.56
C SER A 2 2.52 20.76 3.37
N SER A 3 1.40 20.87 2.68
CA SER A 3 0.09 20.83 3.33
C SER A 3 -0.92 20.05 2.47
N GLY A 4 -2.04 19.69 3.09
CA GLY A 4 -3.06 18.95 2.37
C GLY A 4 -3.17 17.51 2.81
N SER A 5 -3.38 16.61 1.86
CA SER A 5 -3.50 15.19 2.16
C SER A 5 -2.13 14.56 2.38
N SER A 6 -1.78 14.34 3.64
CA SER A 6 -0.49 13.75 3.98
C SER A 6 -0.62 12.24 4.17
N GLY A 7 0.01 11.48 3.28
CA GLY A 7 -0.04 10.04 3.35
C GLY A 7 1.08 9.46 4.20
N ARG A 8 1.07 8.14 4.37
CA ARG A 8 2.09 7.47 5.16
C ARG A 8 2.84 6.45 4.33
N ARG A 9 4.13 6.28 4.62
CA ARG A 9 4.96 5.33 3.89
C ARG A 9 4.98 3.97 4.58
N MET A 10 4.48 2.96 3.90
CA MET A 10 4.45 1.61 4.44
C MET A 10 5.51 0.72 3.79
N VAL A 11 5.97 -0.29 4.53
CA VAL A 11 6.98 -1.20 4.03
C VAL A 11 6.41 -2.60 3.83
N ALA A 12 6.39 -3.06 2.58
CA ALA A 12 5.87 -4.38 2.26
C ALA A 12 6.51 -5.45 3.14
N LEU A 13 5.68 -6.13 3.92
CA LEU A 13 6.17 -7.18 4.81
C LEU A 13 6.39 -8.48 4.05
N TYR A 14 5.60 -8.69 3.00
CA TYR A 14 5.71 -9.90 2.18
C TYR A 14 5.35 -9.61 0.73
N ASP A 15 5.92 -10.38 -0.18
CA ASP A 15 5.66 -10.21 -1.61
C ASP A 15 4.19 -10.45 -1.92
N TYR A 16 3.52 -9.42 -2.41
CA TYR A 16 2.10 -9.53 -2.75
C TYR A 16 1.92 -9.83 -4.23
N ASP A 17 0.70 -10.24 -4.60
CA ASP A 17 0.39 -10.57 -5.98
C ASP A 17 -1.11 -10.69 -6.19
N PRO A 18 -1.70 -9.67 -6.83
CA PRO A 18 -3.14 -9.64 -7.10
C PRO A 18 -3.55 -10.66 -8.16
N ARG A 19 -2.59 -11.46 -8.62
CA ARG A 19 -2.85 -12.47 -9.63
C ARG A 19 -3.20 -13.81 -8.97
N GLU A 20 -2.65 -14.04 -7.78
CA GLU A 20 -2.90 -15.28 -7.05
C GLU A 20 -3.73 -15.01 -5.80
N SER A 21 -3.28 -14.07 -5.00
CA SER A 21 -3.99 -13.72 -3.76
C SER A 21 -5.38 -13.18 -4.07
N SER A 22 -5.44 -12.14 -4.88
CA SER A 22 -6.71 -11.53 -5.25
C SER A 22 -7.49 -12.43 -6.21
N PRO A 23 -8.82 -12.45 -6.05
CA PRO A 23 -9.71 -13.25 -6.89
C PRO A 23 -9.78 -12.74 -8.32
N ASN A 24 -8.89 -11.82 -8.66
CA ASN A 24 -8.84 -11.25 -10.00
C ASN A 24 -9.99 -10.25 -10.20
N VAL A 25 -10.18 -9.38 -9.21
CA VAL A 25 -11.23 -8.38 -9.28
C VAL A 25 -10.67 -7.01 -9.64
N ASP A 26 -10.61 -6.72 -10.94
CA ASP A 26 -10.10 -5.45 -11.42
C ASP A 26 -8.65 -5.25 -10.97
N VAL A 27 -7.93 -6.35 -10.82
CA VAL A 27 -6.54 -6.29 -10.39
C VAL A 27 -5.77 -5.20 -11.15
N GLU A 28 -6.25 -4.88 -12.34
CA GLU A 28 -5.60 -3.86 -13.17
C GLU A 28 -5.32 -2.60 -12.35
N ALA A 29 -6.05 -2.44 -11.25
CA ALA A 29 -5.87 -1.28 -10.38
C ALA A 29 -4.97 -1.63 -9.20
N GLU A 30 -5.07 -2.86 -8.71
CA GLU A 30 -4.27 -3.31 -7.58
C GLU A 30 -2.79 -3.07 -7.84
N LEU A 31 -2.03 -2.87 -6.77
CA LEU A 31 -0.60 -2.63 -6.88
C LEU A 31 0.20 -3.90 -6.55
N THR A 32 1.13 -4.24 -7.43
CA THR A 32 1.96 -5.43 -7.24
C THR A 32 3.33 -5.06 -6.66
N PHE A 33 3.46 -5.15 -5.35
CA PHE A 33 4.71 -4.82 -4.69
C PHE A 33 5.42 -6.08 -4.20
N CYS A 34 6.64 -5.92 -3.70
CA CYS A 34 7.42 -7.05 -3.20
C CYS A 34 7.98 -6.76 -1.82
N THR A 35 8.46 -7.80 -1.14
CA THR A 35 9.02 -7.65 0.19
C THR A 35 9.96 -6.44 0.27
N GLY A 36 9.60 -5.49 1.11
CA GLY A 36 10.42 -4.30 1.26
C GLY A 36 9.86 -3.10 0.52
N ASP A 37 9.43 -3.32 -0.72
CA ASP A 37 8.87 -2.25 -1.54
C ASP A 37 8.03 -1.31 -0.68
N ILE A 38 8.43 -0.03 -0.67
CA ILE A 38 7.72 0.98 0.11
C ILE A 38 6.55 1.55 -0.68
N ILE A 39 5.39 1.65 -0.03
CA ILE A 39 4.19 2.18 -0.66
C ILE A 39 3.54 3.25 0.20
N THR A 40 3.24 4.40 -0.40
CA THR A 40 2.62 5.50 0.33
C THR A 40 1.10 5.42 0.23
N VAL A 41 0.47 4.94 1.30
CA VAL A 41 -0.98 4.82 1.34
C VAL A 41 -1.64 6.14 1.74
N PHE A 42 -2.86 6.36 1.26
CA PHE A 42 -3.59 7.57 1.57
C PHE A 42 -4.98 7.25 2.13
N GLY A 43 -5.32 7.85 3.26
CA GLY A 43 -6.62 7.61 3.87
C GLY A 43 -6.65 6.34 4.69
N GLU A 44 -7.81 6.02 5.25
CA GLU A 44 -7.97 4.82 6.06
C GLU A 44 -8.36 3.62 5.20
N ILE A 45 -8.37 2.44 5.81
CA ILE A 45 -8.74 1.23 5.09
C ILE A 45 -10.13 1.34 4.49
N ASP A 46 -10.23 1.13 3.18
CA ASP A 46 -11.50 1.20 2.49
C ASP A 46 -12.53 0.29 3.15
N GLU A 47 -13.75 0.30 2.61
CA GLU A 47 -14.83 -0.53 3.15
C GLU A 47 -14.47 -2.01 3.07
N ASP A 48 -13.90 -2.41 1.94
CA ASP A 48 -13.52 -3.81 1.74
C ASP A 48 -12.44 -4.22 2.74
N GLY A 49 -11.28 -3.56 2.66
CA GLY A 49 -10.19 -3.88 3.57
C GLY A 49 -8.83 -3.70 2.92
N PHE A 50 -8.71 -2.67 2.09
CA PHE A 50 -7.45 -2.39 1.40
C PHE A 50 -7.06 -0.93 1.54
N TYR A 51 -5.83 -0.60 1.14
CA TYR A 51 -5.34 0.77 1.22
C TYR A 51 -5.09 1.34 -0.16
N TYR A 52 -5.18 2.66 -0.27
CA TYR A 52 -4.96 3.33 -1.55
C TYR A 52 -3.69 4.16 -1.52
N GLY A 53 -2.60 3.59 -2.04
CA GLY A 53 -1.33 4.29 -2.06
C GLY A 53 -0.74 4.37 -3.46
N GLU A 54 0.50 4.86 -3.55
CA GLU A 54 1.17 4.99 -4.84
C GLU A 54 2.52 4.30 -4.81
N LEU A 55 2.85 3.61 -5.90
CA LEU A 55 4.11 2.90 -6.01
C LEU A 55 4.74 3.10 -7.39
N ASN A 56 6.05 3.23 -7.42
CA ASN A 56 6.77 3.43 -8.68
C ASN A 56 5.97 4.30 -9.64
N GLY A 57 5.30 5.32 -9.09
CA GLY A 57 4.51 6.21 -9.91
C GLY A 57 3.23 5.56 -10.39
N GLN A 58 2.61 4.75 -9.54
CA GLN A 58 1.37 4.07 -9.88
C GLN A 58 0.39 4.07 -8.71
N LYS A 59 -0.77 4.67 -8.92
CA LYS A 59 -1.80 4.74 -7.88
C LYS A 59 -2.76 3.56 -7.99
N GLY A 60 -2.87 2.81 -6.90
CA GLY A 60 -3.76 1.65 -6.88
C GLY A 60 -4.14 1.23 -5.48
N LEU A 61 -4.41 -0.05 -5.30
CA LEU A 61 -4.79 -0.59 -3.99
C LEU A 61 -3.70 -1.48 -3.44
N VAL A 62 -3.63 -1.56 -2.11
CA VAL A 62 -2.63 -2.39 -1.44
C VAL A 62 -3.16 -2.94 -0.13
N PRO A 63 -3.03 -4.26 0.05
CA PRO A 63 -3.49 -4.95 1.27
C PRO A 63 -2.65 -4.60 2.48
N SER A 64 -3.28 -3.97 3.48
CA SER A 64 -2.58 -3.57 4.69
C SER A 64 -1.83 -4.76 5.29
N ASN A 65 -2.45 -5.93 5.25
CA ASN A 65 -1.84 -7.14 5.79
C ASN A 65 -0.43 -7.34 5.23
N PHE A 66 -0.18 -6.74 4.06
CA PHE A 66 1.12 -6.86 3.42
C PHE A 66 1.89 -5.55 3.52
N LEU A 67 1.65 -4.80 4.59
CA LEU A 67 2.32 -3.53 4.82
C LEU A 67 2.53 -3.28 6.30
N GLU A 68 3.42 -2.35 6.63
CA GLU A 68 3.71 -2.01 8.02
C GLU A 68 4.26 -0.59 8.13
N GLU A 69 3.55 0.25 8.87
CA GLU A 69 3.96 1.64 9.06
C GLU A 69 5.47 1.73 9.26
N VAL A 70 6.14 2.43 8.34
CA VAL A 70 7.58 2.60 8.40
C VAL A 70 8.00 3.27 9.70
N SER A 71 9.21 2.97 10.17
CA SER A 71 9.72 3.54 11.40
C SER A 71 8.85 3.15 12.59
N GLY A 72 8.65 1.85 12.76
CA GLY A 72 7.83 1.36 13.85
C GLY A 72 8.52 0.29 14.66
N PRO A 73 7.73 -0.50 15.41
CA PRO A 73 8.26 -1.58 16.24
C PRO A 73 8.81 -2.74 15.41
N SER A 74 8.41 -2.79 14.14
CA SER A 74 8.88 -3.85 13.25
C SER A 74 10.28 -3.55 12.73
N SER A 75 10.85 -4.52 12.01
CA SER A 75 12.20 -4.37 11.47
C SER A 75 12.25 -4.85 10.02
N GLY A 76 12.63 -3.95 9.12
CA GLY A 76 12.70 -4.29 7.71
C GLY A 76 13.32 -3.19 6.88
N GLY A 1 -1.09 21.08 12.42
CA GLY A 1 -1.59 19.79 11.97
C GLY A 1 -2.43 19.88 10.71
N SER A 2 -3.72 19.57 10.84
CA SER A 2 -4.63 19.63 9.70
C SER A 2 -4.11 18.78 8.54
N SER A 3 -3.60 17.59 8.87
CA SER A 3 -3.06 16.69 7.87
C SER A 3 -4.18 15.89 7.21
N GLY A 4 -3.91 15.38 6.01
CA GLY A 4 -4.91 14.59 5.30
C GLY A 4 -4.46 14.22 3.90
N SER A 5 -4.11 15.22 3.11
CA SER A 5 -3.66 14.99 1.73
C SER A 5 -2.48 14.02 1.70
N SER A 6 -1.42 14.36 2.43
CA SER A 6 -0.22 13.53 2.47
C SER A 6 -0.55 12.16 3.06
N GLY A 7 0.31 11.18 2.76
CA GLY A 7 0.09 9.84 3.26
C GLY A 7 1.28 9.31 4.05
N ARG A 8 1.18 8.09 4.54
CA ARG A 8 2.24 7.48 5.32
C ARG A 8 2.98 6.43 4.49
N ARG A 9 4.29 6.34 4.70
CA ARG A 9 5.11 5.37 3.97
C ARG A 9 5.09 4.01 4.66
N MET A 10 4.56 3.01 3.96
CA MET A 10 4.49 1.65 4.50
C MET A 10 5.55 0.75 3.88
N VAL A 11 6.02 -0.22 4.65
CA VAL A 11 7.03 -1.15 4.16
C VAL A 11 6.45 -2.55 3.97
N ALA A 12 6.51 -3.05 2.75
CA ALA A 12 5.99 -4.37 2.43
C ALA A 12 6.70 -5.45 3.26
N LEU A 13 5.91 -6.26 3.95
CA LEU A 13 6.46 -7.33 4.78
C LEU A 13 6.75 -8.57 3.94
N TYR A 14 5.94 -8.80 2.91
CA TYR A 14 6.11 -9.94 2.04
C TYR A 14 5.70 -9.61 0.61
N ASP A 15 6.13 -10.44 -0.33
CA ASP A 15 5.79 -10.23 -1.74
C ASP A 15 4.30 -10.41 -1.98
N TYR A 16 3.69 -9.46 -2.67
CA TYR A 16 2.26 -9.52 -2.96
C TYR A 16 2.02 -9.73 -4.45
N ASP A 17 0.88 -10.35 -4.77
CA ASP A 17 0.52 -10.62 -6.15
C ASP A 17 -0.98 -10.72 -6.32
N PRO A 18 -1.59 -9.67 -6.90
CA PRO A 18 -3.03 -9.61 -7.12
C PRO A 18 -3.49 -10.59 -8.20
N ARG A 19 -2.56 -11.38 -8.71
CA ARG A 19 -2.86 -12.36 -9.74
C ARG A 19 -3.17 -13.73 -9.13
N GLU A 20 -2.48 -14.05 -8.03
CA GLU A 20 -2.68 -15.32 -7.35
C GLU A 20 -3.38 -15.11 -6.01
N SER A 21 -2.92 -14.13 -5.25
CA SER A 21 -3.50 -13.83 -3.95
C SER A 21 -4.94 -13.37 -4.09
N SER A 22 -5.14 -12.27 -4.81
CA SER A 22 -6.47 -11.73 -5.02
C SER A 22 -7.29 -12.63 -5.94
N PRO A 23 -8.61 -12.66 -5.70
CA PRO A 23 -9.54 -13.48 -6.51
C PRO A 23 -9.70 -12.95 -7.93
N ASN A 24 -8.85 -11.99 -8.30
CA ASN A 24 -8.90 -11.40 -9.63
C ASN A 24 -10.08 -10.45 -9.76
N VAL A 25 -10.25 -9.58 -8.77
CA VAL A 25 -11.34 -8.61 -8.77
C VAL A 25 -10.84 -7.22 -9.15
N ASP A 26 -10.84 -6.93 -10.44
CA ASP A 26 -10.40 -5.63 -10.94
C ASP A 26 -8.94 -5.38 -10.57
N VAL A 27 -8.16 -6.46 -10.51
CA VAL A 27 -6.74 -6.36 -10.16
C VAL A 27 -6.04 -5.31 -11.01
N GLU A 28 -6.61 -5.02 -12.18
CA GLU A 28 -6.04 -4.03 -13.09
C GLU A 28 -5.66 -2.76 -12.33
N ALA A 29 -6.32 -2.53 -11.20
CA ALA A 29 -6.05 -1.35 -10.38
C ALA A 29 -5.12 -1.69 -9.23
N GLU A 30 -5.24 -2.90 -8.70
CA GLU A 30 -4.41 -3.34 -7.59
C GLU A 30 -2.93 -3.11 -7.89
N LEU A 31 -2.14 -2.92 -6.84
CA LEU A 31 -0.70 -2.69 -6.98
C LEU A 31 0.09 -3.96 -6.70
N THR A 32 1.10 -4.21 -7.52
CA THR A 32 1.94 -5.40 -7.34
C THR A 32 3.33 -5.02 -6.83
N PHE A 33 3.52 -5.15 -5.52
CA PHE A 33 4.80 -4.82 -4.91
C PHE A 33 5.49 -6.07 -4.40
N CYS A 34 6.68 -5.89 -3.82
CA CYS A 34 7.45 -7.02 -3.30
C CYS A 34 7.90 -6.74 -1.86
N THR A 35 8.59 -7.71 -1.27
CA THR A 35 9.07 -7.57 0.10
C THR A 35 9.98 -6.35 0.24
N GLY A 36 9.64 -5.47 1.18
CA GLY A 36 10.44 -4.28 1.40
C GLY A 36 9.89 -3.07 0.65
N ASP A 37 9.54 -3.27 -0.61
CA ASP A 37 9.02 -2.19 -1.43
C ASP A 37 8.13 -1.26 -0.60
N ILE A 38 8.51 0.01 -0.55
CA ILE A 38 7.75 1.00 0.21
C ILE A 38 6.57 1.53 -0.60
N ILE A 39 5.46 1.80 0.08
CA ILE A 39 4.27 2.32 -0.59
C ILE A 39 3.59 3.38 0.27
N THR A 40 3.30 4.54 -0.33
CA THR A 40 2.65 5.63 0.37
C THR A 40 1.13 5.49 0.31
N VAL A 41 0.53 5.20 1.46
CA VAL A 41 -0.93 5.05 1.54
C VAL A 41 -1.60 6.35 1.92
N PHE A 42 -2.79 6.59 1.38
CA PHE A 42 -3.53 7.80 1.66
C PHE A 42 -4.93 7.48 2.20
N GLY A 43 -5.26 8.05 3.35
CA GLY A 43 -6.56 7.80 3.94
C GLY A 43 -6.62 6.48 4.67
N GLU A 44 -7.71 6.25 5.41
CA GLU A 44 -7.88 5.01 6.16
C GLU A 44 -8.32 3.88 5.24
N ILE A 45 -8.36 2.66 5.78
CA ILE A 45 -8.77 1.49 5.01
C ILE A 45 -10.15 1.69 4.40
N ASP A 46 -10.37 1.09 3.23
CA ASP A 46 -11.65 1.20 2.55
C ASP A 46 -12.67 0.23 3.16
N GLU A 47 -13.89 0.26 2.62
CA GLU A 47 -14.95 -0.62 3.11
C GLU A 47 -14.57 -2.08 2.95
N ASP A 48 -13.84 -2.39 1.89
CA ASP A 48 -13.41 -3.76 1.62
C ASP A 48 -12.36 -4.20 2.64
N GLY A 49 -11.23 -3.51 2.65
CA GLY A 49 -10.16 -3.85 3.58
C GLY A 49 -8.79 -3.66 2.96
N PHE A 50 -8.65 -2.65 2.11
CA PHE A 50 -7.38 -2.36 1.46
C PHE A 50 -7.01 -0.89 1.60
N TYR A 51 -5.80 -0.54 1.20
CA TYR A 51 -5.33 0.83 1.28
C TYR A 51 -5.07 1.42 -0.10
N TYR A 52 -5.15 2.74 -0.20
CA TYR A 52 -4.94 3.42 -1.47
C TYR A 52 -3.65 4.24 -1.45
N GLY A 53 -2.59 3.68 -2.04
CA GLY A 53 -1.31 4.36 -2.06
C GLY A 53 -0.68 4.34 -3.44
N GLU A 54 0.47 5.00 -3.58
CA GLU A 54 1.18 5.06 -4.85
C GLU A 54 2.47 4.24 -4.81
N LEU A 55 2.92 3.81 -5.97
CA LEU A 55 4.15 3.03 -6.07
C LEU A 55 4.69 3.02 -7.50
N ASN A 56 5.99 3.24 -7.63
CA ASN A 56 6.63 3.26 -8.94
C ASN A 56 5.81 4.08 -9.93
N GLY A 57 5.27 5.19 -9.46
CA GLY A 57 4.47 6.05 -10.32
C GLY A 57 3.15 5.41 -10.70
N GLN A 58 2.64 4.55 -9.84
CA GLN A 58 1.38 3.86 -10.09
C GLN A 58 0.45 3.97 -8.88
N LYS A 59 -0.83 4.25 -9.15
CA LYS A 59 -1.81 4.39 -8.09
C LYS A 59 -2.80 3.22 -8.11
N GLY A 60 -3.02 2.62 -6.96
CA GLY A 60 -3.94 1.50 -6.87
C GLY A 60 -4.30 1.13 -5.44
N LEU A 61 -4.50 -0.15 -5.19
CA LEU A 61 -4.85 -0.61 -3.85
C LEU A 61 -3.74 -1.51 -3.28
N VAL A 62 -3.62 -1.52 -1.95
CA VAL A 62 -2.60 -2.33 -1.29
C VAL A 62 -3.14 -2.91 0.01
N PRO A 63 -3.01 -4.24 0.16
CA PRO A 63 -3.47 -4.95 1.36
C PRO A 63 -2.63 -4.63 2.59
N SER A 64 -3.22 -3.89 3.52
CA SER A 64 -2.52 -3.51 4.75
C SER A 64 -1.83 -4.71 5.38
N ASN A 65 -2.54 -5.83 5.43
CA ASN A 65 -2.00 -7.06 6.01
C ASN A 65 -0.59 -7.32 5.50
N PHE A 66 -0.30 -6.85 4.30
CA PHE A 66 1.02 -7.04 3.71
C PHE A 66 1.95 -5.88 4.07
N LEU A 67 1.38 -4.68 4.18
CA LEU A 67 2.16 -3.50 4.52
C LEU A 67 2.25 -3.33 6.03
N GLU A 68 3.17 -2.48 6.47
CA GLU A 68 3.36 -2.22 7.89
C GLU A 68 3.91 -0.82 8.13
N GLU A 69 3.13 0.01 8.81
CA GLU A 69 3.55 1.38 9.11
C GLU A 69 5.04 1.45 9.39
N VAL A 70 5.77 2.14 8.53
CA VAL A 70 7.21 2.29 8.69
C VAL A 70 7.55 3.01 9.98
N SER A 71 8.67 2.62 10.59
CA SER A 71 9.12 3.22 11.84
C SER A 71 10.63 3.19 11.96
N GLY A 72 11.21 4.32 12.38
CA GLY A 72 12.65 4.40 12.53
C GLY A 72 13.17 5.82 12.34
N PRO A 73 14.49 5.99 12.50
CA PRO A 73 15.14 7.29 12.36
C PRO A 73 15.15 7.78 10.91
N SER A 74 15.43 9.07 10.73
CA SER A 74 15.47 9.67 9.40
C SER A 74 16.39 10.88 9.37
N SER A 75 16.63 11.40 8.18
CA SER A 75 17.50 12.57 8.01
C SER A 75 16.89 13.56 7.03
N GLY A 76 16.65 14.78 7.51
CA GLY A 76 16.07 15.80 6.66
C GLY A 76 17.12 16.65 5.97
N GLY A 1 -1.57 24.35 6.65
CA GLY A 1 -1.12 23.24 5.84
C GLY A 1 -1.35 23.48 4.36
N SER A 2 -1.24 22.41 3.56
CA SER A 2 -1.43 22.51 2.12
C SER A 2 -2.60 21.64 1.67
N SER A 3 -3.07 21.88 0.45
CA SER A 3 -4.17 21.10 -0.10
C SER A 3 -3.68 20.08 -1.11
N GLY A 4 -2.60 19.38 -0.75
CA GLY A 4 -2.05 18.37 -1.64
C GLY A 4 -2.43 16.96 -1.22
N SER A 5 -1.42 16.13 -1.00
CA SER A 5 -1.66 14.74 -0.60
C SER A 5 -0.97 14.44 0.72
N SER A 6 -1.63 13.64 1.56
CA SER A 6 -1.08 13.27 2.87
C SER A 6 -1.24 11.77 3.12
N GLY A 7 -0.13 11.05 2.98
CA GLY A 7 -0.16 9.62 3.19
C GLY A 7 0.99 9.14 4.07
N ARG A 8 1.00 7.85 4.37
CA ARG A 8 2.04 7.27 5.21
C ARG A 8 2.86 6.23 4.44
N ARG A 9 4.15 6.16 4.74
CA ARG A 9 5.04 5.21 4.07
C ARG A 9 5.00 3.86 4.75
N MET A 10 4.54 2.84 4.02
CA MET A 10 4.45 1.49 4.55
C MET A 10 5.47 0.57 3.88
N VAL A 11 6.02 -0.36 4.65
CA VAL A 11 7.01 -1.30 4.14
C VAL A 11 6.38 -2.68 3.89
N ALA A 12 6.43 -3.12 2.65
CA ALA A 12 5.88 -4.42 2.27
C ALA A 12 6.52 -5.55 3.08
N LEU A 13 5.72 -6.19 3.93
CA LEU A 13 6.22 -7.28 4.75
C LEU A 13 6.44 -8.54 3.93
N TYR A 14 5.55 -8.77 2.97
CA TYR A 14 5.65 -9.94 2.11
C TYR A 14 5.16 -9.61 0.69
N ASP A 15 5.98 -9.95 -0.30
CA ASP A 15 5.63 -9.70 -1.70
C ASP A 15 4.18 -10.05 -1.97
N TYR A 16 3.40 -9.06 -2.35
CA TYR A 16 1.98 -9.28 -2.64
C TYR A 16 1.76 -9.55 -4.12
N ASP A 17 0.67 -10.24 -4.44
CA ASP A 17 0.33 -10.57 -5.82
C ASP A 17 -1.17 -10.64 -6.01
N PRO A 18 -1.74 -9.62 -6.67
CA PRO A 18 -3.18 -9.54 -6.94
C PRO A 18 -3.63 -10.57 -7.96
N ARG A 19 -2.68 -11.36 -8.48
CA ARG A 19 -2.98 -12.37 -9.47
C ARG A 19 -3.06 -13.76 -8.82
N GLU A 20 -2.56 -13.85 -7.59
CA GLU A 20 -2.58 -15.12 -6.87
C GLU A 20 -3.42 -15.01 -5.60
N SER A 21 -3.19 -13.95 -4.83
CA SER A 21 -3.92 -13.73 -3.59
C SER A 21 -5.33 -13.24 -3.88
N SER A 22 -5.44 -12.24 -4.75
CA SER A 22 -6.74 -11.66 -5.11
C SER A 22 -7.48 -12.58 -6.08
N PRO A 23 -8.81 -12.64 -5.92
CA PRO A 23 -9.67 -13.48 -6.75
C PRO A 23 -9.76 -12.96 -8.19
N ASN A 24 -8.89 -12.01 -8.53
CA ASN A 24 -8.88 -11.43 -9.86
C ASN A 24 -10.05 -10.47 -10.04
N VAL A 25 -10.20 -9.53 -9.11
CA VAL A 25 -11.28 -8.55 -9.18
C VAL A 25 -10.74 -7.17 -9.50
N ASP A 26 -10.65 -6.86 -10.79
CA ASP A 26 -10.16 -5.56 -11.25
C ASP A 26 -8.72 -5.36 -10.81
N VAL A 27 -7.99 -6.46 -10.62
CA VAL A 27 -6.59 -6.40 -10.20
C VAL A 27 -5.83 -5.34 -10.98
N GLU A 28 -6.33 -5.04 -12.19
CA GLU A 28 -5.69 -4.04 -13.05
C GLU A 28 -5.35 -2.78 -12.26
N ALA A 29 -6.13 -2.52 -11.21
CA ALA A 29 -5.92 -1.35 -10.37
C ALA A 29 -5.00 -1.66 -9.20
N GLU A 30 -5.06 -2.90 -8.73
CA GLU A 30 -4.23 -3.34 -7.60
C GLU A 30 -2.76 -3.10 -7.90
N LEU A 31 -1.97 -2.91 -6.85
CA LEU A 31 -0.54 -2.68 -6.99
C LEU A 31 0.25 -3.94 -6.63
N THR A 32 1.13 -4.36 -7.53
CA THR A 32 1.94 -5.55 -7.31
C THR A 32 3.34 -5.17 -6.82
N PHE A 33 3.51 -5.17 -5.50
CA PHE A 33 4.79 -4.83 -4.90
C PHE A 33 5.53 -6.09 -4.43
N CYS A 34 6.70 -5.89 -3.85
CA CYS A 34 7.51 -7.00 -3.36
C CYS A 34 7.95 -6.77 -1.92
N THR A 35 8.39 -7.84 -1.25
CA THR A 35 8.84 -7.74 0.13
C THR A 35 9.86 -6.61 0.31
N GLY A 36 9.44 -5.55 0.98
CA GLY A 36 10.33 -4.42 1.20
C GLY A 36 9.88 -3.17 0.47
N ASP A 37 9.37 -3.36 -0.75
CA ASP A 37 8.90 -2.24 -1.56
C ASP A 37 8.04 -1.29 -0.72
N ILE A 38 8.49 -0.04 -0.62
CA ILE A 38 7.76 0.97 0.14
C ILE A 38 6.60 1.53 -0.66
N ILE A 39 5.49 1.79 0.02
CA ILE A 39 4.30 2.33 -0.63
C ILE A 39 3.67 3.43 0.23
N THR A 40 3.28 4.53 -0.42
CA THR A 40 2.66 5.65 0.28
C THR A 40 1.14 5.56 0.21
N VAL A 41 0.52 5.07 1.28
CA VAL A 41 -0.93 4.94 1.33
C VAL A 41 -1.59 6.26 1.71
N PHE A 42 -2.82 6.46 1.25
CA PHE A 42 -3.55 7.68 1.54
C PHE A 42 -4.97 7.36 2.00
N GLY A 43 -5.30 7.77 3.23
CA GLY A 43 -6.62 7.52 3.76
C GLY A 43 -6.68 6.26 4.61
N GLU A 44 -7.84 6.00 5.21
CA GLU A 44 -8.01 4.82 6.05
C GLU A 44 -8.42 3.61 5.21
N ILE A 45 -8.45 2.44 5.85
CA ILE A 45 -8.82 1.21 5.17
C ILE A 45 -10.26 1.28 4.65
N ASP A 46 -10.43 1.11 3.35
CA ASP A 46 -11.76 1.15 2.74
C ASP A 46 -12.68 0.10 3.37
N GLU A 47 -13.92 0.05 2.89
CA GLU A 47 -14.90 -0.90 3.41
C GLU A 47 -14.42 -2.33 3.19
N ASP A 48 -13.86 -2.59 2.01
CA ASP A 48 -13.36 -3.93 1.67
C ASP A 48 -12.25 -4.34 2.63
N GLY A 49 -11.17 -3.56 2.66
CA GLY A 49 -10.05 -3.87 3.53
C GLY A 49 -8.72 -3.66 2.85
N PHE A 50 -8.62 -2.61 2.04
CA PHE A 50 -7.38 -2.31 1.33
C PHE A 50 -7.02 -0.83 1.50
N TYR A 51 -5.80 -0.48 1.09
CA TYR A 51 -5.33 0.89 1.19
C TYR A 51 -5.08 1.49 -0.20
N TYR A 52 -5.20 2.81 -0.30
CA TYR A 52 -4.99 3.50 -1.56
C TYR A 52 -3.69 4.30 -1.54
N GLY A 53 -2.63 3.72 -2.08
CA GLY A 53 -1.34 4.39 -2.11
C GLY A 53 -0.75 4.44 -3.50
N GLU A 54 0.50 4.88 -3.60
CA GLU A 54 1.18 4.98 -4.89
C GLU A 54 2.54 4.28 -4.84
N LEU A 55 2.92 3.67 -5.95
CA LEU A 55 4.19 2.96 -6.04
C LEU A 55 4.78 3.07 -7.43
N ASN A 56 6.10 3.15 -7.52
CA ASN A 56 6.79 3.26 -8.79
C ASN A 56 6.00 4.13 -9.76
N GLY A 57 5.43 5.22 -9.25
CA GLY A 57 4.65 6.12 -10.08
C GLY A 57 3.36 5.50 -10.56
N GLN A 58 2.70 4.76 -9.68
CA GLN A 58 1.44 4.10 -10.02
C GLN A 58 0.48 4.12 -8.83
N LYS A 59 -0.74 4.59 -9.08
CA LYS A 59 -1.76 4.66 -8.03
C LYS A 59 -2.69 3.45 -8.10
N GLY A 60 -2.88 2.78 -6.97
CA GLY A 60 -3.76 1.62 -6.93
C GLY A 60 -4.15 1.26 -5.52
N LEU A 61 -4.34 -0.04 -5.29
CA LEU A 61 -4.73 -0.54 -3.97
C LEU A 61 -3.65 -1.44 -3.38
N VAL A 62 -3.55 -1.45 -2.06
CA VAL A 62 -2.56 -2.27 -1.37
C VAL A 62 -3.11 -2.82 -0.07
N PRO A 63 -2.98 -4.15 0.12
CA PRO A 63 -3.46 -4.84 1.32
C PRO A 63 -2.63 -4.47 2.55
N SER A 64 -3.29 -3.84 3.53
CA SER A 64 -2.62 -3.45 4.76
C SER A 64 -2.00 -4.65 5.46
N ASN A 65 -2.48 -5.84 5.12
CA ASN A 65 -1.98 -7.08 5.71
C ASN A 65 -0.59 -7.41 5.17
N PHE A 66 -0.19 -6.71 4.12
CA PHE A 66 1.13 -6.92 3.51
C PHE A 66 1.99 -5.67 3.62
N LEU A 67 1.73 -4.87 4.64
CA LEU A 67 2.47 -3.64 4.86
C LEU A 67 2.65 -3.37 6.36
N GLU A 68 3.58 -2.47 6.68
CA GLU A 68 3.84 -2.13 8.07
C GLU A 68 4.25 -0.65 8.20
N GLU A 69 3.46 0.11 8.95
CA GLU A 69 3.74 1.53 9.15
C GLU A 69 5.23 1.76 9.42
N VAL A 70 5.91 2.39 8.46
CA VAL A 70 7.33 2.68 8.59
C VAL A 70 7.59 3.77 9.62
N SER A 71 8.48 3.50 10.56
CA SER A 71 8.82 4.46 11.61
C SER A 71 10.31 4.71 11.66
N GLY A 72 10.79 5.60 10.80
CA GLY A 72 12.21 5.92 10.77
C GLY A 72 12.60 6.93 11.82
N PRO A 73 13.87 7.35 11.80
CA PRO A 73 14.41 8.33 12.75
C PRO A 73 13.84 9.73 12.51
N SER A 74 13.87 10.17 11.26
CA SER A 74 13.36 11.49 10.90
C SER A 74 12.11 11.83 11.70
N SER A 75 11.18 10.89 11.75
CA SER A 75 9.93 11.08 12.48
C SER A 75 9.35 12.47 12.18
N GLY A 76 9.29 12.82 10.91
CA GLY A 76 8.75 14.11 10.52
C GLY A 76 9.28 14.58 9.18
N GLY A 1 3.47 25.80 -2.50
CA GLY A 1 3.83 25.66 -3.90
C GLY A 1 3.57 24.26 -4.42
N SER A 2 4.64 23.54 -4.75
CA SER A 2 4.52 22.19 -5.27
C SER A 2 4.35 21.18 -4.15
N SER A 3 3.09 20.82 -3.87
CA SER A 3 2.78 19.86 -2.81
C SER A 3 1.74 18.86 -3.28
N GLY A 4 1.44 17.88 -2.42
CA GLY A 4 0.47 16.86 -2.76
C GLY A 4 -0.23 16.31 -1.54
N SER A 5 -1.16 15.37 -1.76
CA SER A 5 -1.91 14.76 -0.68
C SER A 5 -0.96 14.29 0.43
N SER A 6 -1.54 13.92 1.57
CA SER A 6 -0.76 13.46 2.71
C SER A 6 -0.97 11.97 2.95
N GLY A 7 0.13 11.23 3.10
CA GLY A 7 0.03 9.80 3.32
C GLY A 7 1.17 9.28 4.18
N ARG A 8 1.16 7.98 4.44
CA ARG A 8 2.19 7.35 5.26
C ARG A 8 2.96 6.31 4.45
N ARG A 9 4.28 6.26 4.66
CA ARG A 9 5.12 5.30 3.96
C ARG A 9 5.07 3.93 4.63
N MET A 10 4.54 2.95 3.92
CA MET A 10 4.44 1.59 4.45
C MET A 10 5.49 0.68 3.81
N VAL A 11 5.94 -0.33 4.56
CA VAL A 11 6.92 -1.27 4.07
C VAL A 11 6.32 -2.64 3.87
N ALA A 12 6.41 -3.15 2.64
CA ALA A 12 5.87 -4.47 2.32
C ALA A 12 6.51 -5.55 3.18
N LEU A 13 5.71 -6.17 4.04
CA LEU A 13 6.19 -7.22 4.92
C LEU A 13 6.43 -8.51 4.14
N TYR A 14 5.55 -8.79 3.19
CA TYR A 14 5.67 -10.00 2.38
C TYR A 14 5.24 -9.72 0.94
N ASP A 15 6.07 -10.14 -0.01
CA ASP A 15 5.78 -9.95 -1.42
C ASP A 15 4.31 -10.23 -1.72
N TYR A 16 3.62 -9.25 -2.28
CA TYR A 16 2.22 -9.38 -2.60
C TYR A 16 2.02 -9.71 -4.08
N ASP A 17 0.88 -10.31 -4.40
CA ASP A 17 0.58 -10.68 -5.79
C ASP A 17 -0.92 -10.85 -5.98
N PRO A 18 -1.56 -9.86 -6.64
CA PRO A 18 -3.00 -9.89 -6.90
C PRO A 18 -3.38 -10.95 -7.93
N ARG A 19 -2.37 -11.65 -8.45
CA ARG A 19 -2.61 -12.69 -9.44
C ARG A 19 -2.78 -14.05 -8.77
N GLU A 20 -2.19 -14.20 -7.59
CA GLU A 20 -2.27 -15.44 -6.85
C GLU A 20 -3.08 -15.27 -5.57
N SER A 21 -2.74 -14.25 -4.79
CA SER A 21 -3.43 -13.97 -3.53
C SER A 21 -4.86 -13.50 -3.80
N SER A 22 -4.99 -12.37 -4.48
CA SER A 22 -6.29 -11.81 -4.79
C SER A 22 -7.04 -12.71 -5.77
N PRO A 23 -8.37 -12.79 -5.59
CA PRO A 23 -9.24 -13.61 -6.44
C PRO A 23 -9.37 -13.04 -7.85
N ASN A 24 -8.52 -12.08 -8.17
CA ASN A 24 -8.55 -11.44 -9.48
C ASN A 24 -9.73 -10.49 -9.61
N VAL A 25 -9.93 -9.67 -8.57
CA VAL A 25 -11.01 -8.71 -8.55
C VAL A 25 -10.52 -7.31 -8.93
N ASP A 26 -10.63 -6.98 -10.22
CA ASP A 26 -10.19 -5.67 -10.70
C ASP A 26 -8.74 -5.41 -10.33
N VAL A 27 -7.94 -6.47 -10.29
CA VAL A 27 -6.53 -6.36 -9.95
C VAL A 27 -5.83 -5.34 -10.84
N GLU A 28 -6.39 -5.08 -12.01
CA GLU A 28 -5.83 -4.12 -12.94
C GLU A 28 -5.46 -2.83 -12.23
N ALA A 29 -6.22 -2.48 -11.20
CA ALA A 29 -5.97 -1.26 -10.44
C ALA A 29 -5.05 -1.54 -9.25
N GLU A 30 -5.13 -2.77 -8.72
CA GLU A 30 -4.32 -3.16 -7.59
C GLU A 30 -2.84 -2.95 -7.88
N LEU A 31 -2.04 -2.82 -6.83
CA LEU A 31 -0.60 -2.62 -6.97
C LEU A 31 0.17 -3.88 -6.61
N THR A 32 1.09 -4.29 -7.48
CA THR A 32 1.89 -5.48 -7.26
C THR A 32 3.28 -5.12 -6.74
N PHE A 33 3.45 -5.14 -5.43
CA PHE A 33 4.73 -4.82 -4.82
C PHE A 33 5.44 -6.09 -4.33
N CYS A 34 6.62 -5.90 -3.75
CA CYS A 34 7.40 -7.03 -3.23
C CYS A 34 7.92 -6.74 -1.83
N THR A 35 8.37 -7.80 -1.15
CA THR A 35 8.89 -7.66 0.20
C THR A 35 9.88 -6.51 0.30
N GLY A 36 9.53 -5.50 1.10
CA GLY A 36 10.40 -4.35 1.26
C GLY A 36 9.91 -3.13 0.50
N ASP A 37 9.35 -3.37 -0.69
CA ASP A 37 8.83 -2.28 -1.52
C ASP A 37 7.99 -1.32 -0.69
N ILE A 38 8.41 -0.06 -0.63
CA ILE A 38 7.69 0.95 0.12
C ILE A 38 6.52 1.51 -0.68
N ILE A 39 5.42 1.79 0.01
CA ILE A 39 4.23 2.33 -0.64
C ILE A 39 3.57 3.41 0.22
N THR A 40 3.23 4.52 -0.42
CA THR A 40 2.60 5.64 0.28
C THR A 40 1.08 5.54 0.22
N VAL A 41 0.48 5.12 1.33
CA VAL A 41 -0.98 4.99 1.40
C VAL A 41 -1.63 6.30 1.82
N PHE A 42 -2.81 6.56 1.29
CA PHE A 42 -3.55 7.78 1.62
C PHE A 42 -4.93 7.46 2.20
N GLY A 43 -5.19 7.95 3.39
CA GLY A 43 -6.47 7.70 4.04
C GLY A 43 -6.49 6.37 4.77
N GLU A 44 -7.63 6.07 5.39
CA GLU A 44 -7.78 4.82 6.12
C GLU A 44 -8.23 3.70 5.20
N ILE A 45 -8.25 2.47 5.72
CA ILE A 45 -8.65 1.31 4.95
C ILE A 45 -10.05 1.50 4.37
N ASP A 46 -10.29 0.89 3.22
CA ASP A 46 -11.61 0.99 2.56
C ASP A 46 -12.61 0.03 3.20
N GLU A 47 -13.84 0.06 2.70
CA GLU A 47 -14.89 -0.79 3.23
C GLU A 47 -14.48 -2.26 3.15
N ASP A 48 -13.89 -2.65 2.03
CA ASP A 48 -13.44 -4.03 1.83
C ASP A 48 -12.33 -4.39 2.81
N GLY A 49 -11.21 -3.68 2.71
CA GLY A 49 -10.08 -3.94 3.59
C GLY A 49 -8.75 -3.71 2.91
N PHE A 50 -8.70 -2.73 2.02
CA PHE A 50 -7.48 -2.41 1.29
C PHE A 50 -7.13 -0.92 1.43
N TYR A 51 -5.91 -0.58 1.04
CA TYR A 51 -5.45 0.81 1.13
C TYR A 51 -5.29 1.42 -0.26
N TYR A 52 -5.05 2.72 -0.31
CA TYR A 52 -4.87 3.42 -1.58
C TYR A 52 -3.62 4.28 -1.55
N GLY A 53 -2.55 3.76 -2.15
CA GLY A 53 -1.29 4.50 -2.19
C GLY A 53 -0.69 4.54 -3.57
N GLU A 54 0.53 5.07 -3.68
CA GLU A 54 1.22 5.17 -4.95
C GLU A 54 2.55 4.43 -4.91
N LEU A 55 2.90 3.77 -6.01
CA LEU A 55 4.15 3.04 -6.10
C LEU A 55 4.74 3.12 -7.51
N ASN A 56 6.02 3.41 -7.59
CA ASN A 56 6.71 3.51 -8.88
C ASN A 56 5.88 4.33 -9.87
N GLY A 57 5.25 5.39 -9.36
CA GLY A 57 4.44 6.25 -10.21
C GLY A 57 3.16 5.57 -10.66
N GLN A 58 2.57 4.77 -9.78
CA GLN A 58 1.33 4.06 -10.10
C GLN A 58 0.38 4.07 -8.91
N LYS A 59 -0.82 4.60 -9.14
CA LYS A 59 -1.83 4.68 -8.08
C LYS A 59 -2.77 3.49 -8.16
N GLY A 60 -2.94 2.80 -7.03
CA GLY A 60 -3.83 1.65 -7.00
C GLY A 60 -4.21 1.26 -5.58
N LEU A 61 -4.44 -0.03 -5.36
CA LEU A 61 -4.82 -0.53 -4.04
C LEU A 61 -3.73 -1.41 -3.46
N VAL A 62 -3.63 -1.42 -2.14
CA VAL A 62 -2.63 -2.22 -1.44
C VAL A 62 -3.18 -2.80 -0.15
N PRO A 63 -3.05 -4.13 0.01
CA PRO A 63 -3.53 -4.84 1.20
C PRO A 63 -2.70 -4.51 2.44
N SER A 64 -3.33 -3.86 3.41
CA SER A 64 -2.65 -3.49 4.65
C SER A 64 -1.96 -4.70 5.28
N ASN A 65 -2.57 -5.87 5.12
CA ASN A 65 -2.01 -7.10 5.67
C ASN A 65 -0.59 -7.34 5.15
N PHE A 66 -0.29 -6.74 4.00
CA PHE A 66 1.03 -6.89 3.39
C PHE A 66 1.84 -5.60 3.53
N LEU A 67 1.56 -4.84 4.58
CA LEU A 67 2.26 -3.60 4.83
C LEU A 67 2.47 -3.37 6.33
N GLU A 68 3.35 -2.43 6.66
CA GLU A 68 3.63 -2.11 8.06
C GLU A 68 4.19 -0.70 8.19
N GLU A 69 3.48 0.15 8.92
CA GLU A 69 3.90 1.53 9.12
C GLU A 69 5.40 1.59 9.46
N VAL A 70 6.20 2.01 8.48
CA VAL A 70 7.64 2.11 8.68
C VAL A 70 7.97 2.84 9.98
N SER A 71 8.89 2.28 10.75
CA SER A 71 9.29 2.87 12.02
C SER A 71 10.82 2.94 12.13
N GLY A 72 11.30 3.80 13.02
CA GLY A 72 12.73 3.96 13.21
C GLY A 72 13.07 5.15 14.08
N PRO A 73 14.12 5.00 14.91
CA PRO A 73 14.58 6.06 15.80
C PRO A 73 15.21 7.23 15.06
N SER A 74 15.79 6.93 13.89
CA SER A 74 16.43 7.96 13.08
C SER A 74 15.74 8.10 11.73
N SER A 75 14.92 9.13 11.59
CA SER A 75 14.19 9.38 10.36
C SER A 75 13.36 8.15 9.96
N GLY A 76 12.59 7.64 10.92
CA GLY A 76 11.77 6.47 10.65
C GLY A 76 10.68 6.75 9.63
N GLY A 1 -10.61 21.11 -0.89
CA GLY A 1 -9.67 20.10 -0.44
C GLY A 1 -8.68 20.63 0.58
N SER A 2 -7.41 20.64 0.21
CA SER A 2 -6.36 21.12 1.11
C SER A 2 -5.10 21.48 0.32
N SER A 3 -4.17 22.15 0.99
CA SER A 3 -2.92 22.56 0.35
C SER A 3 -2.25 21.37 -0.33
N GLY A 4 -2.16 20.25 0.39
CA GLY A 4 -1.54 19.07 -0.16
C GLY A 4 -1.29 18.01 0.89
N SER A 5 -2.35 17.31 1.28
CA SER A 5 -2.24 16.25 2.29
C SER A 5 -1.21 15.22 1.88
N SER A 6 -0.71 14.46 2.86
CA SER A 6 0.29 13.43 2.60
C SER A 6 -0.13 12.11 3.23
N GLY A 7 0.53 11.03 2.82
CA GLY A 7 0.22 9.72 3.35
C GLY A 7 1.38 9.11 4.12
N ARG A 8 1.18 7.92 4.66
CA ARG A 8 2.21 7.23 5.41
C ARG A 8 2.91 6.19 4.56
N ARG A 9 4.24 6.14 4.66
CA ARG A 9 5.03 5.19 3.89
C ARG A 9 5.09 3.83 4.59
N MET A 10 4.42 2.84 4.01
CA MET A 10 4.40 1.50 4.59
C MET A 10 5.42 0.60 3.91
N VAL A 11 6.00 -0.32 4.67
CA VAL A 11 7.00 -1.24 4.13
C VAL A 11 6.41 -2.64 3.95
N ALA A 12 6.51 -3.16 2.73
CA ALA A 12 5.98 -4.49 2.43
C ALA A 12 6.70 -5.56 3.24
N LEU A 13 5.94 -6.28 4.06
CA LEU A 13 6.50 -7.34 4.90
C LEU A 13 6.56 -8.66 4.13
N TYR A 14 5.81 -8.75 3.05
CA TYR A 14 5.77 -9.95 2.23
C TYR A 14 5.28 -9.65 0.82
N ASP A 15 6.04 -10.09 -0.17
CA ASP A 15 5.67 -9.87 -1.57
C ASP A 15 4.20 -10.16 -1.80
N TYR A 16 3.53 -9.27 -2.51
CA TYR A 16 2.10 -9.44 -2.80
C TYR A 16 1.88 -9.74 -4.28
N ASP A 17 0.66 -10.17 -4.61
CA ASP A 17 0.32 -10.50 -5.99
C ASP A 17 -1.19 -10.58 -6.16
N PRO A 18 -1.78 -9.55 -6.79
CA PRO A 18 -3.22 -9.48 -7.03
C PRO A 18 -3.68 -10.50 -8.08
N ARG A 19 -2.73 -11.21 -8.66
CA ARG A 19 -3.04 -12.21 -9.67
C ARG A 19 -3.08 -13.61 -9.05
N GLU A 20 -2.66 -13.71 -7.79
CA GLU A 20 -2.67 -14.98 -7.08
C GLU A 20 -3.47 -14.89 -5.79
N SER A 21 -3.15 -13.89 -4.98
CA SER A 21 -3.85 -13.69 -3.71
C SER A 21 -5.28 -13.20 -3.95
N SER A 22 -5.43 -12.23 -4.84
CA SER A 22 -6.74 -11.68 -5.15
C SER A 22 -7.50 -12.57 -6.12
N PRO A 23 -8.83 -12.61 -5.98
CA PRO A 23 -9.69 -13.43 -6.84
C PRO A 23 -9.76 -12.89 -8.27
N ASN A 24 -8.92 -11.92 -8.57
CA ASN A 24 -8.87 -11.32 -9.90
C ASN A 24 -10.07 -10.40 -10.12
N VAL A 25 -10.31 -9.51 -9.17
CA VAL A 25 -11.41 -8.57 -9.25
C VAL A 25 -10.92 -7.17 -9.60
N ASP A 26 -10.84 -6.87 -10.88
CA ASP A 26 -10.39 -5.56 -11.34
C ASP A 26 -8.96 -5.29 -10.87
N VAL A 27 -8.20 -6.35 -10.65
CA VAL A 27 -6.82 -6.23 -10.19
C VAL A 27 -6.08 -5.16 -10.99
N GLU A 28 -6.50 -4.96 -12.23
CA GLU A 28 -5.88 -3.97 -13.10
C GLU A 28 -5.58 -2.69 -12.33
N ALA A 29 -6.33 -2.47 -11.26
CA ALA A 29 -6.14 -1.27 -10.44
C ALA A 29 -5.21 -1.55 -9.25
N GLU A 30 -5.23 -2.79 -8.78
CA GLU A 30 -4.39 -3.19 -7.65
C GLU A 30 -2.92 -2.97 -7.97
N LEU A 31 -2.10 -2.88 -6.93
CA LEU A 31 -0.66 -2.68 -7.10
C LEU A 31 0.11 -3.95 -6.77
N THR A 32 1.10 -4.26 -7.60
CA THR A 32 1.92 -5.45 -7.40
C THR A 32 3.32 -5.09 -6.92
N PHE A 33 3.53 -5.16 -5.61
CA PHE A 33 4.82 -4.85 -5.02
C PHE A 33 5.51 -6.10 -4.48
N CYS A 34 6.68 -5.92 -3.89
CA CYS A 34 7.44 -7.03 -3.34
C CYS A 34 7.86 -6.73 -1.90
N THR A 35 8.45 -7.74 -1.25
CA THR A 35 8.90 -7.58 0.12
C THR A 35 9.91 -6.45 0.26
N GLY A 36 9.56 -5.45 1.07
CA GLY A 36 10.45 -4.31 1.27
C GLY A 36 9.97 -3.08 0.54
N ASP A 37 9.39 -3.28 -0.63
CA ASP A 37 8.89 -2.17 -1.44
C ASP A 37 8.00 -1.24 -0.62
N ILE A 38 8.39 0.03 -0.53
CA ILE A 38 7.62 1.00 0.24
C ILE A 38 6.42 1.50 -0.56
N ILE A 39 5.30 1.68 0.13
CA ILE A 39 4.08 2.16 -0.50
C ILE A 39 3.40 3.23 0.34
N THR A 40 3.31 4.44 -0.19
CA THR A 40 2.68 5.55 0.52
C THR A 40 1.16 5.48 0.41
N VAL A 41 0.52 5.02 1.47
CA VAL A 41 -0.94 4.91 1.49
C VAL A 41 -1.58 6.25 1.83
N PHE A 42 -2.78 6.47 1.29
CA PHE A 42 -3.51 7.71 1.54
C PHE A 42 -4.92 7.42 2.06
N GLY A 43 -5.20 7.89 3.26
CA GLY A 43 -6.51 7.68 3.85
C GLY A 43 -6.59 6.36 4.61
N GLU A 44 -7.71 6.16 5.31
CA GLU A 44 -7.91 4.94 6.08
C GLU A 44 -8.38 3.80 5.18
N ILE A 45 -8.40 2.59 5.74
CA ILE A 45 -8.82 1.42 4.98
C ILE A 45 -10.22 1.62 4.39
N ASP A 46 -10.45 1.02 3.24
CA ASP A 46 -11.75 1.14 2.57
C ASP A 46 -12.74 0.12 3.12
N GLU A 47 -13.98 0.17 2.63
CA GLU A 47 -15.01 -0.74 3.08
C GLU A 47 -14.57 -2.19 2.93
N ASP A 48 -13.94 -2.50 1.79
CA ASP A 48 -13.47 -3.85 1.51
C ASP A 48 -12.40 -4.26 2.51
N GLY A 49 -11.31 -3.50 2.55
CA GLY A 49 -10.23 -3.82 3.47
C GLY A 49 -8.86 -3.67 2.83
N PHE A 50 -8.67 -2.61 2.06
CA PHE A 50 -7.41 -2.36 1.38
C PHE A 50 -6.97 -0.91 1.56
N TYR A 51 -5.78 -0.59 1.06
CA TYR A 51 -5.23 0.76 1.17
C TYR A 51 -4.90 1.32 -0.21
N TYR A 52 -5.08 2.63 -0.36
CA TYR A 52 -4.80 3.29 -1.63
C TYR A 52 -3.50 4.09 -1.55
N GLY A 53 -2.43 3.51 -2.08
CA GLY A 53 -1.14 4.18 -2.06
C GLY A 53 -0.52 4.29 -3.44
N GLU A 54 0.66 4.90 -3.51
CA GLU A 54 1.35 5.07 -4.79
C GLU A 54 2.67 4.28 -4.79
N LEU A 55 3.00 3.72 -5.95
CA LEU A 55 4.23 2.94 -6.08
C LEU A 55 4.78 3.04 -7.50
N ASN A 56 6.08 3.31 -7.61
CA ASN A 56 6.72 3.43 -8.92
C ASN A 56 5.86 4.25 -9.88
N GLY A 57 5.27 5.32 -9.37
CA GLY A 57 4.43 6.17 -10.20
C GLY A 57 3.15 5.47 -10.62
N GLN A 58 2.55 4.73 -9.70
CA GLN A 58 1.31 4.01 -9.99
C GLN A 58 0.39 4.02 -8.78
N LYS A 59 -0.83 4.50 -8.97
CA LYS A 59 -1.82 4.55 -7.89
C LYS A 59 -2.80 3.40 -8.00
N GLY A 60 -2.98 2.68 -6.89
CA GLY A 60 -3.89 1.55 -6.88
C GLY A 60 -4.28 1.14 -5.48
N LEU A 61 -4.45 -0.15 -5.26
CA LEU A 61 -4.83 -0.69 -3.96
C LEU A 61 -3.73 -1.58 -3.39
N VAL A 62 -3.69 -1.69 -2.07
CA VAL A 62 -2.69 -2.52 -1.40
C VAL A 62 -3.23 -3.07 -0.09
N PRO A 63 -3.04 -4.39 0.11
CA PRO A 63 -3.50 -5.07 1.33
C PRO A 63 -2.70 -4.66 2.56
N SER A 64 -3.39 -4.07 3.54
CA SER A 64 -2.73 -3.61 4.77
C SER A 64 -2.06 -4.79 5.47
N ASN A 65 -2.49 -6.00 5.15
CA ASN A 65 -1.94 -7.20 5.76
C ASN A 65 -0.57 -7.52 5.17
N PHE A 66 -0.12 -6.68 4.25
CA PHE A 66 1.18 -6.88 3.62
C PHE A 66 2.02 -5.59 3.70
N LEU A 67 1.72 -4.76 4.68
CA LEU A 67 2.44 -3.51 4.87
C LEU A 67 2.72 -3.26 6.36
N GLU A 68 3.56 -2.27 6.63
CA GLU A 68 3.91 -1.93 8.01
C GLU A 68 4.33 -0.47 8.12
N GLU A 69 3.62 0.28 8.96
CA GLU A 69 3.91 1.70 9.15
C GLU A 69 5.40 1.91 9.44
N VAL A 70 6.10 2.50 8.48
CA VAL A 70 7.53 2.76 8.62
C VAL A 70 7.79 3.85 9.65
N SER A 71 6.92 4.86 9.66
CA SER A 71 7.05 5.98 10.59
C SER A 71 6.44 5.63 11.94
N GLY A 72 7.30 5.38 12.92
CA GLY A 72 6.83 5.04 14.26
C GLY A 72 7.24 6.06 15.30
N PRO A 73 8.13 5.65 16.21
CA PRO A 73 8.63 6.53 17.27
C PRO A 73 9.53 7.65 16.75
N SER A 74 10.24 7.36 15.67
CA SER A 74 11.15 8.33 15.07
C SER A 74 10.57 9.74 15.19
N SER A 75 11.11 10.52 16.13
CA SER A 75 10.65 11.88 16.35
C SER A 75 11.28 12.84 15.34
N GLY A 76 10.45 13.36 14.45
CA GLY A 76 10.94 14.29 13.45
C GLY A 76 10.66 13.81 12.04
N GLY A 1 -3.85 18.21 9.97
CA GLY A 1 -2.72 19.12 10.03
C GLY A 1 -2.64 20.03 8.83
N SER A 2 -1.98 19.56 7.78
CA SER A 2 -1.82 20.34 6.56
C SER A 2 -3.16 20.49 5.84
N SER A 3 -3.37 21.66 5.23
CA SER A 3 -4.60 21.94 4.51
C SER A 3 -4.75 21.02 3.30
N GLY A 4 -5.33 19.86 3.53
CA GLY A 4 -5.53 18.90 2.44
C GLY A 4 -5.48 17.46 2.92
N SER A 5 -4.67 16.65 2.27
CA SER A 5 -4.55 15.24 2.63
C SER A 5 -3.08 14.86 2.82
N SER A 6 -2.85 13.83 3.63
CA SER A 6 -1.50 13.35 3.91
C SER A 6 -1.38 11.85 3.66
N GLY A 7 -0.15 11.37 3.55
CA GLY A 7 0.08 9.96 3.31
C GLY A 7 1.25 9.42 4.09
N ARG A 8 1.17 8.15 4.49
CA ARG A 8 2.23 7.52 5.26
C ARG A 8 2.95 6.48 4.43
N ARG A 9 4.24 6.31 4.68
CA ARG A 9 5.06 5.33 3.95
C ARG A 9 5.07 3.99 4.66
N MET A 10 4.58 2.95 3.99
CA MET A 10 4.54 1.62 4.55
C MET A 10 5.61 0.73 3.93
N VAL A 11 6.05 -0.28 4.68
CA VAL A 11 7.07 -1.21 4.21
C VAL A 11 6.51 -2.61 4.02
N ALA A 12 6.49 -3.06 2.78
CA ALA A 12 5.97 -4.39 2.45
C ALA A 12 6.63 -5.46 3.32
N LEU A 13 5.80 -6.27 3.97
CA LEU A 13 6.30 -7.34 4.84
C LEU A 13 6.46 -8.64 4.06
N TYR A 14 5.67 -8.80 3.01
CA TYR A 14 5.72 -10.00 2.18
C TYR A 14 5.28 -9.70 0.75
N ASP A 15 6.00 -10.27 -0.21
CA ASP A 15 5.68 -10.06 -1.62
C ASP A 15 4.20 -10.31 -1.89
N TYR A 16 3.53 -9.32 -2.45
CA TYR A 16 2.11 -9.44 -2.75
C TYR A 16 1.88 -9.75 -4.23
N ASP A 17 0.72 -10.29 -4.54
CA ASP A 17 0.38 -10.64 -5.92
C ASP A 17 -1.14 -10.76 -6.09
N PRO A 18 -1.73 -9.75 -6.73
CA PRO A 18 -3.19 -9.72 -6.98
C PRO A 18 -3.62 -10.76 -8.01
N ARG A 19 -2.67 -11.55 -8.47
CA ARG A 19 -2.96 -12.59 -9.46
C ARG A 19 -3.20 -13.93 -8.78
N GLU A 20 -2.82 -14.03 -7.50
CA GLU A 20 -2.99 -15.26 -6.74
C GLU A 20 -3.76 -15.00 -5.46
N SER A 21 -3.29 -14.03 -4.68
CA SER A 21 -3.93 -13.68 -3.42
C SER A 21 -5.34 -13.14 -3.65
N SER A 22 -5.50 -12.33 -4.70
CA SER A 22 -6.79 -11.76 -5.02
C SER A 22 -7.54 -12.64 -6.03
N PRO A 23 -8.88 -12.66 -5.91
CA PRO A 23 -9.74 -13.46 -6.79
C PRO A 23 -9.77 -12.92 -8.22
N ASN A 24 -8.89 -11.96 -8.50
CA ASN A 24 -8.82 -11.36 -9.82
C ASN A 24 -9.99 -10.40 -10.04
N VAL A 25 -10.27 -9.57 -9.04
CA VAL A 25 -11.35 -8.60 -9.13
C VAL A 25 -10.82 -7.22 -9.50
N ASP A 26 -10.74 -6.96 -10.81
CA ASP A 26 -10.26 -5.66 -11.29
C ASP A 26 -8.81 -5.44 -10.86
N VAL A 27 -8.06 -6.52 -10.71
CA VAL A 27 -6.66 -6.44 -10.30
C VAL A 27 -5.92 -5.36 -11.09
N GLU A 28 -6.45 -5.05 -12.28
CA GLU A 28 -5.83 -4.04 -13.13
C GLU A 28 -5.54 -2.77 -12.35
N ALA A 29 -6.33 -2.52 -11.31
CA ALA A 29 -6.15 -1.34 -10.48
C ALA A 29 -5.22 -1.62 -9.31
N GLU A 30 -5.29 -2.85 -8.79
CA GLU A 30 -4.45 -3.25 -7.66
C GLU A 30 -2.97 -3.04 -7.99
N LEU A 31 -2.17 -2.86 -6.95
CA LEU A 31 -0.73 -2.67 -7.12
C LEU A 31 0.04 -3.93 -6.78
N THR A 32 1.00 -4.28 -7.63
CA THR A 32 1.82 -5.48 -7.42
C THR A 32 3.21 -5.11 -6.95
N PHE A 33 3.43 -5.18 -5.64
CA PHE A 33 4.72 -4.85 -5.06
C PHE A 33 5.41 -6.11 -4.52
N CYS A 34 6.57 -5.92 -3.91
CA CYS A 34 7.34 -7.04 -3.36
C CYS A 34 7.74 -6.76 -1.92
N THR A 35 8.35 -7.75 -1.28
CA THR A 35 8.78 -7.62 0.11
C THR A 35 9.75 -6.45 0.27
N GLY A 36 9.47 -5.58 1.23
CA GLY A 36 10.33 -4.43 1.47
C GLY A 36 9.89 -3.20 0.71
N ASP A 37 9.47 -3.39 -0.54
CA ASP A 37 9.01 -2.28 -1.37
C ASP A 37 8.14 -1.32 -0.57
N ILE A 38 8.57 -0.07 -0.49
CA ILE A 38 7.82 0.94 0.25
C ILE A 38 6.65 1.47 -0.57
N ILE A 39 5.56 1.80 0.10
CA ILE A 39 4.37 2.32 -0.57
C ILE A 39 3.67 3.37 0.29
N THR A 40 3.36 4.52 -0.32
CA THR A 40 2.69 5.59 0.39
C THR A 40 1.17 5.46 0.29
N VAL A 41 0.54 5.14 1.41
CA VAL A 41 -0.91 4.99 1.45
C VAL A 41 -1.59 6.29 1.84
N PHE A 42 -2.82 6.48 1.36
CA PHE A 42 -3.57 7.68 1.66
C PHE A 42 -5.00 7.33 2.10
N GLY A 43 -5.35 7.76 3.32
CA GLY A 43 -6.67 7.48 3.85
C GLY A 43 -6.71 6.20 4.67
N GLU A 44 -7.89 5.90 5.23
CA GLU A 44 -8.05 4.70 6.05
C GLU A 44 -8.47 3.52 5.19
N ILE A 45 -8.42 2.33 5.79
CA ILE A 45 -8.78 1.10 5.08
C ILE A 45 -10.21 1.20 4.52
N ASP A 46 -10.32 1.04 3.21
CA ASP A 46 -11.62 1.12 2.54
C ASP A 46 -12.63 0.19 3.23
N GLU A 47 -13.86 0.20 2.72
CA GLU A 47 -14.92 -0.64 3.28
C GLU A 47 -14.61 -2.12 3.09
N ASP A 48 -13.88 -2.43 2.02
CA ASP A 48 -13.50 -3.80 1.72
C ASP A 48 -12.39 -4.28 2.64
N GLY A 49 -11.26 -3.59 2.60
CA GLY A 49 -10.14 -3.97 3.45
C GLY A 49 -8.81 -3.77 2.75
N PHE A 50 -8.68 -2.68 2.01
CA PHE A 50 -7.45 -2.37 1.31
C PHE A 50 -7.07 -0.90 1.47
N TYR A 51 -5.84 -0.57 1.08
CA TYR A 51 -5.36 0.81 1.19
C TYR A 51 -5.09 1.40 -0.19
N TYR A 52 -5.14 2.73 -0.27
CA TYR A 52 -4.91 3.42 -1.53
C TYR A 52 -3.61 4.23 -1.48
N GLY A 53 -2.56 3.68 -2.08
CA GLY A 53 -1.28 4.36 -2.09
C GLY A 53 -0.66 4.41 -3.46
N GLU A 54 0.54 4.98 -3.56
CA GLU A 54 1.24 5.08 -4.84
C GLU A 54 2.57 4.34 -4.79
N LEU A 55 3.00 3.83 -5.94
CA LEU A 55 4.25 3.10 -6.04
C LEU A 55 4.79 3.13 -7.47
N ASN A 56 6.11 3.29 -7.58
CA ASN A 56 6.75 3.34 -8.89
C ASN A 56 5.95 4.20 -9.87
N GLY A 57 5.39 5.29 -9.36
CA GLY A 57 4.60 6.17 -10.19
C GLY A 57 3.28 5.56 -10.62
N GLN A 58 2.70 4.74 -9.74
CA GLN A 58 1.43 4.09 -10.04
C GLN A 58 0.48 4.20 -8.85
N LYS A 59 -0.79 4.45 -9.15
CA LYS A 59 -1.81 4.58 -8.11
C LYS A 59 -2.79 3.41 -8.15
N GLY A 60 -2.97 2.74 -7.02
CA GLY A 60 -3.87 1.62 -6.95
C GLY A 60 -4.23 1.24 -5.52
N LEU A 61 -4.46 -0.05 -5.30
CA LEU A 61 -4.81 -0.53 -3.97
C LEU A 61 -3.72 -1.45 -3.42
N VAL A 62 -3.61 -1.50 -2.09
CA VAL A 62 -2.62 -2.34 -1.44
C VAL A 62 -3.16 -2.93 -0.14
N PRO A 63 -2.95 -4.25 0.03
CA PRO A 63 -3.42 -4.98 1.22
C PRO A 63 -2.64 -4.58 2.47
N SER A 64 -3.32 -3.96 3.42
CA SER A 64 -2.69 -3.53 4.66
C SER A 64 -2.07 -4.72 5.39
N ASN A 65 -2.51 -5.92 5.04
CA ASN A 65 -1.99 -7.14 5.66
C ASN A 65 -0.61 -7.47 5.12
N PHE A 66 -0.14 -6.67 4.17
CA PHE A 66 1.18 -6.87 3.58
C PHE A 66 2.03 -5.61 3.68
N LEU A 67 1.71 -4.77 4.66
CA LEU A 67 2.45 -3.54 4.87
C LEU A 67 2.68 -3.28 6.36
N GLU A 68 3.58 -2.36 6.67
CA GLU A 68 3.90 -2.02 8.06
C GLU A 68 4.32 -0.57 8.19
N GLU A 69 3.66 0.17 9.06
CA GLU A 69 3.97 1.58 9.27
C GLU A 69 5.47 1.78 9.50
N VAL A 70 6.10 2.56 8.63
CA VAL A 70 7.53 2.81 8.73
C VAL A 70 7.82 3.86 9.81
N SER A 71 8.96 3.70 10.48
CA SER A 71 9.35 4.62 11.55
C SER A 71 10.78 4.36 11.99
N GLY A 72 11.37 5.34 12.68
CA GLY A 72 12.73 5.20 13.16
C GLY A 72 13.59 6.40 12.85
N PRO A 73 14.88 6.33 13.20
CA PRO A 73 15.83 7.42 12.97
C PRO A 73 16.13 7.63 11.49
N SER A 74 16.87 8.69 11.18
CA SER A 74 17.23 9.00 9.80
C SER A 74 18.71 8.75 9.56
N SER A 75 19.03 7.69 8.85
CA SER A 75 20.41 7.34 8.55
C SER A 75 20.92 8.10 7.32
N GLY A 76 22.12 8.64 7.42
CA GLY A 76 22.70 9.39 6.33
C GLY A 76 24.01 10.04 6.69
N GLY A 1 2.19 20.57 9.52
CA GLY A 1 2.33 20.76 8.08
C GLY A 1 1.07 21.30 7.45
N SER A 2 0.57 20.59 6.45
CA SER A 2 -0.65 21.01 5.74
C SER A 2 -1.29 19.83 5.02
N SER A 3 -2.56 19.96 4.69
CA SER A 3 -3.30 18.91 4.00
C SER A 3 -2.89 18.84 2.53
N GLY A 4 -2.10 17.82 2.19
CA GLY A 4 -1.65 17.65 0.82
C GLY A 4 -1.29 16.22 0.49
N SER A 5 -2.24 15.31 0.70
CA SER A 5 -2.03 13.90 0.43
C SER A 5 -0.72 13.43 1.05
N SER A 6 -0.45 13.87 2.27
CA SER A 6 0.77 13.50 2.98
C SER A 6 0.93 11.98 3.02
N GLY A 7 -0.17 11.29 3.31
CA GLY A 7 -0.13 9.84 3.37
C GLY A 7 1.01 9.33 4.24
N ARG A 8 1.12 8.01 4.35
CA ARG A 8 2.17 7.39 5.15
C ARG A 8 2.95 6.37 4.32
N ARG A 9 4.24 6.26 4.60
CA ARG A 9 5.10 5.33 3.89
C ARG A 9 5.13 3.97 4.57
N MET A 10 4.55 2.97 3.92
CA MET A 10 4.51 1.62 4.47
C MET A 10 5.55 0.72 3.82
N VAL A 11 6.02 -0.28 4.55
CA VAL A 11 7.02 -1.21 4.04
C VAL A 11 6.42 -2.60 3.83
N ALA A 12 6.37 -3.03 2.58
CA ALA A 12 5.83 -4.35 2.25
C ALA A 12 6.51 -5.44 3.06
N LEU A 13 5.77 -6.04 3.99
CA LEU A 13 6.31 -7.09 4.84
C LEU A 13 6.53 -8.37 4.03
N TYR A 14 5.60 -8.66 3.13
CA TYR A 14 5.69 -9.86 2.30
C TYR A 14 5.17 -9.58 0.89
N ASP A 15 5.95 -9.98 -0.11
CA ASP A 15 5.57 -9.78 -1.51
C ASP A 15 4.09 -10.06 -1.71
N TYR A 16 3.40 -9.17 -2.42
CA TYR A 16 1.98 -9.33 -2.69
C TYR A 16 1.73 -9.62 -4.16
N ASP A 17 0.67 -10.37 -4.44
CA ASP A 17 0.32 -10.72 -5.81
C ASP A 17 -1.19 -10.80 -5.98
N PRO A 18 -1.78 -9.77 -6.63
CA PRO A 18 -3.22 -9.70 -6.88
C PRO A 18 -3.68 -10.73 -7.89
N ARG A 19 -2.76 -11.58 -8.34
CA ARG A 19 -3.08 -12.62 -9.31
C ARG A 19 -3.14 -13.99 -8.65
N GLU A 20 -2.45 -14.12 -7.51
CA GLU A 20 -2.42 -15.38 -6.78
C GLU A 20 -3.25 -15.28 -5.49
N SER A 21 -3.16 -14.14 -4.82
CA SER A 21 -3.90 -13.93 -3.59
C SER A 21 -5.30 -13.39 -3.87
N SER A 22 -5.36 -12.19 -4.45
CA SER A 22 -6.63 -11.57 -4.77
C SER A 22 -7.48 -12.48 -5.65
N PRO A 23 -8.80 -12.47 -5.41
CA PRO A 23 -9.76 -13.29 -6.16
C PRO A 23 -9.92 -12.82 -7.60
N ASN A 24 -9.04 -11.91 -8.02
CA ASN A 24 -9.09 -11.37 -9.38
C ASN A 24 -10.24 -10.39 -9.53
N VAL A 25 -10.40 -9.52 -8.54
CA VAL A 25 -11.47 -8.50 -8.57
C VAL A 25 -10.92 -7.14 -8.99
N ASP A 26 -11.00 -6.86 -10.27
CA ASP A 26 -10.52 -5.58 -10.81
C ASP A 26 -9.05 -5.37 -10.44
N VAL A 27 -8.30 -6.46 -10.38
CA VAL A 27 -6.88 -6.39 -10.07
C VAL A 27 -6.15 -5.39 -10.95
N GLU A 28 -6.80 -5.02 -12.06
CA GLU A 28 -6.21 -4.07 -13.00
C GLU A 28 -5.79 -2.79 -12.28
N ALA A 29 -6.39 -2.55 -11.11
CA ALA A 29 -6.08 -1.36 -10.33
C ALA A 29 -5.15 -1.70 -9.17
N GLU A 30 -5.26 -2.93 -8.67
CA GLU A 30 -4.43 -3.38 -7.56
C GLU A 30 -2.95 -3.18 -7.86
N LEU A 31 -2.15 -3.09 -6.81
CA LEU A 31 -0.70 -2.91 -6.97
C LEU A 31 0.05 -4.17 -6.59
N THR A 32 1.02 -4.55 -7.43
CA THR A 32 1.83 -5.75 -7.18
C THR A 32 3.21 -5.37 -6.67
N PHE A 33 3.35 -5.34 -5.35
CA PHE A 33 4.63 -5.01 -4.72
C PHE A 33 5.31 -6.25 -4.19
N CYS A 34 6.59 -6.12 -3.83
CA CYS A 34 7.36 -7.24 -3.31
C CYS A 34 7.73 -7.01 -1.85
N THR A 35 8.36 -8.01 -1.24
CA THR A 35 8.76 -7.92 0.16
C THR A 35 9.76 -6.78 0.37
N GLY A 36 9.27 -5.67 0.92
CA GLY A 36 10.14 -4.53 1.16
C GLY A 36 9.67 -3.28 0.42
N ASP A 37 9.17 -3.47 -0.79
CA ASP A 37 8.68 -2.36 -1.60
C ASP A 37 7.92 -1.36 -0.74
N ILE A 38 8.37 -0.11 -0.78
CA ILE A 38 7.73 0.95 -0.01
C ILE A 38 6.56 1.57 -0.77
N ILE A 39 5.42 1.70 -0.09
CA ILE A 39 4.24 2.28 -0.71
C ILE A 39 3.62 3.35 0.17
N THR A 40 3.26 4.48 -0.44
CA THR A 40 2.65 5.59 0.29
C THR A 40 1.13 5.52 0.24
N VAL A 41 0.53 5.03 1.32
CA VAL A 41 -0.92 4.91 1.40
C VAL A 41 -1.56 6.26 1.71
N PHE A 42 -2.76 6.46 1.19
CA PHE A 42 -3.49 7.70 1.41
C PHE A 42 -4.90 7.43 1.94
N GLY A 43 -5.10 7.75 3.22
CA GLY A 43 -6.40 7.53 3.83
C GLY A 43 -6.46 6.23 4.61
N GLU A 44 -7.61 5.97 5.23
CA GLU A 44 -7.79 4.75 6.01
C GLU A 44 -8.25 3.60 5.13
N ILE A 45 -8.37 2.41 5.72
CA ILE A 45 -8.79 1.23 4.99
C ILE A 45 -10.23 1.38 4.50
N ASP A 46 -10.44 1.10 3.21
CA ASP A 46 -11.77 1.21 2.62
C ASP A 46 -12.71 0.16 3.22
N GLU A 47 -13.94 0.11 2.70
CA GLU A 47 -14.94 -0.83 3.18
C GLU A 47 -14.48 -2.27 2.94
N ASP A 48 -13.86 -2.50 1.78
CA ASP A 48 -13.38 -3.83 1.43
C ASP A 48 -12.33 -4.31 2.43
N GLY A 49 -11.24 -3.57 2.54
CA GLY A 49 -10.18 -3.94 3.46
C GLY A 49 -8.80 -3.76 2.87
N PHE A 50 -8.66 -2.76 2.01
CA PHE A 50 -7.38 -2.49 1.35
C PHE A 50 -6.99 -1.02 1.51
N TYR A 51 -5.82 -0.67 1.01
CA TYR A 51 -5.33 0.70 1.09
C TYR A 51 -5.10 1.28 -0.30
N TYR A 52 -5.01 2.61 -0.37
CA TYR A 52 -4.79 3.29 -1.64
C TYR A 52 -3.54 4.16 -1.59
N GLY A 53 -2.45 3.65 -2.17
CA GLY A 53 -1.20 4.39 -2.17
C GLY A 53 -0.59 4.46 -3.55
N GLU A 54 0.63 5.00 -3.62
CA GLU A 54 1.33 5.14 -4.90
C GLU A 54 2.70 4.47 -4.83
N LEU A 55 2.96 3.58 -5.78
CA LEU A 55 4.24 2.88 -5.84
C LEU A 55 5.04 3.29 -7.07
N ASN A 56 5.97 4.20 -6.88
CA ASN A 56 6.81 4.68 -7.97
C ASN A 56 5.97 5.40 -9.02
N GLY A 57 4.89 6.03 -8.58
CA GLY A 57 4.03 6.75 -9.50
C GLY A 57 2.73 6.01 -9.77
N GLN A 58 2.80 4.68 -9.74
CA GLN A 58 1.63 3.85 -9.98
C GLN A 58 0.63 3.94 -8.82
N LYS A 59 -0.61 4.31 -9.13
CA LYS A 59 -1.64 4.43 -8.11
C LYS A 59 -2.62 3.26 -8.18
N GLY A 60 -2.78 2.56 -7.07
CA GLY A 60 -3.67 1.42 -7.02
C GLY A 60 -4.04 1.02 -5.60
N LEU A 61 -4.43 -0.24 -5.43
CA LEU A 61 -4.80 -0.73 -4.11
C LEU A 61 -3.66 -1.54 -3.49
N VAL A 62 -3.65 -1.60 -2.16
CA VAL A 62 -2.61 -2.34 -1.45
C VAL A 62 -3.13 -2.88 -0.12
N PRO A 63 -3.02 -4.20 0.07
CA PRO A 63 -3.48 -4.87 1.29
C PRO A 63 -2.63 -4.52 2.50
N SER A 64 -3.24 -3.89 3.49
CA SER A 64 -2.53 -3.50 4.70
C SER A 64 -1.78 -4.69 5.31
N ASN A 65 -2.42 -5.85 5.25
CA ASN A 65 -1.82 -7.07 5.80
C ASN A 65 -0.43 -7.30 5.21
N PHE A 66 -0.16 -6.67 4.08
CA PHE A 66 1.13 -6.81 3.41
C PHE A 66 1.93 -5.51 3.51
N LEU A 67 1.68 -4.75 4.57
CA LEU A 67 2.38 -3.48 4.79
C LEU A 67 2.63 -3.24 6.27
N GLU A 68 3.47 -2.26 6.56
CA GLU A 68 3.80 -1.93 7.96
C GLU A 68 4.34 -0.51 8.06
N GLU A 69 3.63 0.35 8.80
CA GLU A 69 4.04 1.73 8.97
C GLU A 69 5.53 1.82 9.30
N VAL A 70 6.30 2.33 8.35
CA VAL A 70 7.75 2.47 8.55
C VAL A 70 8.06 3.26 9.80
N SER A 71 9.00 2.76 10.59
CA SER A 71 9.40 3.42 11.83
C SER A 71 10.90 3.58 11.91
N GLY A 72 11.38 4.81 11.69
CA GLY A 72 12.81 5.06 11.74
C GLY A 72 13.16 6.16 12.74
N PRO A 73 14.33 6.78 12.55
CA PRO A 73 14.82 7.85 13.43
C PRO A 73 14.00 9.14 13.29
N SER A 74 13.27 9.48 14.34
CA SER A 74 12.44 10.69 14.34
C SER A 74 13.23 11.89 14.84
N SER A 75 13.88 11.72 15.99
CA SER A 75 14.67 12.80 16.58
C SER A 75 15.90 13.10 15.74
N GLY A 76 16.38 14.34 15.83
CA GLY A 76 17.54 14.74 15.06
C GLY A 76 17.23 15.00 13.60
N GLY A 1 -16.10 8.75 6.79
CA GLY A 1 -15.70 9.40 5.55
C GLY A 1 -14.72 10.52 5.78
N SER A 2 -13.43 10.21 5.75
CA SER A 2 -12.38 11.21 5.96
C SER A 2 -11.28 11.06 4.92
N SER A 3 -10.80 12.19 4.41
CA SER A 3 -9.75 12.20 3.40
C SER A 3 -8.38 11.98 4.05
N GLY A 4 -7.40 11.62 3.24
CA GLY A 4 -6.06 11.39 3.75
C GLY A 4 -5.01 12.16 2.99
N SER A 5 -5.21 13.47 2.87
CA SER A 5 -4.27 14.33 2.15
C SER A 5 -2.83 13.97 2.49
N SER A 6 -2.55 13.82 3.79
CA SER A 6 -1.21 13.48 4.25
C SER A 6 -1.05 11.96 4.37
N GLY A 7 -0.68 11.32 3.26
CA GLY A 7 -0.50 9.89 3.27
C GLY A 7 0.62 9.44 4.18
N ARG A 8 0.82 8.13 4.28
CA ARG A 8 1.88 7.58 5.13
C ARG A 8 2.65 6.49 4.39
N ARG A 9 3.97 6.45 4.61
CA ARG A 9 4.81 5.46 3.97
C ARG A 9 4.68 4.10 4.67
N MET A 10 4.69 3.03 3.87
CA MET A 10 4.57 1.68 4.41
C MET A 10 5.61 0.76 3.79
N VAL A 11 6.02 -0.25 4.55
CA VAL A 11 7.02 -1.21 4.07
C VAL A 11 6.41 -2.59 3.89
N ALA A 12 6.47 -3.11 2.66
CA ALA A 12 5.93 -4.42 2.36
C ALA A 12 6.62 -5.51 3.18
N LEU A 13 5.86 -6.15 4.06
CA LEU A 13 6.40 -7.20 4.90
C LEU A 13 6.56 -8.51 4.12
N TYR A 14 5.79 -8.64 3.05
CA TYR A 14 5.84 -9.84 2.22
C TYR A 14 5.47 -9.51 0.77
N ASP A 15 5.84 -10.39 -0.15
CA ASP A 15 5.55 -10.20 -1.56
C ASP A 15 4.06 -10.39 -1.84
N TYR A 16 3.47 -9.46 -2.57
CA TYR A 16 2.05 -9.52 -2.90
C TYR A 16 1.85 -9.78 -4.40
N ASP A 17 0.68 -10.30 -4.75
CA ASP A 17 0.36 -10.59 -6.13
C ASP A 17 -1.15 -10.63 -6.34
N PRO A 18 -1.68 -9.57 -6.98
CA PRO A 18 -3.12 -9.46 -7.26
C PRO A 18 -3.59 -10.45 -8.32
N ARG A 19 -2.64 -11.24 -8.84
CA ARG A 19 -2.96 -12.23 -9.86
C ARG A 19 -2.89 -13.64 -9.29
N GLU A 20 -2.54 -13.74 -8.01
CA GLU A 20 -2.43 -15.03 -7.34
C GLU A 20 -3.27 -15.06 -6.06
N SER A 21 -3.10 -14.04 -5.24
CA SER A 21 -3.84 -13.94 -3.98
C SER A 21 -5.25 -13.40 -4.22
N SER A 22 -5.35 -12.37 -5.06
CA SER A 22 -6.63 -11.76 -5.36
C SER A 22 -7.42 -12.62 -6.35
N PRO A 23 -8.75 -12.65 -6.17
CA PRO A 23 -9.65 -13.42 -7.03
C PRO A 23 -9.75 -12.84 -8.44
N ASN A 24 -8.89 -11.89 -8.74
CA ASN A 24 -8.88 -11.25 -10.05
C ASN A 24 -10.04 -10.28 -10.19
N VAL A 25 -10.24 -9.45 -9.17
CA VAL A 25 -11.32 -8.47 -9.19
C VAL A 25 -10.80 -7.08 -9.51
N ASP A 26 -10.75 -6.75 -10.80
CA ASP A 26 -10.28 -5.45 -11.24
C ASP A 26 -8.83 -5.22 -10.81
N VAL A 27 -8.08 -6.32 -10.70
CA VAL A 27 -6.68 -6.24 -10.30
C VAL A 27 -5.95 -5.14 -11.05
N GLU A 28 -6.41 -4.84 -12.26
CA GLU A 28 -5.81 -3.80 -13.08
C GLU A 28 -5.51 -2.55 -12.24
N ALA A 29 -6.22 -2.41 -11.13
CA ALA A 29 -6.03 -1.27 -10.24
C ALA A 29 -5.12 -1.63 -9.08
N GLU A 30 -5.22 -2.86 -8.60
CA GLU A 30 -4.39 -3.32 -7.49
C GLU A 30 -2.91 -3.14 -7.80
N LEU A 31 -2.13 -2.87 -6.75
CA LEU A 31 -0.69 -2.68 -6.91
C LEU A 31 0.08 -3.96 -6.60
N THR A 32 1.04 -4.29 -7.44
CA THR A 32 1.85 -5.49 -7.25
C THR A 32 3.22 -5.14 -6.69
N PHE A 33 3.35 -5.20 -5.37
CA PHE A 33 4.61 -4.90 -4.72
C PHE A 33 5.27 -6.17 -4.18
N CYS A 34 6.54 -6.06 -3.81
CA CYS A 34 7.28 -7.20 -3.30
C CYS A 34 7.70 -6.97 -1.85
N THR A 35 8.41 -7.94 -1.27
CA THR A 35 8.85 -7.84 0.11
C THR A 35 9.83 -6.68 0.29
N GLY A 36 9.38 -5.64 0.98
CA GLY A 36 10.23 -4.48 1.21
C GLY A 36 9.74 -3.24 0.48
N ASP A 37 9.22 -3.45 -0.74
CA ASP A 37 8.72 -2.35 -1.55
C ASP A 37 7.97 -1.34 -0.69
N ILE A 38 8.43 -0.09 -0.69
CA ILE A 38 7.80 0.96 0.08
C ILE A 38 6.58 1.52 -0.63
N ILE A 39 5.45 1.56 0.06
CA ILE A 39 4.22 2.07 -0.52
C ILE A 39 3.59 3.14 0.38
N THR A 40 3.21 4.26 -0.21
CA THR A 40 2.60 5.35 0.53
C THR A 40 1.08 5.29 0.43
N VAL A 41 0.43 4.90 1.53
CA VAL A 41 -1.02 4.82 1.56
C VAL A 41 -1.65 6.16 1.89
N PHE A 42 -2.87 6.37 1.41
CA PHE A 42 -3.59 7.63 1.64
C PHE A 42 -4.92 7.37 2.32
N GLY A 43 -5.09 7.92 3.53
CA GLY A 43 -6.32 7.74 4.26
C GLY A 43 -6.39 6.40 4.98
N GLU A 44 -7.57 6.05 5.45
CA GLU A 44 -7.75 4.79 6.16
C GLU A 44 -8.17 3.68 5.20
N ILE A 45 -8.26 2.46 5.71
CA ILE A 45 -8.66 1.32 4.90
C ILE A 45 -10.03 1.55 4.25
N ASP A 46 -10.21 0.96 3.07
CA ASP A 46 -11.47 1.10 2.35
C ASP A 46 -12.55 0.20 2.95
N GLU A 47 -13.71 0.17 2.32
CA GLU A 47 -14.83 -0.65 2.78
C GLU A 47 -14.48 -2.13 2.68
N ASP A 48 -13.75 -2.50 1.63
CA ASP A 48 -13.36 -3.88 1.41
C ASP A 48 -12.35 -4.32 2.46
N GLY A 49 -11.23 -3.60 2.54
CA GLY A 49 -10.20 -3.94 3.49
C GLY A 49 -8.81 -3.75 2.93
N PHE A 50 -8.65 -2.77 2.05
CA PHE A 50 -7.35 -2.49 1.43
C PHE A 50 -6.96 -1.03 1.64
N TYR A 51 -5.79 -0.67 1.14
CA TYR A 51 -5.30 0.70 1.26
C TYR A 51 -5.04 1.31 -0.12
N TYR A 52 -5.15 2.63 -0.19
CA TYR A 52 -4.93 3.35 -1.44
C TYR A 52 -3.64 4.17 -1.38
N GLY A 53 -2.57 3.62 -1.96
CA GLY A 53 -1.30 4.31 -1.97
C GLY A 53 -0.66 4.32 -3.34
N GLU A 54 0.52 4.94 -3.44
CA GLU A 54 1.24 5.02 -4.70
C GLU A 54 2.53 4.21 -4.64
N LEU A 55 3.04 3.83 -5.82
CA LEU A 55 4.27 3.05 -5.89
C LEU A 55 4.85 3.10 -7.31
N ASN A 56 6.15 3.35 -7.40
CA ASN A 56 6.82 3.41 -8.69
C ASN A 56 6.04 4.27 -9.68
N GLY A 57 5.38 5.30 -9.15
CA GLY A 57 4.59 6.19 -9.99
C GLY A 57 3.27 5.58 -10.41
N GLN A 58 2.75 4.68 -9.58
CA GLN A 58 1.48 4.01 -9.87
C GLN A 58 0.53 4.12 -8.69
N LYS A 59 -0.74 4.40 -8.98
CA LYS A 59 -1.75 4.54 -7.95
C LYS A 59 -2.75 3.39 -8.02
N GLY A 60 -2.97 2.73 -6.88
CA GLY A 60 -3.91 1.63 -6.84
C GLY A 60 -4.26 1.21 -5.41
N LEU A 61 -4.49 -0.08 -5.22
CA LEU A 61 -4.84 -0.59 -3.90
C LEU A 61 -3.72 -1.46 -3.34
N VAL A 62 -3.67 -1.57 -2.01
CA VAL A 62 -2.65 -2.38 -1.35
C VAL A 62 -3.16 -2.93 -0.03
N PRO A 63 -3.02 -4.25 0.16
CA PRO A 63 -3.45 -4.93 1.38
C PRO A 63 -2.59 -4.57 2.59
N SER A 64 -3.21 -3.96 3.59
CA SER A 64 -2.49 -3.56 4.80
C SER A 64 -1.74 -4.74 5.40
N ASN A 65 -2.32 -5.92 5.30
CA ASN A 65 -1.71 -7.13 5.83
C ASN A 65 -0.32 -7.35 5.23
N PHE A 66 -0.06 -6.68 4.11
CA PHE A 66 1.22 -6.80 3.43
C PHE A 66 2.00 -5.49 3.50
N LEU A 67 1.75 -4.72 4.56
CA LEU A 67 2.43 -3.44 4.75
C LEU A 67 2.61 -3.13 6.23
N GLU A 68 3.48 -2.18 6.53
CA GLU A 68 3.74 -1.79 7.92
C GLU A 68 4.19 -0.33 7.99
N GLU A 69 3.39 0.50 8.64
CA GLU A 69 3.70 1.91 8.78
C GLU A 69 5.20 2.12 9.06
N VAL A 70 5.91 2.60 8.05
CA VAL A 70 7.35 2.83 8.18
C VAL A 70 7.65 3.70 9.40
N SER A 71 8.66 3.30 10.17
CA SER A 71 9.05 4.04 11.36
C SER A 71 10.50 4.50 11.27
N GLY A 72 11.39 3.56 10.94
CA GLY A 72 12.80 3.89 10.82
C GLY A 72 13.70 2.73 11.20
N PRO A 73 15.01 2.98 11.23
CA PRO A 73 16.01 1.97 11.58
C PRO A 73 15.95 1.59 13.06
N SER A 74 15.39 0.42 13.35
CA SER A 74 15.27 -0.05 14.72
C SER A 74 16.54 -0.78 15.16
N SER A 75 17.39 -1.10 14.19
CA SER A 75 18.63 -1.80 14.47
C SER A 75 19.58 -1.72 13.28
N GLY A 76 20.88 -1.65 13.56
CA GLY A 76 21.87 -1.58 12.51
C GLY A 76 23.26 -1.92 12.99
N GLY A 1 -7.37 22.23 7.05
CA GLY A 1 -7.03 23.28 6.10
C GLY A 1 -7.48 22.95 4.69
N SER A 2 -6.54 22.97 3.75
CA SER A 2 -6.83 22.68 2.35
C SER A 2 -6.66 21.19 2.07
N SER A 3 -7.26 20.74 0.97
CA SER A 3 -7.18 19.33 0.58
C SER A 3 -5.75 18.94 0.21
N GLY A 4 -5.42 17.66 0.36
CA GLY A 4 -4.09 17.19 0.05
C GLY A 4 -3.27 16.94 1.28
N SER A 5 -3.52 15.81 1.95
CA SER A 5 -2.79 15.45 3.16
C SER A 5 -1.75 14.38 2.87
N SER A 6 -0.53 14.60 3.36
CA SER A 6 0.57 13.65 3.14
C SER A 6 0.20 12.27 3.69
N GLY A 7 0.50 11.24 2.91
CA GLY A 7 0.19 9.88 3.34
C GLY A 7 1.31 9.26 4.15
N ARG A 8 1.19 7.98 4.43
CA ARG A 8 2.21 7.26 5.21
C ARG A 8 2.97 6.28 4.34
N ARG A 9 4.27 6.15 4.60
CA ARG A 9 5.11 5.23 3.83
C ARG A 9 5.20 3.88 4.52
N MET A 10 4.42 2.92 4.03
CA MET A 10 4.42 1.57 4.60
C MET A 10 5.47 0.70 3.93
N VAL A 11 5.95 -0.31 4.66
CA VAL A 11 6.96 -1.21 4.15
C VAL A 11 6.40 -2.61 3.95
N ALA A 12 6.46 -3.08 2.70
CA ALA A 12 5.95 -4.41 2.36
C ALA A 12 6.58 -5.48 3.24
N LEU A 13 5.74 -6.26 3.92
CA LEU A 13 6.23 -7.32 4.80
C LEU A 13 6.45 -8.60 4.02
N TYR A 14 5.63 -8.84 3.01
CA TYR A 14 5.73 -10.03 2.18
C TYR A 14 5.36 -9.73 0.74
N ASP A 15 5.98 -10.46 -0.18
CA ASP A 15 5.71 -10.28 -1.61
C ASP A 15 4.22 -10.47 -1.91
N TYR A 16 3.63 -9.46 -2.55
CA TYR A 16 2.20 -9.52 -2.90
C TYR A 16 2.02 -9.83 -4.38
N ASP A 17 0.82 -10.26 -4.74
CA ASP A 17 0.50 -10.59 -6.12
C ASP A 17 -1.01 -10.71 -6.33
N PRO A 18 -1.62 -9.71 -6.95
CA PRO A 18 -3.05 -9.68 -7.22
C PRO A 18 -3.46 -10.72 -8.27
N ARG A 19 -2.49 -11.49 -8.74
CA ARG A 19 -2.75 -12.51 -9.75
C ARG A 19 -3.00 -13.87 -9.09
N GLU A 20 -2.31 -14.11 -7.98
CA GLU A 20 -2.45 -15.38 -7.25
C GLU A 20 -3.16 -15.16 -5.93
N SER A 21 -3.02 -13.97 -5.37
CA SER A 21 -3.64 -13.64 -4.09
C SER A 21 -5.10 -13.21 -4.29
N SER A 22 -5.29 -12.11 -5.01
CA SER A 22 -6.64 -11.60 -5.27
C SER A 22 -7.41 -12.55 -6.16
N PRO A 23 -8.73 -12.63 -5.94
CA PRO A 23 -9.62 -13.50 -6.71
C PRO A 23 -9.80 -13.01 -8.15
N ASN A 24 -8.95 -12.07 -8.56
CA ASN A 24 -9.02 -11.52 -9.91
C ASN A 24 -10.20 -10.56 -10.05
N VAL A 25 -10.27 -9.58 -9.15
CA VAL A 25 -11.34 -8.60 -9.18
C VAL A 25 -10.82 -7.21 -9.54
N ASP A 26 -10.80 -6.91 -10.84
CA ASP A 26 -10.32 -5.62 -11.31
C ASP A 26 -8.88 -5.37 -10.86
N VAL A 27 -8.12 -6.45 -10.69
CA VAL A 27 -6.74 -6.35 -10.25
C VAL A 27 -5.98 -5.33 -11.08
N GLU A 28 -6.52 -5.00 -12.26
CA GLU A 28 -5.88 -4.03 -13.14
C GLU A 28 -5.59 -2.73 -12.40
N ALA A 29 -6.23 -2.55 -11.24
CA ALA A 29 -6.03 -1.35 -10.43
C ALA A 29 -5.09 -1.63 -9.26
N GLU A 30 -5.18 -2.84 -8.71
CA GLU A 30 -4.33 -3.23 -7.60
C GLU A 30 -2.86 -2.99 -7.91
N LEU A 31 -2.05 -2.90 -6.87
CA LEU A 31 -0.62 -2.67 -7.03
C LEU A 31 0.18 -3.94 -6.72
N THR A 32 1.14 -4.26 -7.57
CA THR A 32 1.97 -5.45 -7.39
C THR A 32 3.36 -5.07 -6.86
N PHE A 33 3.54 -5.20 -5.55
CA PHE A 33 4.82 -4.88 -4.93
C PHE A 33 5.48 -6.13 -4.38
N CYS A 34 6.68 -5.96 -3.82
CA CYS A 34 7.42 -7.07 -3.26
C CYS A 34 7.92 -6.75 -1.86
N THR A 35 8.39 -7.77 -1.14
CA THR A 35 8.88 -7.59 0.22
C THR A 35 9.86 -6.42 0.30
N GLY A 36 9.61 -5.51 1.24
CA GLY A 36 10.47 -4.36 1.40
C GLY A 36 9.95 -3.14 0.65
N ASP A 37 9.48 -3.36 -0.58
CA ASP A 37 8.97 -2.28 -1.40
C ASP A 37 8.13 -1.30 -0.57
N ILE A 38 8.56 -0.05 -0.53
CA ILE A 38 7.84 0.97 0.23
C ILE A 38 6.68 1.56 -0.57
N ILE A 39 5.53 1.70 0.08
CA ILE A 39 4.35 2.24 -0.58
C ILE A 39 3.73 3.35 0.26
N THR A 40 3.20 4.37 -0.43
CA THR A 40 2.57 5.49 0.25
C THR A 40 1.05 5.41 0.17
N VAL A 41 0.42 5.04 1.29
CA VAL A 41 -1.03 4.92 1.35
C VAL A 41 -1.68 6.24 1.74
N PHE A 42 -2.90 6.45 1.29
CA PHE A 42 -3.63 7.67 1.59
C PHE A 42 -5.00 7.37 2.18
N GLY A 43 -5.32 8.01 3.30
CA GLY A 43 -6.59 7.78 3.96
C GLY A 43 -6.63 6.47 4.71
N GLU A 44 -7.77 6.18 5.33
CA GLU A 44 -7.93 4.95 6.10
C GLU A 44 -8.48 3.83 5.21
N ILE A 45 -8.42 2.60 5.73
CA ILE A 45 -8.92 1.45 4.98
C ILE A 45 -10.40 1.59 4.66
N ASP A 46 -10.77 1.22 3.44
CA ASP A 46 -12.16 1.30 3.01
C ASP A 46 -12.90 0.00 3.29
N GLU A 47 -14.20 -0.01 3.04
CA GLU A 47 -15.02 -1.20 3.27
C GLU A 47 -14.38 -2.42 2.64
N ASP A 48 -13.65 -2.22 1.55
CA ASP A 48 -12.98 -3.30 0.85
C ASP A 48 -11.91 -3.95 1.74
N GLY A 49 -11.30 -3.14 2.59
CA GLY A 49 -10.27 -3.65 3.48
C GLY A 49 -8.87 -3.48 2.91
N PHE A 50 -8.72 -2.54 1.98
CA PHE A 50 -7.44 -2.29 1.35
C PHE A 50 -7.03 -0.82 1.50
N TYR A 51 -5.81 -0.51 1.12
CA TYR A 51 -5.29 0.85 1.22
C TYR A 51 -5.05 1.44 -0.16
N TYR A 52 -5.32 2.73 -0.30
CA TYR A 52 -5.13 3.42 -1.58
C TYR A 52 -3.83 4.21 -1.57
N GLY A 53 -2.76 3.58 -2.03
CA GLY A 53 -1.46 4.25 -2.08
C GLY A 53 -0.87 4.26 -3.48
N GLU A 54 0.36 4.75 -3.58
CA GLU A 54 1.04 4.82 -4.87
C GLU A 54 2.38 4.09 -4.82
N LEU A 55 2.82 3.59 -5.98
CA LEU A 55 4.08 2.86 -6.07
C LEU A 55 4.71 3.03 -7.44
N ASN A 56 6.02 3.27 -7.46
CA ASN A 56 6.74 3.46 -8.72
C ASN A 56 5.96 4.37 -9.67
N GLY A 57 5.20 5.29 -9.09
CA GLY A 57 4.41 6.20 -9.90
C GLY A 57 3.13 5.59 -10.39
N GLN A 58 2.51 4.75 -9.56
CA GLN A 58 1.27 4.10 -9.91
C GLN A 58 0.32 4.04 -8.73
N LYS A 59 -0.87 4.62 -8.88
CA LYS A 59 -1.86 4.64 -7.82
C LYS A 59 -2.81 3.44 -7.94
N GLY A 60 -2.97 2.71 -6.84
CA GLY A 60 -3.85 1.55 -6.84
C GLY A 60 -4.27 1.15 -5.45
N LEU A 61 -4.43 -0.16 -5.25
CA LEU A 61 -4.84 -0.68 -3.94
C LEU A 61 -3.77 -1.61 -3.38
N VAL A 62 -3.62 -1.60 -2.05
CA VAL A 62 -2.64 -2.44 -1.38
C VAL A 62 -3.18 -2.98 -0.06
N PRO A 63 -3.01 -4.29 0.15
CA PRO A 63 -3.49 -4.96 1.37
C PRO A 63 -2.68 -4.55 2.59
N SER A 64 -3.36 -3.98 3.59
CA SER A 64 -2.71 -3.55 4.81
C SER A 64 -2.04 -4.72 5.53
N ASN A 65 -2.48 -5.93 5.19
CA ASN A 65 -1.94 -7.15 5.80
C ASN A 65 -0.55 -7.45 5.22
N PHE A 66 -0.12 -6.66 4.26
CA PHE A 66 1.18 -6.85 3.64
C PHE A 66 2.02 -5.58 3.73
N LEU A 67 1.71 -4.75 4.70
CA LEU A 67 2.44 -3.49 4.91
C LEU A 67 2.63 -3.20 6.39
N GLU A 68 3.60 -2.35 6.70
CA GLU A 68 3.88 -1.99 8.08
C GLU A 68 4.45 -0.57 8.17
N GLU A 69 3.76 0.28 8.93
CA GLU A 69 4.20 1.67 9.09
C GLU A 69 5.71 1.75 9.28
N VAL A 70 6.37 2.51 8.42
CA VAL A 70 7.81 2.67 8.49
C VAL A 70 8.20 3.66 9.58
N SER A 71 9.11 3.25 10.46
CA SER A 71 9.57 4.10 11.55
C SER A 71 11.08 4.30 11.49
N GLY A 72 11.51 5.55 11.64
CA GLY A 72 12.94 5.85 11.61
C GLY A 72 13.76 4.85 12.40
N PRO A 73 15.02 4.66 11.98
CA PRO A 73 15.95 3.73 12.65
C PRO A 73 16.36 4.22 14.03
N SER A 74 15.72 3.68 15.06
CA SER A 74 16.02 4.06 16.43
C SER A 74 15.59 2.97 17.42
N SER A 75 16.49 2.61 18.32
CA SER A 75 16.20 1.57 19.31
C SER A 75 15.48 2.16 20.52
N GLY A 76 16.13 3.11 21.19
CA GLY A 76 15.54 3.73 22.35
C GLY A 76 16.17 5.09 22.66
N GLY A 1 -6.96 21.14 -6.49
CA GLY A 1 -6.01 21.61 -7.47
C GLY A 1 -4.92 22.44 -6.85
N SER A 2 -4.27 21.91 -5.82
CA SER A 2 -3.20 22.61 -5.13
C SER A 2 -2.51 21.69 -4.12
N SER A 3 -1.18 21.69 -4.15
CA SER A 3 -0.40 20.85 -3.24
C SER A 3 -0.99 20.89 -1.84
N GLY A 4 -1.48 19.75 -1.38
CA GLY A 4 -2.06 19.68 -0.05
C GLY A 4 -2.40 18.25 0.35
N SER A 5 -1.42 17.35 0.23
CA SER A 5 -1.62 15.95 0.57
C SER A 5 -0.36 15.38 1.23
N SER A 6 -0.55 14.42 2.13
CA SER A 6 0.56 13.79 2.84
C SER A 6 0.13 12.47 3.47
N GLY A 7 0.59 11.37 2.89
CA GLY A 7 0.24 10.06 3.42
C GLY A 7 1.36 9.44 4.24
N ARG A 8 1.21 8.17 4.58
CA ARG A 8 2.21 7.47 5.37
C ARG A 8 2.95 6.43 4.52
N ARG A 9 4.24 6.29 4.76
CA ARG A 9 5.06 5.35 4.02
C ARG A 9 5.03 3.97 4.68
N MET A 10 4.51 2.97 3.96
CA MET A 10 4.44 1.61 4.49
C MET A 10 5.50 0.72 3.84
N VAL A 11 5.97 -0.24 4.60
CA VAL A 11 6.99 -1.18 4.11
C VAL A 11 6.42 -2.57 3.91
N ALA A 12 6.51 -3.07 2.68
CA ALA A 12 6.00 -4.40 2.36
C ALA A 12 6.69 -5.47 3.20
N LEU A 13 5.89 -6.30 3.86
CA LEU A 13 6.42 -7.36 4.70
C LEU A 13 6.67 -8.63 3.88
N TYR A 14 5.79 -8.88 2.92
CA TYR A 14 5.91 -10.06 2.07
C TYR A 14 5.50 -9.73 0.63
N ASP A 15 6.18 -10.36 -0.32
CA ASP A 15 5.88 -10.14 -1.74
C ASP A 15 4.42 -10.40 -2.04
N TYR A 16 3.70 -9.36 -2.44
CA TYR A 16 2.28 -9.50 -2.76
C TYR A 16 2.07 -9.84 -4.23
N ASP A 17 0.89 -10.34 -4.55
CA ASP A 17 0.57 -10.72 -5.93
C ASP A 17 -0.94 -10.90 -6.10
N PRO A 18 -1.59 -9.92 -6.74
CA PRO A 18 -3.03 -9.95 -6.99
C PRO A 18 -3.43 -11.02 -8.01
N ARG A 19 -2.44 -11.78 -8.46
CA ARG A 19 -2.69 -12.83 -9.45
C ARG A 19 -2.91 -14.17 -8.76
N GLU A 20 -2.53 -14.25 -7.49
CA GLU A 20 -2.69 -15.48 -6.71
C GLU A 20 -3.53 -15.23 -5.47
N SER A 21 -3.09 -14.30 -4.63
CA SER A 21 -3.80 -13.97 -3.40
C SER A 21 -5.20 -13.44 -3.71
N SER A 22 -5.25 -12.42 -4.56
CA SER A 22 -6.52 -11.80 -4.93
C SER A 22 -7.31 -12.71 -5.86
N PRO A 23 -8.64 -12.71 -5.70
CA PRO A 23 -9.54 -13.53 -6.52
C PRO A 23 -9.61 -13.05 -7.96
N ASN A 24 -8.75 -12.10 -8.30
CA ASN A 24 -8.73 -11.55 -9.66
C ASN A 24 -9.90 -10.61 -9.89
N VAL A 25 -10.19 -9.77 -8.91
CA VAL A 25 -11.29 -8.82 -9.00
C VAL A 25 -10.79 -7.43 -9.37
N ASP A 26 -10.79 -7.13 -10.67
CA ASP A 26 -10.33 -5.84 -11.15
C ASP A 26 -8.91 -5.55 -10.69
N VAL A 27 -8.11 -6.60 -10.57
CA VAL A 27 -6.72 -6.46 -10.14
C VAL A 27 -5.99 -5.42 -10.97
N GLU A 28 -6.52 -5.12 -12.15
CA GLU A 28 -5.91 -4.14 -13.04
C GLU A 28 -5.60 -2.84 -12.29
N ALA A 29 -6.30 -2.63 -11.17
CA ALA A 29 -6.09 -1.44 -10.37
C ALA A 29 -5.15 -1.73 -9.20
N GLU A 30 -5.26 -2.93 -8.64
CA GLU A 30 -4.41 -3.32 -7.52
C GLU A 30 -2.93 -3.05 -7.83
N LEU A 31 -2.12 -3.00 -6.77
CA LEU A 31 -0.70 -2.75 -6.93
C LEU A 31 0.11 -4.01 -6.62
N THR A 32 1.05 -4.35 -7.50
CA THR A 32 1.88 -5.52 -7.31
C THR A 32 3.28 -5.14 -6.82
N PHE A 33 3.48 -5.21 -5.51
CA PHE A 33 4.76 -4.87 -4.91
C PHE A 33 5.46 -6.11 -4.38
N CYS A 34 6.69 -5.94 -3.91
CA CYS A 34 7.47 -7.05 -3.38
C CYS A 34 7.89 -6.79 -1.94
N THR A 35 8.61 -7.73 -1.35
CA THR A 35 9.07 -7.60 0.03
C THR A 35 9.98 -6.39 0.19
N GLY A 36 9.64 -5.51 1.12
CA GLY A 36 10.44 -4.33 1.36
C GLY A 36 9.90 -3.11 0.64
N ASP A 37 9.56 -3.28 -0.63
CA ASP A 37 9.03 -2.19 -1.45
C ASP A 37 8.14 -1.27 -0.60
N ILE A 38 8.50 0.00 -0.54
CA ILE A 38 7.75 0.98 0.23
C ILE A 38 6.58 1.52 -0.58
N ILE A 39 5.48 1.83 0.10
CA ILE A 39 4.29 2.36 -0.55
C ILE A 39 3.61 3.42 0.31
N THR A 40 3.37 4.59 -0.27
CA THR A 40 2.73 5.69 0.44
C THR A 40 1.21 5.60 0.33
N VAL A 41 0.57 5.16 1.39
CA VAL A 41 -0.89 5.03 1.41
C VAL A 41 -1.55 6.34 1.87
N PHE A 42 -2.75 6.59 1.36
CA PHE A 42 -3.48 7.79 1.71
C PHE A 42 -4.89 7.46 2.20
N GLY A 43 -5.24 7.99 3.37
CA GLY A 43 -6.55 7.73 3.93
C GLY A 43 -6.63 6.38 4.61
N GLU A 44 -7.64 6.22 5.47
CA GLU A 44 -7.82 4.96 6.19
C GLU A 44 -8.34 3.87 5.27
N ILE A 45 -8.38 2.64 5.78
CA ILE A 45 -8.84 1.50 4.99
C ILE A 45 -10.31 1.69 4.59
N ASP A 46 -10.65 1.20 3.40
CA ASP A 46 -12.02 1.30 2.91
C ASP A 46 -12.79 0.01 3.13
N GLU A 47 -14.07 0.02 2.81
CA GLU A 47 -14.91 -1.16 2.97
C GLU A 47 -14.23 -2.40 2.41
N ASP A 48 -13.50 -2.22 1.32
CA ASP A 48 -12.80 -3.32 0.67
C ASP A 48 -11.78 -3.94 1.62
N GLY A 49 -11.16 -3.10 2.45
CA GLY A 49 -10.17 -3.59 3.39
C GLY A 49 -8.75 -3.44 2.87
N PHE A 50 -8.55 -2.49 1.97
CA PHE A 50 -7.24 -2.25 1.39
C PHE A 50 -6.83 -0.79 1.56
N TYR A 51 -5.66 -0.45 1.03
CA TYR A 51 -5.15 0.92 1.12
C TYR A 51 -4.82 1.48 -0.26
N TYR A 52 -5.02 2.78 -0.42
CA TYR A 52 -4.76 3.44 -1.69
C TYR A 52 -3.46 4.25 -1.62
N GLY A 53 -2.38 3.67 -2.14
CA GLY A 53 -1.10 4.34 -2.13
C GLY A 53 -0.49 4.46 -3.52
N GLU A 54 0.64 5.15 -3.61
CA GLU A 54 1.32 5.34 -4.89
C GLU A 54 2.64 4.59 -4.91
N LEU A 55 2.87 3.85 -5.99
CA LEU A 55 4.11 3.07 -6.14
C LEU A 55 4.60 3.13 -7.59
N ASN A 56 5.90 3.35 -7.75
CA ASN A 56 6.50 3.42 -9.08
C ASN A 56 5.65 4.28 -10.02
N GLY A 57 5.00 5.29 -9.46
CA GLY A 57 4.16 6.16 -10.25
C GLY A 57 2.83 5.54 -10.61
N GLN A 58 2.32 4.71 -9.71
CA GLN A 58 1.03 4.04 -9.94
C GLN A 58 0.16 4.11 -8.69
N LYS A 59 -1.12 4.43 -8.89
CA LYS A 59 -2.06 4.51 -7.78
C LYS A 59 -3.08 3.38 -7.84
N GLY A 60 -3.01 2.48 -6.85
CA GLY A 60 -3.94 1.36 -6.82
C GLY A 60 -4.32 0.99 -5.40
N LEU A 61 -4.56 -0.30 -5.18
CA LEU A 61 -4.94 -0.80 -3.86
C LEU A 61 -3.84 -1.68 -3.28
N VAL A 62 -3.70 -1.63 -1.96
CA VAL A 62 -2.67 -2.42 -1.27
C VAL A 62 -3.21 -2.98 0.05
N PRO A 63 -3.04 -4.30 0.25
CA PRO A 63 -3.50 -4.98 1.45
C PRO A 63 -2.69 -4.58 2.69
N SER A 64 -3.31 -3.82 3.58
CA SER A 64 -2.64 -3.37 4.80
C SER A 64 -2.00 -4.55 5.53
N ASN A 65 -2.64 -5.71 5.44
CA ASN A 65 -2.12 -6.91 6.09
C ASN A 65 -0.70 -7.23 5.63
N PHE A 66 -0.39 -6.82 4.41
CA PHE A 66 0.94 -7.06 3.85
C PHE A 66 1.88 -5.89 4.16
N LEU A 67 1.31 -4.69 4.26
CA LEU A 67 2.10 -3.50 4.56
C LEU A 67 2.22 -3.29 6.07
N GLU A 68 3.20 -2.49 6.46
CA GLU A 68 3.42 -2.20 7.87
C GLU A 68 3.99 -0.80 8.07
N GLU A 69 3.36 -0.03 8.95
CA GLU A 69 3.81 1.33 9.23
C GLU A 69 5.31 1.37 9.49
N VAL A 70 6.03 2.12 8.66
CA VAL A 70 7.47 2.24 8.81
C VAL A 70 7.84 2.83 10.16
N SER A 71 8.82 2.22 10.83
CA SER A 71 9.26 2.68 12.14
C SER A 71 10.62 2.08 12.50
N GLY A 72 11.27 2.67 13.50
CA GLY A 72 12.56 2.18 13.92
C GLY A 72 13.42 3.26 14.56
N PRO A 73 14.60 3.51 13.97
CA PRO A 73 15.53 4.53 14.46
C PRO A 73 15.01 5.95 14.24
N SER A 74 15.61 6.90 14.94
CA SER A 74 15.20 8.30 14.83
C SER A 74 15.95 8.99 13.69
N SER A 75 15.35 8.97 12.50
CA SER A 75 15.96 9.58 11.33
C SER A 75 14.92 9.85 10.25
N GLY A 76 15.29 10.65 9.25
CA GLY A 76 14.38 10.96 8.16
C GLY A 76 14.29 12.45 7.90
N GLY A 1 0.46 25.61 7.32
CA GLY A 1 -0.26 24.43 7.78
C GLY A 1 -1.56 24.24 7.04
N SER A 2 -1.47 23.88 5.77
CA SER A 2 -2.65 23.66 4.94
C SER A 2 -2.92 22.17 4.75
N SER A 3 -3.68 21.59 5.68
CA SER A 3 -4.01 20.17 5.63
C SER A 3 -4.45 19.77 4.22
N GLY A 4 -3.72 18.85 3.61
CA GLY A 4 -4.05 18.39 2.28
C GLY A 4 -3.90 16.89 2.12
N SER A 5 -3.27 16.47 1.03
CA SER A 5 -3.07 15.06 0.77
C SER A 5 -1.89 14.50 1.57
N SER A 6 -2.20 13.86 2.69
CA SER A 6 -1.17 13.30 3.55
C SER A 6 -1.18 11.77 3.48
N GLY A 7 0.01 11.18 3.46
CA GLY A 7 0.11 9.74 3.41
C GLY A 7 1.26 9.20 4.24
N ARG A 8 1.27 7.88 4.45
CA ARG A 8 2.32 7.25 5.25
C ARG A 8 3.10 6.25 4.40
N ARG A 9 4.40 6.13 4.70
CA ARG A 9 5.26 5.22 3.96
C ARG A 9 5.26 3.83 4.61
N MET A 10 4.55 2.90 4.00
CA MET A 10 4.47 1.54 4.53
C MET A 10 5.49 0.63 3.83
N VAL A 11 6.00 -0.35 4.56
CA VAL A 11 6.97 -1.29 4.02
C VAL A 11 6.36 -2.67 3.82
N ALA A 12 6.44 -3.17 2.60
CA ALA A 12 5.89 -4.49 2.26
C ALA A 12 6.55 -5.57 3.11
N LEU A 13 5.78 -6.15 4.03
CA LEU A 13 6.29 -7.20 4.90
C LEU A 13 6.44 -8.51 4.14
N TYR A 14 5.62 -8.69 3.10
CA TYR A 14 5.67 -9.89 2.29
C TYR A 14 5.21 -9.61 0.86
N ASP A 15 6.02 -10.01 -0.11
CA ASP A 15 5.70 -9.80 -1.51
C ASP A 15 4.25 -10.16 -1.80
N TYR A 16 3.49 -9.17 -2.27
CA TYR A 16 2.08 -9.39 -2.58
C TYR A 16 1.89 -9.76 -4.05
N ASP A 17 0.68 -10.20 -4.39
CA ASP A 17 0.38 -10.60 -5.76
C ASP A 17 -1.13 -10.58 -6.00
N PRO A 18 -1.61 -9.56 -6.72
CA PRO A 18 -3.03 -9.40 -7.03
C PRO A 18 -3.52 -10.46 -8.03
N ARG A 19 -2.58 -11.13 -8.67
CA ARG A 19 -2.92 -12.17 -9.65
C ARG A 19 -2.98 -13.54 -8.99
N GLU A 20 -2.60 -13.59 -7.72
CA GLU A 20 -2.61 -14.84 -6.97
C GLU A 20 -3.55 -14.75 -5.77
N SER A 21 -3.26 -13.80 -4.87
CA SER A 21 -4.07 -13.61 -3.67
C SER A 21 -5.46 -13.10 -4.04
N SER A 22 -5.52 -11.96 -4.70
CA SER A 22 -6.78 -11.36 -5.10
C SER A 22 -7.58 -12.32 -5.97
N PRO A 23 -8.91 -12.30 -5.81
CA PRO A 23 -9.82 -13.16 -6.58
C PRO A 23 -9.89 -12.77 -8.05
N ASN A 24 -9.02 -11.84 -8.45
CA ASN A 24 -8.98 -11.38 -9.84
C ASN A 24 -10.16 -10.45 -10.13
N VAL A 25 -10.47 -9.57 -9.18
CA VAL A 25 -11.58 -8.63 -9.34
C VAL A 25 -11.06 -7.24 -9.69
N ASP A 26 -10.92 -6.98 -10.98
CA ASP A 26 -10.43 -5.68 -11.45
C ASP A 26 -9.04 -5.38 -10.90
N VAL A 27 -8.22 -6.43 -10.78
CA VAL A 27 -6.86 -6.29 -10.28
C VAL A 27 -6.09 -5.22 -11.05
N GLU A 28 -6.62 -4.84 -12.21
CA GLU A 28 -6.00 -3.82 -13.04
C GLU A 28 -5.60 -2.60 -12.21
N ALA A 29 -6.34 -2.36 -11.13
CA ALA A 29 -6.06 -1.23 -10.26
C ALA A 29 -5.13 -1.63 -9.13
N GLU A 30 -5.27 -2.87 -8.66
CA GLU A 30 -4.43 -3.37 -7.57
C GLU A 30 -2.96 -3.15 -7.88
N LEU A 31 -2.16 -3.00 -6.82
CA LEU A 31 -0.72 -2.77 -6.98
C LEU A 31 0.06 -4.04 -6.63
N THR A 32 1.00 -4.40 -7.50
CA THR A 32 1.82 -5.58 -7.28
C THR A 32 3.21 -5.21 -6.80
N PHE A 33 3.38 -5.18 -5.48
CA PHE A 33 4.67 -4.83 -4.88
C PHE A 33 5.38 -6.08 -4.38
N CYS A 34 6.60 -5.90 -3.86
CA CYS A 34 7.39 -7.00 -3.35
C CYS A 34 7.92 -6.69 -1.95
N THR A 35 8.42 -7.72 -1.27
CA THR A 35 8.94 -7.56 0.08
C THR A 35 9.93 -6.40 0.15
N GLY A 36 9.66 -5.44 1.02
CA GLY A 36 10.54 -4.29 1.16
C GLY A 36 10.02 -3.07 0.43
N ASP A 37 9.40 -3.30 -0.72
CA ASP A 37 8.86 -2.21 -1.53
C ASP A 37 8.02 -1.27 -0.68
N ILE A 38 8.44 0.00 -0.60
CA ILE A 38 7.72 0.99 0.18
C ILE A 38 6.57 1.60 -0.62
N ILE A 39 5.42 1.71 0.02
CA ILE A 39 4.24 2.29 -0.64
C ILE A 39 3.62 3.38 0.22
N THR A 40 3.35 4.53 -0.41
CA THR A 40 2.75 5.66 0.28
C THR A 40 1.23 5.61 0.23
N VAL A 41 0.62 5.09 1.28
CA VAL A 41 -0.83 4.99 1.35
C VAL A 41 -1.47 6.33 1.71
N PHE A 42 -2.72 6.51 1.31
CA PHE A 42 -3.44 7.74 1.58
C PHE A 42 -4.85 7.45 2.10
N GLY A 43 -5.09 7.76 3.37
CA GLY A 43 -6.40 7.52 3.96
C GLY A 43 -6.46 6.21 4.69
N GLU A 44 -7.58 5.97 5.38
CA GLU A 44 -7.77 4.74 6.15
C GLU A 44 -8.41 3.67 5.29
N ILE A 45 -8.34 2.42 5.75
CA ILE A 45 -8.92 1.30 5.02
C ILE A 45 -10.40 1.54 4.73
N ASP A 46 -10.88 0.97 3.62
CA ASP A 46 -12.28 1.11 3.24
C ASP A 46 -13.02 -0.21 3.37
N GLU A 47 -14.28 -0.23 2.93
CA GLU A 47 -15.10 -1.43 3.01
C GLU A 47 -14.37 -2.63 2.42
N ASP A 48 -13.70 -2.41 1.29
CA ASP A 48 -12.95 -3.47 0.62
C ASP A 48 -11.90 -4.06 1.55
N GLY A 49 -11.43 -3.26 2.49
CA GLY A 49 -10.42 -3.72 3.43
C GLY A 49 -9.01 -3.56 2.89
N PHE A 50 -8.85 -2.62 1.97
CA PHE A 50 -7.54 -2.37 1.37
C PHE A 50 -7.15 -0.89 1.51
N TYR A 51 -5.92 -0.57 1.14
CA TYR A 51 -5.43 0.80 1.23
C TYR A 51 -5.24 1.40 -0.16
N TYR A 52 -5.06 2.72 -0.21
CA TYR A 52 -4.87 3.41 -1.47
C TYR A 52 -3.59 4.24 -1.45
N GLY A 53 -2.53 3.71 -2.05
CA GLY A 53 -1.26 4.42 -2.09
C GLY A 53 -0.63 4.41 -3.47
N GLU A 54 0.53 5.04 -3.59
CA GLU A 54 1.24 5.11 -4.87
C GLU A 54 2.54 4.31 -4.82
N LEU A 55 2.98 3.83 -5.97
CA LEU A 55 4.21 3.05 -6.06
C LEU A 55 4.79 3.10 -7.47
N ASN A 56 6.10 3.30 -7.55
CA ASN A 56 6.77 3.37 -8.85
C ASN A 56 5.97 4.21 -9.84
N GLY A 57 5.32 5.26 -9.34
CA GLY A 57 4.53 6.13 -10.19
C GLY A 57 3.21 5.49 -10.59
N GLN A 58 2.66 4.66 -9.72
CA GLN A 58 1.40 3.98 -9.98
C GLN A 58 0.47 4.09 -8.78
N LYS A 59 -0.80 4.42 -9.06
CA LYS A 59 -1.79 4.54 -7.99
C LYS A 59 -2.80 3.39 -8.06
N GLY A 60 -2.89 2.64 -6.96
CA GLY A 60 -3.82 1.52 -6.91
C GLY A 60 -4.19 1.15 -5.49
N LEU A 61 -4.45 -0.13 -5.26
CA LEU A 61 -4.82 -0.62 -3.94
C LEU A 61 -3.73 -1.50 -3.35
N VAL A 62 -3.68 -1.55 -2.02
CA VAL A 62 -2.68 -2.36 -1.34
C VAL A 62 -3.24 -2.94 -0.03
N PRO A 63 -3.07 -4.25 0.15
CA PRO A 63 -3.56 -4.95 1.34
C PRO A 63 -2.76 -4.59 2.59
N SER A 64 -3.44 -4.04 3.59
CA SER A 64 -2.79 -3.65 4.83
C SER A 64 -2.10 -4.84 5.49
N ASN A 65 -2.56 -6.04 5.14
CA ASN A 65 -1.99 -7.26 5.69
C ASN A 65 -0.62 -7.56 5.09
N PHE A 66 -0.17 -6.68 4.20
CA PHE A 66 1.12 -6.83 3.55
C PHE A 66 1.95 -5.56 3.65
N LEU A 67 1.67 -4.76 4.68
CA LEU A 67 2.39 -3.51 4.89
C LEU A 67 2.62 -3.26 6.38
N GLU A 68 3.55 -2.36 6.68
CA GLU A 68 3.85 -2.03 8.08
C GLU A 68 4.39 -0.60 8.18
N GLU A 69 3.64 0.24 8.89
CA GLU A 69 4.04 1.63 9.07
C GLU A 69 5.53 1.75 9.36
N VAL A 70 6.23 2.52 8.54
CA VAL A 70 7.66 2.71 8.72
C VAL A 70 7.96 3.74 9.79
N SER A 71 7.04 4.70 9.95
CA SER A 71 7.21 5.76 10.95
C SER A 71 6.82 5.26 12.33
N GLY A 72 7.78 5.26 13.25
CA GLY A 72 7.51 4.81 14.61
C GLY A 72 6.77 5.86 15.44
N PRO A 73 5.96 5.38 16.39
CA PRO A 73 5.17 6.26 17.27
C PRO A 73 6.05 7.04 18.25
N SER A 74 5.45 8.01 18.92
CA SER A 74 6.18 8.83 19.89
C SER A 74 7.23 7.99 20.62
N SER A 75 8.50 8.27 20.34
CA SER A 75 9.59 7.55 20.98
C SER A 75 9.44 7.55 22.50
N GLY A 76 10.21 6.71 23.17
CA GLY A 76 10.15 6.62 24.62
C GLY A 76 10.21 7.99 25.27
N GLY A 1 -10.51 21.11 8.88
CA GLY A 1 -9.86 22.35 8.53
C GLY A 1 -8.41 22.16 8.16
N SER A 2 -8.15 21.90 6.88
CA SER A 2 -6.79 21.69 6.39
C SER A 2 -5.97 20.88 7.40
N SER A 3 -6.60 19.87 7.98
CA SER A 3 -5.94 19.01 8.96
C SER A 3 -5.69 17.62 8.39
N GLY A 4 -4.81 16.87 9.04
CA GLY A 4 -4.49 15.53 8.59
C GLY A 4 -3.01 15.32 8.41
N SER A 5 -2.64 14.50 7.43
CA SER A 5 -1.23 14.20 7.17
C SER A 5 -1.02 13.78 5.72
N SER A 6 -0.03 14.37 5.07
CA SER A 6 0.27 14.06 3.67
C SER A 6 0.03 12.58 3.39
N GLY A 7 0.72 11.71 4.15
CA GLY A 7 0.57 10.28 3.96
C GLY A 7 1.48 9.49 4.87
N ARG A 8 1.51 8.18 4.66
CA ARG A 8 2.34 7.30 5.48
C ARG A 8 3.05 6.26 4.61
N ARG A 9 4.38 6.25 4.68
CA ARG A 9 5.18 5.31 3.90
C ARG A 9 5.22 3.94 4.57
N MET A 10 4.51 2.98 3.98
CA MET A 10 4.47 1.62 4.53
C MET A 10 5.50 0.74 3.84
N VAL A 11 6.02 -0.23 4.58
CA VAL A 11 7.01 -1.15 4.04
C VAL A 11 6.43 -2.55 3.84
N ALA A 12 6.44 -3.02 2.60
CA ALA A 12 5.92 -4.34 2.28
C ALA A 12 6.53 -5.42 3.17
N LEU A 13 5.70 -6.13 3.89
CA LEU A 13 6.15 -7.20 4.78
C LEU A 13 6.37 -8.49 4.01
N TYR A 14 5.56 -8.71 2.99
CA TYR A 14 5.65 -9.92 2.17
C TYR A 14 5.25 -9.64 0.74
N ASP A 15 5.80 -10.41 -0.19
CA ASP A 15 5.49 -10.24 -1.61
C ASP A 15 4.01 -10.47 -1.87
N TYR A 16 3.33 -9.44 -2.35
CA TYR A 16 1.91 -9.53 -2.64
C TYR A 16 1.66 -9.80 -4.12
N ASP A 17 0.50 -10.36 -4.43
CA ASP A 17 0.15 -10.67 -5.81
C ASP A 17 -1.36 -10.71 -5.99
N PRO A 18 -1.91 -9.67 -6.64
CA PRO A 18 -3.35 -9.57 -6.89
C PRO A 18 -3.84 -10.59 -7.91
N ARG A 19 -2.91 -11.39 -8.43
CA ARG A 19 -3.25 -12.41 -9.41
C ARG A 19 -3.37 -13.79 -8.76
N GLU A 20 -2.65 -13.97 -7.66
CA GLU A 20 -2.67 -15.23 -6.93
C GLU A 20 -3.54 -15.13 -5.68
N SER A 21 -3.30 -14.10 -4.88
CA SER A 21 -4.04 -13.88 -3.65
C SER A 21 -5.47 -13.41 -3.96
N SER A 22 -5.56 -12.25 -4.59
CA SER A 22 -6.87 -11.68 -4.94
C SER A 22 -7.64 -12.62 -5.85
N PRO A 23 -8.97 -12.66 -5.67
CA PRO A 23 -9.85 -13.51 -6.47
C PRO A 23 -9.97 -13.04 -7.91
N ASN A 24 -9.11 -12.09 -8.28
CA ASN A 24 -9.13 -11.54 -9.64
C ASN A 24 -10.31 -10.59 -9.83
N VAL A 25 -10.45 -9.65 -8.90
CA VAL A 25 -11.54 -8.67 -8.97
C VAL A 25 -11.00 -7.28 -9.28
N ASP A 26 -10.94 -6.95 -10.57
CA ASP A 26 -10.45 -5.65 -11.00
C ASP A 26 -9.00 -5.45 -10.59
N VAL A 27 -8.25 -6.55 -10.52
CA VAL A 27 -6.84 -6.50 -10.13
C VAL A 27 -6.09 -5.45 -10.95
N GLU A 28 -6.62 -5.14 -12.13
CA GLU A 28 -6.00 -4.15 -13.00
C GLU A 28 -5.69 -2.86 -12.24
N ALA A 29 -6.35 -2.68 -11.10
CA ALA A 29 -6.14 -1.49 -10.28
C ALA A 29 -5.21 -1.80 -9.11
N GLU A 30 -5.29 -3.01 -8.59
CA GLU A 30 -4.45 -3.42 -7.47
C GLU A 30 -2.96 -3.28 -7.83
N LEU A 31 -2.15 -2.92 -6.84
CA LEU A 31 -0.72 -2.76 -7.05
C LEU A 31 0.04 -4.03 -6.67
N THR A 32 0.99 -4.41 -7.50
CA THR A 32 1.79 -5.60 -7.26
C THR A 32 3.20 -5.24 -6.80
N PHE A 33 3.43 -5.31 -5.49
CA PHE A 33 4.73 -4.99 -4.92
C PHE A 33 5.39 -6.24 -4.34
N CYS A 34 6.60 -6.06 -3.82
CA CYS A 34 7.34 -7.17 -3.22
C CYS A 34 7.80 -6.82 -1.81
N THR A 35 8.40 -7.79 -1.13
CA THR A 35 8.89 -7.59 0.23
C THR A 35 9.87 -6.43 0.30
N GLY A 36 9.58 -5.46 1.17
CA GLY A 36 10.45 -4.31 1.30
C GLY A 36 9.92 -3.08 0.58
N ASP A 37 9.46 -3.27 -0.64
CA ASP A 37 8.92 -2.18 -1.44
C ASP A 37 8.08 -1.24 -0.58
N ILE A 38 8.46 0.04 -0.57
CA ILE A 38 7.75 1.04 0.22
C ILE A 38 6.60 1.65 -0.59
N ILE A 39 5.42 1.69 0.04
CA ILE A 39 4.24 2.25 -0.61
C ILE A 39 3.59 3.31 0.26
N THR A 40 3.35 4.48 -0.31
CA THR A 40 2.71 5.58 0.42
C THR A 40 1.20 5.51 0.31
N VAL A 41 0.56 5.03 1.37
CA VAL A 41 -0.90 4.92 1.40
C VAL A 41 -1.54 6.21 1.86
N PHE A 42 -2.78 6.45 1.41
CA PHE A 42 -3.51 7.66 1.78
C PHE A 42 -4.91 7.32 2.27
N GLY A 43 -5.33 7.97 3.36
CA GLY A 43 -6.63 7.72 3.91
C GLY A 43 -6.71 6.41 4.68
N GLU A 44 -7.88 6.10 5.21
CA GLU A 44 -8.07 4.87 5.97
C GLU A 44 -8.50 3.73 5.06
N ILE A 45 -8.53 2.52 5.61
CA ILE A 45 -8.92 1.34 4.85
C ILE A 45 -10.33 1.49 4.28
N ASP A 46 -10.56 0.89 3.12
CA ASP A 46 -11.86 0.96 2.48
C ASP A 46 -12.81 -0.09 3.04
N GLU A 47 -14.05 -0.11 2.55
CA GLU A 47 -15.04 -1.07 3.00
C GLU A 47 -14.53 -2.50 2.84
N ASP A 48 -13.93 -2.78 1.69
CA ASP A 48 -13.40 -4.10 1.41
C ASP A 48 -12.31 -4.49 2.40
N GLY A 49 -11.28 -3.64 2.50
CA GLY A 49 -10.18 -3.91 3.41
C GLY A 49 -8.82 -3.72 2.77
N PHE A 50 -8.69 -2.65 1.98
CA PHE A 50 -7.44 -2.36 1.30
C PHE A 50 -7.06 -0.90 1.47
N TYR A 51 -5.84 -0.55 1.03
CA TYR A 51 -5.36 0.82 1.13
C TYR A 51 -5.06 1.40 -0.24
N TYR A 52 -5.06 2.72 -0.33
CA TYR A 52 -4.79 3.41 -1.59
C TYR A 52 -3.51 4.24 -1.50
N GLY A 53 -2.44 3.73 -2.11
CA GLY A 53 -1.18 4.44 -2.08
C GLY A 53 -0.54 4.54 -3.46
N GLU A 54 0.61 5.18 -3.53
CA GLU A 54 1.32 5.35 -4.80
C GLU A 54 2.68 4.65 -4.77
N LEU A 55 3.00 3.95 -5.85
CA LEU A 55 4.26 3.23 -5.95
C LEU A 55 4.82 3.29 -7.36
N ASN A 56 6.12 3.51 -7.47
CA ASN A 56 6.78 3.59 -8.77
C ASN A 56 5.96 4.42 -9.75
N GLY A 57 5.33 5.48 -9.24
CA GLY A 57 4.52 6.34 -10.08
C GLY A 57 3.22 5.68 -10.51
N GLN A 58 2.70 4.81 -9.65
CA GLN A 58 1.46 4.11 -9.95
C GLN A 58 0.50 4.17 -8.77
N LYS A 59 -0.77 4.47 -9.05
CA LYS A 59 -1.79 4.57 -8.02
C LYS A 59 -2.76 3.40 -8.10
N GLY A 60 -2.93 2.69 -6.99
CA GLY A 60 -3.83 1.56 -6.95
C GLY A 60 -4.21 1.16 -5.54
N LEU A 61 -4.47 -0.12 -5.34
CA LEU A 61 -4.85 -0.64 -4.02
C LEU A 61 -3.75 -1.53 -3.45
N VAL A 62 -3.63 -1.54 -2.14
CA VAL A 62 -2.63 -2.36 -1.47
C VAL A 62 -3.16 -2.93 -0.15
N PRO A 63 -3.00 -4.24 0.04
CA PRO A 63 -3.45 -4.93 1.25
C PRO A 63 -2.64 -4.56 2.48
N SER A 64 -3.29 -3.94 3.46
CA SER A 64 -2.63 -3.53 4.68
C SER A 64 -1.94 -4.71 5.35
N ASN A 65 -2.45 -5.91 5.10
CA ASN A 65 -1.89 -7.12 5.68
C ASN A 65 -0.50 -7.40 5.10
N PHE A 66 -0.11 -6.63 4.10
CA PHE A 66 1.20 -6.79 3.46
C PHE A 66 2.01 -5.50 3.56
N LEU A 67 1.75 -4.72 4.59
CA LEU A 67 2.46 -3.46 4.80
C LEU A 67 2.69 -3.19 6.28
N GLU A 68 3.65 -2.33 6.58
CA GLU A 68 3.97 -2.00 7.96
C GLU A 68 4.44 -0.55 8.08
N GLU A 69 3.90 0.16 9.07
CA GLU A 69 4.26 1.56 9.29
C GLU A 69 5.76 1.70 9.51
N VAL A 70 6.42 2.44 8.62
CA VAL A 70 7.85 2.66 8.72
C VAL A 70 8.18 3.75 9.73
N SER A 71 9.07 3.45 10.66
CA SER A 71 9.47 4.40 11.69
C SER A 71 10.90 4.15 12.15
N GLY A 72 11.52 5.17 12.71
CA GLY A 72 12.89 5.04 13.20
C GLY A 72 12.97 4.16 14.43
N PRO A 73 13.99 4.42 15.27
CA PRO A 73 14.21 3.66 16.50
C PRO A 73 13.14 3.95 17.55
N SER A 74 12.67 2.88 18.20
CA SER A 74 11.64 3.01 19.23
C SER A 74 11.92 4.21 20.13
N SER A 75 10.87 4.76 20.72
CA SER A 75 11.00 5.92 21.60
C SER A 75 11.46 5.48 22.99
N GLY A 76 11.95 6.44 23.77
CA GLY A 76 12.43 6.15 25.11
C GLY A 76 13.87 5.70 25.13
N GLY A 1 -6.04 23.20 -2.34
CA GLY A 1 -6.18 22.01 -1.52
C GLY A 1 -5.43 22.11 -0.21
N SER A 2 -4.84 21.00 0.21
CA SER A 2 -4.08 20.96 1.46
C SER A 2 -2.58 21.04 1.19
N SER A 3 -2.04 22.26 1.20
CA SER A 3 -0.62 22.47 0.96
C SER A 3 0.21 21.44 1.71
N GLY A 4 0.11 21.46 3.04
CA GLY A 4 0.86 20.53 3.86
C GLY A 4 0.18 19.18 3.96
N SER A 5 0.34 18.35 2.94
CA SER A 5 -0.28 17.03 2.92
C SER A 5 0.78 15.94 3.10
N SER A 6 0.52 15.01 4.01
CA SER A 6 1.45 13.92 4.27
C SER A 6 0.72 12.60 4.37
N GLY A 7 1.16 11.62 3.58
CA GLY A 7 0.53 10.32 3.58
C GLY A 7 1.16 9.37 4.58
N ARG A 8 1.22 8.10 4.23
CA ARG A 8 1.80 7.08 5.12
C ARG A 8 2.72 6.15 4.35
N ARG A 9 3.99 6.12 4.74
CA ARG A 9 4.98 5.27 4.09
C ARG A 9 5.00 3.88 4.72
N MET A 10 4.35 2.93 4.07
CA MET A 10 4.29 1.55 4.56
C MET A 10 5.34 0.68 3.87
N VAL A 11 5.86 -0.29 4.61
CA VAL A 11 6.88 -1.19 4.07
C VAL A 11 6.31 -2.59 3.87
N ALA A 12 6.46 -3.12 2.66
CA ALA A 12 5.97 -4.45 2.34
C ALA A 12 6.66 -5.52 3.18
N LEU A 13 5.89 -6.24 3.97
CA LEU A 13 6.43 -7.29 4.84
C LEU A 13 6.64 -8.58 4.06
N TYR A 14 5.83 -8.79 3.02
CA TYR A 14 5.92 -9.98 2.20
C TYR A 14 5.40 -9.71 0.79
N ASP A 15 6.15 -10.17 -0.22
CA ASP A 15 5.76 -9.97 -1.61
C ASP A 15 4.27 -10.24 -1.80
N TYR A 16 3.60 -9.34 -2.51
CA TYR A 16 2.17 -9.48 -2.76
C TYR A 16 1.89 -9.76 -4.24
N ASP A 17 0.68 -10.21 -4.53
CA ASP A 17 0.29 -10.52 -5.90
C ASP A 17 -1.23 -10.60 -6.04
N PRO A 18 -1.82 -9.57 -6.66
CA PRO A 18 -3.26 -9.50 -6.87
C PRO A 18 -3.76 -10.53 -7.87
N ARG A 19 -2.85 -11.35 -8.38
CA ARG A 19 -3.19 -12.38 -9.36
C ARG A 19 -3.39 -13.73 -8.67
N GLU A 20 -2.65 -13.94 -7.58
CA GLU A 20 -2.74 -15.20 -6.84
C GLU A 20 -3.53 -15.02 -5.55
N SER A 21 -3.19 -13.97 -4.80
CA SER A 21 -3.86 -13.69 -3.54
C SER A 21 -5.29 -13.18 -3.79
N SER A 22 -5.40 -12.01 -4.40
CA SER A 22 -6.70 -11.42 -4.69
C SER A 22 -7.53 -12.34 -5.59
N PRO A 23 -8.84 -12.37 -5.35
CA PRO A 23 -9.77 -13.20 -6.13
C PRO A 23 -9.94 -12.70 -7.56
N ASN A 24 -9.08 -11.76 -7.96
CA ASN A 24 -9.14 -11.21 -9.30
C ASN A 24 -10.31 -10.24 -9.44
N VAL A 25 -10.40 -9.29 -8.51
CA VAL A 25 -11.47 -8.30 -8.53
C VAL A 25 -10.94 -6.93 -8.92
N ASP A 26 -10.97 -6.64 -10.22
CA ASP A 26 -10.50 -5.35 -10.73
C ASP A 26 -9.01 -5.15 -10.40
N VAL A 27 -8.29 -6.27 -10.27
CA VAL A 27 -6.87 -6.21 -9.97
C VAL A 27 -6.15 -5.19 -10.84
N GLU A 28 -6.75 -4.89 -11.99
CA GLU A 28 -6.17 -3.93 -12.92
C GLU A 28 -5.75 -2.65 -12.20
N ALA A 29 -6.36 -2.40 -11.05
CA ALA A 29 -6.06 -1.21 -10.27
C ALA A 29 -5.11 -1.54 -9.12
N GLU A 30 -5.23 -2.76 -8.60
CA GLU A 30 -4.38 -3.20 -7.51
C GLU A 30 -2.91 -3.01 -7.83
N LEU A 31 -2.09 -2.81 -6.80
CA LEU A 31 -0.65 -2.62 -6.99
C LEU A 31 0.11 -3.89 -6.62
N THR A 32 1.06 -4.26 -7.48
CA THR A 32 1.86 -5.45 -7.26
C THR A 32 3.26 -5.09 -6.79
N PHE A 33 3.48 -5.16 -5.47
CA PHE A 33 4.77 -4.84 -4.89
C PHE A 33 5.47 -6.09 -4.38
N CYS A 34 6.70 -5.93 -3.90
CA CYS A 34 7.47 -7.05 -3.38
C CYS A 34 7.86 -6.81 -1.92
N THR A 35 8.54 -7.78 -1.33
CA THR A 35 8.97 -7.67 0.07
C THR A 35 9.95 -6.52 0.25
N GLY A 36 9.56 -5.55 1.07
CA GLY A 36 10.43 -4.41 1.32
C GLY A 36 9.96 -3.16 0.59
N ASP A 37 9.46 -3.34 -0.63
CA ASP A 37 8.97 -2.22 -1.43
C ASP A 37 8.12 -1.28 -0.59
N ILE A 38 8.53 -0.01 -0.53
CA ILE A 38 7.81 0.99 0.24
C ILE A 38 6.66 1.59 -0.58
N ILE A 39 5.54 1.84 0.08
CA ILE A 39 4.38 2.42 -0.59
C ILE A 39 3.75 3.51 0.27
N THR A 40 3.43 4.63 -0.37
CA THR A 40 2.81 5.76 0.34
C THR A 40 1.30 5.70 0.25
N VAL A 41 0.67 5.08 1.24
CA VAL A 41 -0.79 4.96 1.27
C VAL A 41 -1.44 6.30 1.55
N PHE A 42 -2.69 6.45 1.09
CA PHE A 42 -3.43 7.69 1.29
C PHE A 42 -4.84 7.40 1.80
N GLY A 43 -5.12 7.82 3.03
CA GLY A 43 -6.44 7.61 3.60
C GLY A 43 -6.48 6.36 4.47
N GLU A 44 -7.65 6.10 5.06
CA GLU A 44 -7.82 4.92 5.91
C GLU A 44 -8.27 3.72 5.10
N ILE A 45 -8.44 2.59 5.77
CA ILE A 45 -8.87 1.36 5.11
C ILE A 45 -10.34 1.43 4.72
N ASP A 46 -10.62 1.12 3.45
CA ASP A 46 -11.99 1.14 2.95
C ASP A 46 -12.76 -0.10 3.40
N GLU A 47 -14.06 -0.11 3.13
CA GLU A 47 -14.91 -1.23 3.52
C GLU A 47 -14.30 -2.55 3.05
N ASP A 48 -13.72 -2.54 1.86
CA ASP A 48 -13.10 -3.74 1.31
C ASP A 48 -12.01 -4.27 2.23
N GLY A 49 -11.19 -3.36 2.74
CA GLY A 49 -10.11 -3.75 3.64
C GLY A 49 -8.74 -3.59 3.01
N PHE A 50 -8.61 -2.59 2.14
CA PHE A 50 -7.34 -2.34 1.47
C PHE A 50 -6.93 -0.87 1.61
N TYR A 51 -5.75 -0.54 1.11
CA TYR A 51 -5.24 0.82 1.19
C TYR A 51 -4.98 1.38 -0.20
N TYR A 52 -5.03 2.71 -0.32
CA TYR A 52 -4.80 3.37 -1.60
C TYR A 52 -3.51 4.17 -1.57
N GLY A 53 -2.43 3.57 -2.07
CA GLY A 53 -1.15 4.24 -2.09
C GLY A 53 -0.57 4.34 -3.49
N GLU A 54 0.66 4.85 -3.59
CA GLU A 54 1.33 5.00 -4.87
C GLU A 54 2.67 4.27 -4.88
N LEU A 55 3.01 3.71 -6.04
CA LEU A 55 4.27 2.98 -6.18
C LEU A 55 4.81 3.08 -7.61
N ASN A 56 6.11 3.30 -7.74
CA ASN A 56 6.75 3.42 -9.04
C ASN A 56 5.93 4.32 -9.97
N GLY A 57 5.25 5.30 -9.38
CA GLY A 57 4.44 6.22 -10.17
C GLY A 57 3.11 5.61 -10.56
N GLN A 58 2.57 4.75 -9.70
CA GLN A 58 1.29 4.10 -9.97
C GLN A 58 0.40 4.12 -8.74
N LYS A 59 -0.82 4.63 -8.91
CA LYS A 59 -1.78 4.71 -7.81
C LYS A 59 -2.80 3.58 -7.91
N GLY A 60 -2.84 2.74 -6.88
CA GLY A 60 -3.77 1.63 -6.85
C GLY A 60 -4.15 1.21 -5.45
N LEU A 61 -4.43 -0.07 -5.27
CA LEU A 61 -4.80 -0.60 -3.96
C LEU A 61 -3.70 -1.47 -3.39
N VAL A 62 -3.66 -1.58 -2.06
CA VAL A 62 -2.64 -2.39 -1.40
C VAL A 62 -3.17 -2.94 -0.08
N PRO A 63 -3.04 -4.26 0.11
CA PRO A 63 -3.49 -4.94 1.32
C PRO A 63 -2.63 -4.59 2.54
N SER A 64 -3.23 -3.89 3.49
CA SER A 64 -2.52 -3.48 4.71
C SER A 64 -1.89 -4.69 5.38
N ASN A 65 -2.54 -5.84 5.29
CA ASN A 65 -2.04 -7.07 5.89
C ASN A 65 -0.64 -7.39 5.37
N PHE A 66 -0.29 -6.81 4.22
CA PHE A 66 1.01 -7.04 3.62
C PHE A 66 1.94 -5.85 3.86
N LEU A 67 1.36 -4.76 4.34
CA LEU A 67 2.14 -3.55 4.61
C LEU A 67 2.35 -3.36 6.11
N GLU A 68 3.29 -2.49 6.47
CA GLU A 68 3.58 -2.22 7.87
C GLU A 68 4.04 -0.78 8.06
N GLU A 69 3.27 -0.02 8.84
CA GLU A 69 3.58 1.38 9.10
C GLU A 69 5.07 1.55 9.41
N VAL A 70 5.75 2.38 8.62
CA VAL A 70 7.17 2.62 8.81
C VAL A 70 7.40 3.67 9.89
N SER A 71 8.29 3.36 10.84
CA SER A 71 8.60 4.28 11.92
C SER A 71 9.92 3.89 12.59
N GLY A 72 10.56 4.88 13.21
CA GLY A 72 11.82 4.63 13.88
C GLY A 72 11.78 4.96 15.36
N PRO A 73 12.91 5.46 15.90
CA PRO A 73 13.02 5.82 17.31
C PRO A 73 12.20 7.07 17.65
N SER A 74 12.00 7.92 16.66
CA SER A 74 11.23 9.15 16.86
C SER A 74 10.04 8.90 17.78
N SER A 75 9.07 8.15 17.29
CA SER A 75 7.87 7.84 18.07
C SER A 75 8.18 6.80 19.14
N GLY A 76 8.81 5.71 18.75
CA GLY A 76 9.15 4.67 19.70
C GLY A 76 10.35 3.85 19.26
#